data_5A5C
#
_entry.id   5A5C
#
_cell.length_a   235.994
_cell.length_b   57.324
_cell.length_c   144.451
_cell.angle_alpha   90.00
_cell.angle_beta   115.49
_cell.angle_gamma   90.00
#
_symmetry.space_group_name_H-M   'C 1 2 1'
#
loop_
_entity.id
_entity.type
_entity.pdbx_description
1 polymer LRRTM
2 water water
#
_entity_poly.entity_id   1
_entity_poly.type   'polypeptide(L)'
_entity_poly.pdbx_seq_one_letter_code
;GPMACPPKCRCEKLLFYCDSQGFHSVPNGLPSQLLGLSLRHNQLQSLPNGVFDKLTQLTWLHLDHNQLQSLPNGVFDKLT
KLTELILSSNQLQSLPNGTFDKLTNLQNLDLSFNQLQSLPNGVFDKLTNLQTLHLRSNQLQSLPNGVFDKLTSLTFLDLS
TNQLQSLPNGVFDKLTNLRELHLEHNQLQSLPNGVFDKLTSLTTLFLQWNQLQSLPNGVFDKLTNLEKLDLTGNQLQSLP
NGVFDKLTNLKILLLDNNQLQSLPNGVFDKLKSLTTVGLSGNLWECSPRVCALASWLGSFQGRWEHSILCHSPDHTQGED
ILDAVHGFQLCWNLSTTVTAMATTYRDPTTEKLVEKY
;
_entity_poly.pdbx_strand_id   A,B,C,D
#
# COMPACT_ATOMS: atom_id res chain seq x y z
N MET A 3 53.53 20.40 13.60
CA MET A 3 52.25 19.59 13.71
C MET A 3 52.48 18.10 13.49
N ALA A 4 52.12 17.29 14.46
CA ALA A 4 52.40 15.86 14.35
C ALA A 4 51.40 15.13 13.45
N CYS A 5 51.88 14.38 12.46
CA CYS A 5 51.04 13.57 11.57
C CYS A 5 51.16 12.09 11.95
N PRO A 6 50.01 11.41 12.20
CA PRO A 6 50.11 10.00 12.63
C PRO A 6 50.85 9.15 11.60
N PRO A 7 51.59 8.13 12.03
CA PRO A 7 52.32 7.28 11.09
C PRO A 7 51.37 6.68 10.05
N LYS A 8 51.80 6.59 8.79
CA LYS A 8 50.97 6.07 7.67
C LYS A 8 49.85 7.00 7.21
N CYS A 9 49.64 8.10 7.93
CA CYS A 9 48.62 9.06 7.55
C CYS A 9 49.22 10.11 6.60
N ARG A 10 48.36 10.89 5.95
CA ARG A 10 48.80 11.97 5.09
C ARG A 10 48.11 13.23 5.60
N CYS A 11 48.88 14.26 5.99
CA CYS A 11 48.29 15.46 6.59
C CYS A 11 48.54 16.68 5.76
N GLU A 12 47.47 17.40 5.38
CA GLU A 12 47.58 18.65 4.62
C GLU A 12 47.05 19.74 5.51
N LYS A 13 47.96 20.45 6.14
CA LYS A 13 47.58 21.45 7.14
C LYS A 13 46.59 20.78 8.12
N LEU A 14 45.38 21.32 8.29
CA LEU A 14 44.44 20.82 9.31
C LEU A 14 43.46 19.77 8.75
N LEU A 15 43.85 19.15 7.64
CA LEU A 15 43.10 18.00 7.09
C LEU A 15 43.92 16.74 7.22
N PHE A 16 43.40 15.76 7.96
CA PHE A 16 44.15 14.53 8.18
C PHE A 16 43.57 13.37 7.39
N TYR A 17 44.39 12.78 6.54
CA TYR A 17 43.96 11.65 5.76
C TYR A 17 44.53 10.37 6.32
N CYS A 18 43.77 9.70 7.21
CA CYS A 18 44.23 8.45 7.82
C CYS A 18 43.50 7.28 7.21
N ASP A 19 43.34 7.30 5.89
CA ASP A 19 42.53 6.32 5.22
C ASP A 19 43.39 5.26 4.57
N SER A 20 42.75 4.13 4.27
CA SER A 20 43.32 3.09 3.42
C SER A 20 44.56 2.45 4.00
N GLN A 21 44.59 2.32 5.32
CA GLN A 21 45.79 1.80 6.00
C GLN A 21 45.51 0.51 6.80
N GLY A 22 44.30 -0.03 6.65
CA GLY A 22 43.89 -1.26 7.31
C GLY A 22 43.82 -1.16 8.81
N PHE A 23 43.56 0.05 9.29
CA PHE A 23 43.51 0.31 10.72
C PHE A 23 42.36 -0.44 11.40
N HIS A 24 42.52 -0.68 12.69
CA HIS A 24 41.48 -1.33 13.51
C HIS A 24 40.96 -0.30 14.50
N SER A 25 41.60 0.86 14.54
CA SER A 25 41.14 1.89 15.46
C SER A 25 41.57 3.26 15.04
N VAL A 26 40.89 4.22 15.64
CA VAL A 26 41.20 5.61 15.39
C VAL A 26 42.54 5.92 16.09
N PRO A 27 43.50 6.52 15.37
CA PRO A 27 44.82 6.86 15.90
C PRO A 27 44.65 7.80 17.08
N ASN A 28 45.58 7.72 18.04
CA ASN A 28 45.69 8.76 19.04
C ASN A 28 46.64 9.75 18.46
N GLY A 29 46.69 11.02 18.88
CA GLY A 29 45.75 11.71 19.75
C GLY A 29 45.55 12.90 18.79
N LEU A 30 44.45 12.92 18.03
CA LEU A 30 44.19 13.96 17.06
C LEU A 30 44.05 15.34 17.72
N PRO A 31 44.47 16.41 17.03
CA PRO A 31 44.48 17.78 17.60
C PRO A 31 43.14 18.44 17.58
N SER A 32 42.89 19.33 18.52
CA SER A 32 41.57 19.90 18.67
C SER A 32 41.23 20.80 17.49
N GLN A 33 42.16 21.12 16.62
CA GLN A 33 41.85 22.11 15.61
C GLN A 33 41.60 21.49 14.22
N LEU A 34 41.58 20.15 14.13
CA LEU A 34 41.33 19.46 12.87
C LEU A 34 40.12 20.02 12.19
N LEU A 35 40.26 20.26 10.89
CA LEU A 35 39.16 20.75 10.12
C LEU A 35 38.48 19.61 9.33
N GLY A 36 39.22 18.55 9.06
CA GLY A 36 38.69 17.45 8.28
C GLY A 36 39.39 16.17 8.64
N LEU A 37 38.66 15.07 8.66
CA LEU A 37 39.30 13.81 8.99
C LEU A 37 38.75 12.72 8.12
N SER A 38 39.66 12.00 7.49
CA SER A 38 39.23 10.86 6.71
C SER A 38 39.79 9.59 7.31
N LEU A 39 38.90 8.64 7.58
CA LEU A 39 39.29 7.33 8.03
C LEU A 39 38.69 6.24 7.19
N ARG A 40 38.49 6.51 5.90
CA ARG A 40 37.74 5.58 5.06
C ARG A 40 38.67 4.44 4.64
N HIS A 41 38.10 3.30 4.23
CA HIS A 41 38.89 2.16 3.74
C HIS A 41 39.92 1.70 4.81
N ASN A 42 39.42 1.40 5.97
CA ASN A 42 40.21 0.83 7.02
C ASN A 42 39.45 -0.40 7.45
N GLN A 43 39.90 -1.03 8.52
CA GLN A 43 39.14 -2.13 9.06
C GLN A 43 38.49 -1.26 10.11
N LEU A 44 37.97 -1.76 11.18
CA LEU A 44 37.18 -0.93 12.12
C LEU A 44 35.81 -1.52 12.17
N GLN A 45 35.54 -2.06 13.34
CA GLN A 45 34.29 -2.69 13.58
C GLN A 45 33.46 -1.89 14.58
N SER A 46 34.21 -1.15 15.38
CA SER A 46 33.64 -0.29 16.41
C SER A 46 34.48 0.97 16.64
N LEU A 47 33.85 1.99 17.24
CA LEU A 47 34.46 3.23 17.66
C LEU A 47 34.31 3.27 19.21
N PRO A 48 35.37 3.65 19.95
CA PRO A 48 35.31 3.89 21.41
C PRO A 48 34.37 5.02 21.77
N ASN A 49 33.66 4.95 22.88
CA ASN A 49 32.93 6.10 23.41
C ASN A 49 33.77 7.39 23.43
N GLY A 50 33.15 8.51 23.02
CA GLY A 50 33.77 9.82 23.05
C GLY A 50 35.04 10.03 22.22
N VAL A 51 35.35 9.09 21.33
CA VAL A 51 36.62 9.14 20.61
C VAL A 51 36.84 10.43 19.79
N PHE A 52 35.77 11.11 19.38
CA PHE A 52 35.93 12.32 18.56
C PHE A 52 35.62 13.58 19.34
N ASP A 53 35.32 13.47 20.64
CA ASP A 53 34.86 14.62 21.45
C ASP A 53 35.74 15.86 21.40
N LYS A 54 37.06 15.72 21.30
CA LYS A 54 37.96 16.88 21.29
C LYS A 54 37.95 17.56 19.90
N LEU A 55 37.44 16.87 18.87
CA LEU A 55 37.52 17.41 17.51
C LEU A 55 36.46 18.44 17.15
N THR A 56 36.37 19.48 17.97
CA THR A 56 35.27 20.43 17.91
C THR A 56 35.17 21.30 16.67
N GLN A 57 36.23 21.38 15.85
CA GLN A 57 36.23 22.30 14.70
C GLN A 57 35.98 21.57 13.36
N LEU A 58 35.78 20.27 13.47
CA LEU A 58 35.67 19.42 12.31
C LEU A 58 34.46 19.87 11.47
N THR A 59 34.65 20.08 10.17
CA THR A 59 33.53 20.37 9.24
C THR A 59 33.17 19.18 8.37
N TRP A 60 34.11 18.26 8.22
CA TRP A 60 33.84 17.05 7.44
C TRP A 60 34.50 15.82 8.02
N LEU A 61 33.75 14.72 8.04
CA LEU A 61 34.24 13.44 8.56
C LEU A 61 33.83 12.27 7.65
N HIS A 62 34.85 11.51 7.22
CA HIS A 62 34.64 10.35 6.34
C HIS A 62 35.00 9.06 7.02
N LEU A 63 33.98 8.20 7.12
CA LEU A 63 34.14 6.89 7.72
C LEU A 63 33.66 5.77 6.84
N ASP A 64 33.62 6.01 5.54
CA ASP A 64 33.04 5.07 4.61
C ASP A 64 33.95 3.87 4.34
N HIS A 65 33.32 2.73 4.05
CA HIS A 65 34.01 1.49 3.68
C HIS A 65 34.88 0.94 4.78
N ASN A 66 34.24 0.78 5.94
CA ASN A 66 34.85 0.09 7.06
C ASN A 66 33.97 -1.11 7.37
N GLN A 67 33.84 -1.55 8.62
CA GLN A 67 32.98 -2.69 8.91
C GLN A 67 32.28 -2.43 10.22
N LEU A 68 31.89 -1.16 10.40
CA LEU A 68 31.22 -0.70 11.60
C LEU A 68 29.89 -1.43 11.78
N GLN A 69 29.73 -2.02 12.95
CA GLN A 69 28.55 -2.80 13.24
C GLN A 69 27.55 -1.97 14.02
N SER A 70 28.05 -0.95 14.69
CA SER A 70 27.21 -0.07 15.49
C SER A 70 27.91 1.26 15.71
N LEU A 71 27.19 2.24 16.25
CA LEU A 71 27.74 3.56 16.56
C LEU A 71 27.49 3.81 18.05
N PRO A 72 28.55 4.22 18.77
CA PRO A 72 28.31 4.54 20.18
C PRO A 72 27.34 5.71 20.32
N ASN A 73 26.74 5.79 21.48
CA ASN A 73 25.83 6.89 21.83
C ASN A 73 26.57 8.19 22.02
N GLY A 74 26.17 9.22 21.31
CA GLY A 74 26.71 10.55 21.51
C GLY A 74 28.01 10.81 20.75
N VAL A 75 28.51 9.81 20.01
CA VAL A 75 29.83 9.94 19.30
C VAL A 75 29.98 11.16 18.43
N PHE A 76 28.89 11.74 17.90
CA PHE A 76 29.01 12.90 17.00
C PHE A 76 28.65 14.13 17.80
N ASP A 77 28.26 13.93 19.05
CA ASP A 77 27.89 15.07 19.86
C ASP A 77 29.14 15.94 19.88
N LYS A 78 29.00 17.25 19.91
CA LYS A 78 30.23 18.10 19.95
C LYS A 78 30.84 18.42 18.62
N LEU A 79 30.38 17.79 17.54
CA LEU A 79 30.96 18.11 16.25
C LEU A 79 29.98 19.10 15.71
N THR A 80 29.72 20.15 16.47
CA THR A 80 28.62 21.04 16.13
C THR A 80 28.83 21.78 14.82
N LYS A 81 30.07 21.78 14.29
CA LYS A 81 30.40 22.53 13.06
C LYS A 81 30.35 21.63 11.84
N LEU A 82 30.06 20.35 12.05
CA LEU A 82 30.10 19.38 10.96
C LEU A 82 29.12 19.76 9.82
N THR A 83 29.63 19.78 8.60
CA THR A 83 28.75 20.03 7.46
C THR A 83 28.52 18.76 6.59
N GLU A 84 29.43 17.81 6.71
CA GLU A 84 29.36 16.56 5.94
C GLU A 84 29.74 15.36 6.75
N LEU A 85 28.85 14.38 6.79
CA LEU A 85 29.12 13.16 7.47
C LEU A 85 28.91 11.97 6.56
N ILE A 86 29.98 11.23 6.28
CA ILE A 86 29.85 10.10 5.38
C ILE A 86 30.08 8.78 6.09
N LEU A 87 29.02 7.96 6.06
CA LEU A 87 29.02 6.70 6.84
C LEU A 87 28.71 5.48 5.98
N SER A 88 28.80 5.67 4.66
CA SER A 88 28.41 4.68 3.66
C SER A 88 29.31 3.49 3.70
N SER A 89 28.79 2.38 3.18
CA SER A 89 29.54 1.14 3.06
C SER A 89 30.13 0.69 4.40
N ASN A 90 29.21 0.37 5.31
CA ASN A 90 29.48 -0.24 6.58
C ASN A 90 28.45 -1.33 6.90
N GLN A 91 28.26 -1.70 8.16
CA GLN A 91 27.35 -2.82 8.48
C GLN A 91 26.41 -2.43 9.57
N LEU A 92 26.01 -1.17 9.56
CA LEU A 92 25.14 -0.64 10.58
C LEU A 92 23.72 -1.23 10.42
N GLN A 93 23.16 -1.76 11.50
CA GLN A 93 21.81 -2.35 11.49
C GLN A 93 20.79 -1.41 12.11
N SER A 94 21.27 -0.56 13.01
CA SER A 94 20.38 0.41 13.68
C SER A 94 21.18 1.71 13.93
N LEU A 95 20.49 2.79 14.25
CA LEU A 95 21.11 4.04 14.59
C LEU A 95 20.69 4.39 16.02
N PRO A 96 21.65 4.81 16.85
CA PRO A 96 21.23 5.23 18.20
C PRO A 96 20.33 6.43 18.16
N ASN A 97 19.41 6.51 19.12
CA ASN A 97 18.49 7.64 19.25
C ASN A 97 19.26 8.93 19.52
N GLY A 98 18.87 9.99 18.81
CA GLY A 98 19.44 11.31 18.94
C GLY A 98 20.83 11.42 18.34
N THR A 99 21.23 10.41 17.58
CA THR A 99 22.62 10.33 17.12
C THR A 99 23.08 11.55 16.33
N PHE A 100 22.19 12.20 15.57
CA PHE A 100 22.59 13.36 14.78
C PHE A 100 22.08 14.68 15.39
N ASP A 101 21.46 14.63 16.56
CA ASP A 101 20.78 15.80 17.13
C ASP A 101 21.58 17.07 17.30
N LYS A 102 22.90 16.95 17.52
CA LYS A 102 23.74 18.13 17.73
C LYS A 102 24.35 18.64 16.41
N LEU A 103 24.14 17.91 15.31
CA LEU A 103 24.76 18.30 14.02
C LEU A 103 23.88 19.25 13.20
N THR A 104 23.56 20.38 13.83
CA THR A 104 22.60 21.31 13.25
C THR A 104 23.11 22.00 11.99
N ASN A 105 24.40 21.93 11.72
CA ASN A 105 24.94 22.55 10.52
C ASN A 105 25.15 21.53 9.39
N LEU A 106 24.71 20.29 9.62
CA LEU A 106 24.95 19.23 8.66
C LEU A 106 24.24 19.54 7.32
N GLN A 107 24.94 19.37 6.21
CA GLN A 107 24.42 19.64 4.89
C GLN A 107 24.29 18.36 4.09
N ASN A 108 25.23 17.45 4.34
CA ASN A 108 25.28 16.19 3.64
C ASN A 108 25.45 14.99 4.57
N LEU A 109 24.48 14.07 4.50
CA LEU A 109 24.52 12.86 5.27
C LEU A 109 24.40 11.64 4.41
N ASP A 110 25.43 10.79 4.45
CA ASP A 110 25.43 9.61 3.57
C ASP A 110 25.45 8.31 4.35
N LEU A 111 24.34 7.59 4.29
CA LEU A 111 24.20 6.35 5.01
C LEU A 111 24.04 5.15 4.11
N SER A 112 24.38 5.34 2.82
CA SER A 112 24.22 4.34 1.77
C SER A 112 24.99 3.08 2.03
N PHE A 113 24.51 1.96 1.53
CA PHE A 113 25.24 0.71 1.68
C PHE A 113 25.58 0.37 3.14
N ASN A 114 24.53 0.33 3.96
CA ASN A 114 24.56 -0.20 5.29
C ASN A 114 23.44 -1.18 5.36
N GLN A 115 23.04 -1.62 6.56
CA GLN A 115 22.01 -2.64 6.73
C GLN A 115 20.91 -2.17 7.64
N LEU A 116 20.58 -0.89 7.57
CA LEU A 116 19.53 -0.33 8.41
C LEU A 116 18.14 -0.92 8.17
N GLN A 117 17.51 -1.40 9.24
CA GLN A 117 16.22 -2.07 9.11
C GLN A 117 15.13 -1.12 9.50
N SER A 118 15.51 -0.08 10.24
CA SER A 118 14.54 0.94 10.60
C SER A 118 15.31 2.24 10.90
N LEU A 119 14.56 3.33 10.95
CA LEU A 119 15.06 4.63 11.36
C LEU A 119 14.33 5.00 12.62
N PRO A 120 15.08 5.46 13.64
CA PRO A 120 14.43 5.94 14.86
C PRO A 120 13.50 7.09 14.56
N ASN A 121 12.42 7.21 15.31
CA ASN A 121 11.55 8.37 15.22
C ASN A 121 12.35 9.62 15.55
N GLY A 122 12.20 10.62 14.68
CA GLY A 122 12.78 11.94 14.83
C GLY A 122 14.28 12.02 14.59
N VAL A 123 14.85 10.95 14.04
CA VAL A 123 16.29 10.87 13.83
C VAL A 123 16.86 12.01 12.99
N PHE A 124 16.05 12.63 12.15
CA PHE A 124 16.57 13.71 11.30
C PHE A 124 16.03 15.05 11.70
N ASP A 125 15.26 15.10 12.78
CA ASP A 125 14.51 16.30 13.13
C ASP A 125 15.31 17.58 13.40
N LYS A 126 16.59 17.45 13.79
CA LYS A 126 17.41 18.65 14.08
C LYS A 126 18.21 19.14 12.91
N LEU A 127 18.12 18.43 11.78
CA LEU A 127 19.00 18.72 10.63
C LEU A 127 18.34 19.70 9.68
N THR A 128 18.00 20.88 10.22
CA THR A 128 17.20 21.83 9.44
C THR A 128 17.95 22.40 8.25
N ASN A 129 19.29 22.25 8.22
CA ASN A 129 20.06 22.72 7.06
C ASN A 129 20.49 21.60 6.07
N LEU A 130 20.06 20.36 6.31
CA LEU A 130 20.44 19.23 5.44
C LEU A 130 20.00 19.49 3.98
N GLN A 131 20.90 19.29 3.01
CA GLN A 131 20.59 19.45 1.59
C GLN A 131 20.43 18.10 0.89
N THR A 132 21.25 17.12 1.28
CA THR A 132 21.34 15.86 0.59
C THR A 132 21.31 14.73 1.63
N LEU A 133 20.41 13.77 1.43
CA LEU A 133 20.29 12.62 2.31
C LEU A 133 20.33 11.33 1.46
N HIS A 134 21.35 10.52 1.70
CA HIS A 134 21.55 9.27 0.99
C HIS A 134 21.25 8.03 1.89
N LEU A 135 20.20 7.27 1.56
CA LEU A 135 19.83 6.09 2.34
C LEU A 135 19.77 4.84 1.48
N ARG A 136 20.46 4.90 0.37
CA ARG A 136 20.43 3.89 -0.64
C ARG A 136 21.06 2.55 -0.25
N SER A 137 20.45 1.48 -0.73
CA SER A 137 20.95 0.12 -0.57
C SER A 137 21.09 -0.21 0.91
N ASN A 138 19.96 -0.07 1.57
CA ASN A 138 19.78 -0.48 2.94
C ASN A 138 18.64 -1.49 3.08
N GLN A 139 18.06 -1.62 4.28
CA GLN A 139 17.03 -2.67 4.52
C GLN A 139 15.71 -2.13 5.09
N LEU A 140 15.37 -0.90 4.73
CA LEU A 140 14.21 -0.24 5.31
C LEU A 140 12.92 -0.84 4.77
N GLN A 141 12.02 -1.23 5.66
CA GLN A 141 10.72 -1.80 5.26
C GLN A 141 9.57 -0.81 5.34
N SER A 142 9.78 0.18 6.19
CA SER A 142 8.83 1.24 6.37
C SER A 142 9.58 2.48 6.78
N LEU A 143 8.88 3.60 6.76
CA LEU A 143 9.43 4.89 7.16
C LEU A 143 8.56 5.42 8.26
N PRO A 144 9.16 5.95 9.34
CA PRO A 144 8.30 6.56 10.36
C PRO A 144 7.52 7.74 9.79
N ASN A 145 6.32 8.01 10.29
CA ASN A 145 5.60 9.20 9.87
C ASN A 145 6.42 10.45 10.30
N GLY A 146 6.34 11.50 9.51
CA GLY A 146 6.96 12.78 9.80
C GLY A 146 8.49 12.78 9.79
N VAL A 147 9.10 11.69 9.37
CA VAL A 147 10.55 11.55 9.50
C VAL A 147 11.33 12.58 8.68
N PHE A 148 10.75 13.10 7.59
CA PHE A 148 11.41 14.13 6.82
C PHE A 148 10.84 15.53 7.09
N ASP A 149 9.91 15.65 8.01
CA ASP A 149 9.15 16.90 8.13
C ASP A 149 9.99 18.15 8.43
N LYS A 150 11.14 18.00 9.10
CA LYS A 150 11.94 19.17 9.46
C LYS A 150 12.96 19.52 8.41
N LEU A 151 13.06 18.69 7.35
CA LEU A 151 14.14 18.86 6.37
C LEU A 151 13.75 19.80 5.24
N THR A 152 13.43 21.03 5.61
CA THR A 152 12.92 22.02 4.68
C THR A 152 13.97 22.50 3.69
N SER A 153 15.25 22.29 3.96
CA SER A 153 16.26 22.64 2.98
C SER A 153 16.67 21.46 2.05
N LEU A 154 16.06 20.29 2.23
CA LEU A 154 16.51 19.14 1.46
C LEU A 154 16.22 19.34 -0.07
N THR A 155 17.23 19.12 -0.90
CA THR A 155 17.09 19.16 -2.35
C THR A 155 17.31 17.80 -2.99
N PHE A 156 17.93 16.86 -2.28
CA PHE A 156 18.21 15.51 -2.82
C PHE A 156 17.90 14.43 -1.82
N LEU A 157 17.05 13.46 -2.21
CA LEU A 157 16.67 12.34 -1.31
C LEU A 157 16.73 11.00 -2.03
N ASP A 158 17.59 10.12 -1.53
CA ASP A 158 17.75 8.81 -2.16
C ASP A 158 17.34 7.71 -1.23
N LEU A 159 16.20 7.08 -1.55
CA LEU A 159 15.70 5.94 -0.81
C LEU A 159 15.77 4.67 -1.63
N SER A 160 16.58 4.68 -2.68
CA SER A 160 16.57 3.54 -3.62
C SER A 160 17.14 2.28 -3.00
N THR A 161 16.66 1.16 -3.54
CA THR A 161 17.18 -0.16 -3.19
C THR A 161 17.10 -0.38 -1.68
N ASN A 162 15.89 -0.21 -1.16
CA ASN A 162 15.55 -0.66 0.16
C ASN A 162 14.51 -1.77 0.02
N GLN A 163 13.71 -2.00 1.07
CA GLN A 163 12.67 -3.04 1.06
C GLN A 163 11.31 -2.38 1.32
N LEU A 164 11.15 -1.12 0.91
CA LEU A 164 9.95 -0.39 1.29
C LEU A 164 8.69 -0.96 0.64
N GLN A 165 7.70 -1.28 1.46
CA GLN A 165 6.48 -1.83 0.92
C GLN A 165 5.37 -0.78 0.78
N SER A 166 5.52 0.37 1.40
CA SER A 166 4.53 1.43 1.27
C SER A 166 5.16 2.74 1.71
N LEU A 167 4.52 3.85 1.34
CA LEU A 167 4.96 5.15 1.78
C LEU A 167 3.87 5.72 2.66
N PRO A 168 4.23 6.27 3.82
CA PRO A 168 3.16 6.87 4.64
C PRO A 168 2.56 8.11 3.99
N ASN A 169 1.31 8.40 4.33
CA ASN A 169 0.67 9.58 3.82
C ASN A 169 1.42 10.84 4.27
N GLY A 170 1.62 11.78 3.35
CA GLY A 170 2.25 13.05 3.61
C GLY A 170 3.75 13.02 3.83
N VAL A 171 4.37 11.88 3.64
CA VAL A 171 5.78 11.72 4.01
C VAL A 171 6.70 12.75 3.33
N PHE A 172 6.32 13.26 2.14
CA PHE A 172 7.19 14.27 1.45
C PHE A 172 6.61 15.66 1.55
N ASP A 173 5.54 15.88 2.32
CA ASP A 173 4.81 17.15 2.22
C ASP A 173 5.55 18.40 2.58
N LYS A 174 6.58 18.27 3.41
CA LYS A 174 7.38 19.45 3.84
C LYS A 174 8.58 19.68 2.94
N LEU A 175 8.85 18.74 2.04
CA LEU A 175 10.09 18.90 1.27
C LEU A 175 9.95 19.78 0.02
N THR A 176 9.56 21.03 0.25
CA THR A 176 9.21 21.94 -0.82
C THR A 176 10.41 22.34 -1.70
N ASN A 177 11.63 22.19 -1.22
CA ASN A 177 12.78 22.50 -2.07
C ASN A 177 13.35 21.27 -2.78
N LEU A 178 12.69 20.13 -2.63
CA LEU A 178 13.21 18.90 -3.22
C LEU A 178 13.28 18.97 -4.76
N ARG A 179 14.44 18.62 -5.29
CA ARG A 179 14.72 18.62 -6.72
C ARG A 179 14.79 17.21 -7.29
N GLU A 180 15.33 16.27 -6.52
CA GLU A 180 15.60 14.91 -7.00
C GLU A 180 15.16 13.89 -5.96
N LEU A 181 14.33 12.94 -6.39
CA LEU A 181 13.80 11.90 -5.51
C LEU A 181 13.98 10.52 -6.16
N HIS A 182 14.73 9.66 -5.45
CA HIS A 182 15.03 8.29 -5.85
C HIS A 182 14.25 7.31 -5.01
N LEU A 183 13.30 6.60 -5.63
CA LEU A 183 12.49 5.59 -4.93
C LEU A 183 12.56 4.22 -5.60
N GLU A 184 13.49 4.09 -6.55
CA GLU A 184 13.63 2.88 -7.34
C GLU A 184 14.09 1.68 -6.56
N HIS A 185 13.69 0.51 -7.09
CA HIS A 185 14.07 -0.77 -6.58
C HIS A 185 13.63 -0.97 -5.14
N ASN A 186 12.39 -0.55 -4.86
CA ASN A 186 11.72 -0.96 -3.64
C ASN A 186 10.59 -1.92 -4.00
N GLN A 187 9.59 -2.02 -3.13
CA GLN A 187 8.53 -2.97 -3.28
C GLN A 187 7.17 -2.28 -3.24
N LEU A 188 7.12 -1.04 -3.73
CA LEU A 188 5.86 -0.31 -3.74
C LEU A 188 4.86 -0.91 -4.79
N GLN A 189 3.61 -1.12 -4.39
CA GLN A 189 2.60 -1.58 -5.34
C GLN A 189 1.52 -0.52 -5.59
N SER A 190 1.50 0.54 -4.81
CA SER A 190 0.60 1.65 -5.08
C SER A 190 1.26 2.88 -4.42
N LEU A 191 0.72 4.05 -4.70
CA LEU A 191 1.16 5.30 -4.13
C LEU A 191 0.03 6.02 -3.47
N PRO A 192 0.28 6.68 -2.34
CA PRO A 192 -0.80 7.46 -1.73
C PRO A 192 -1.29 8.59 -2.61
N ASN A 193 -2.57 8.95 -2.58
CA ASN A 193 -3.04 10.10 -3.33
C ASN A 193 -2.37 11.37 -2.78
N GLY A 194 -1.99 12.25 -3.69
CA GLY A 194 -1.31 13.51 -3.41
C GLY A 194 0.12 13.42 -2.86
N VAL A 195 0.75 12.26 -2.97
CA VAL A 195 2.05 12.03 -2.35
C VAL A 195 3.14 12.99 -2.86
N PHE A 196 3.03 13.44 -4.12
CA PHE A 196 4.07 14.32 -4.68
C PHE A 196 3.61 15.73 -4.73
N ASP A 197 2.39 16.00 -4.24
CA ASP A 197 1.78 17.30 -4.50
C ASP A 197 2.51 18.54 -4.02
N LYS A 198 3.31 18.45 -2.96
CA LYS A 198 4.01 19.64 -2.43
C LYS A 198 5.37 19.82 -3.05
N LEU A 199 5.76 18.84 -3.85
CA LEU A 199 7.08 18.87 -4.42
C LEU A 199 7.19 19.69 -5.71
N THR A 200 6.82 20.96 -5.62
CA THR A 200 6.69 21.82 -6.79
C THR A 200 8.02 22.16 -7.46
N SER A 201 9.18 21.96 -6.80
CA SER A 201 10.46 22.28 -7.47
C SER A 201 11.12 21.02 -8.04
N LEU A 202 10.44 19.88 -7.92
CA LEU A 202 10.98 18.60 -8.34
C LEU A 202 11.25 18.59 -9.84
N THR A 203 12.47 18.17 -10.20
CA THR A 203 12.92 18.07 -11.58
C THR A 203 13.19 16.65 -12.05
N THR A 204 13.40 15.78 -11.10
CA THR A 204 13.77 14.39 -11.38
C THR A 204 13.07 13.41 -10.42
N LEU A 205 12.40 12.40 -10.99
CA LEU A 205 11.64 11.43 -10.19
C LEU A 205 11.88 9.99 -10.65
N PHE A 206 12.44 9.15 -9.79
CA PHE A 206 12.81 7.78 -10.14
C PHE A 206 11.94 6.76 -9.44
N LEU A 207 11.13 5.99 -10.19
CA LEU A 207 10.21 5.02 -9.56
C LEU A 207 10.40 3.63 -10.12
N GLN A 208 11.48 3.44 -10.86
CA GLN A 208 11.62 2.22 -11.63
C GLN A 208 11.87 0.95 -10.79
N TRP A 209 11.35 -0.17 -11.28
CA TRP A 209 11.59 -1.47 -10.67
C TRP A 209 11.07 -1.50 -9.24
N ASN A 210 9.98 -0.77 -9.03
CA ASN A 210 9.02 -1.13 -8.01
C ASN A 210 8.08 -2.21 -8.59
N GLN A 211 6.89 -2.36 -8.00
CA GLN A 211 5.86 -3.29 -8.42
C GLN A 211 4.55 -2.53 -8.61
N LEU A 212 4.58 -1.31 -9.11
CA LEU A 212 3.36 -0.53 -9.18
C LEU A 212 2.32 -1.14 -10.13
N GLN A 213 1.12 -1.22 -9.57
CA GLN A 213 -0.07 -1.79 -10.20
C GLN A 213 -1.00 -0.67 -10.63
N SER A 214 -0.80 0.49 -10.05
CA SER A 214 -1.60 1.66 -10.39
C SER A 214 -0.86 2.96 -10.13
N LEU A 215 -1.32 4.04 -10.70
CA LEU A 215 -0.88 5.38 -10.36
C LEU A 215 -2.11 6.15 -9.92
N PRO A 216 -2.02 6.89 -8.80
CA PRO A 216 -3.20 7.68 -8.42
C PRO A 216 -3.63 8.69 -9.47
N ASN A 217 -4.93 8.94 -9.63
CA ASN A 217 -5.31 10.03 -10.52
C ASN A 217 -4.65 11.33 -10.02
N GLY A 218 -4.11 12.13 -10.96
CA GLY A 218 -3.54 13.44 -10.66
C GLY A 218 -2.17 13.46 -9.99
N VAL A 219 -1.58 12.28 -9.83
CA VAL A 219 -0.38 12.06 -9.04
C VAL A 219 0.78 12.89 -9.49
N PHE A 220 0.88 13.18 -10.80
CA PHE A 220 2.02 13.99 -11.27
C PHE A 220 1.58 15.41 -11.56
N ASP A 221 0.34 15.74 -11.21
CA ASP A 221 -0.24 17.03 -11.66
C ASP A 221 0.48 18.29 -11.16
N LYS A 222 1.10 18.25 -9.97
CA LYS A 222 1.75 19.44 -9.42
C LYS A 222 3.21 19.54 -9.82
N LEU A 223 3.73 18.54 -10.51
CA LEU A 223 5.15 18.51 -10.80
C LEU A 223 5.46 19.22 -12.11
N THR A 224 5.04 20.47 -12.19
CA THR A 224 5.12 21.25 -13.40
C THR A 224 6.57 21.50 -13.86
N ASN A 225 7.56 21.37 -12.95
CA ASN A 225 8.98 21.56 -13.32
C ASN A 225 9.67 20.24 -13.60
N LEU A 226 8.93 19.15 -13.57
CA LEU A 226 9.56 17.85 -13.74
C LEU A 226 10.25 17.75 -15.12
N GLU A 227 11.46 17.19 -15.13
CA GLU A 227 12.18 17.09 -16.39
C GLU A 227 12.43 15.65 -16.79
N LYS A 228 12.46 14.76 -15.81
CA LYS A 228 12.64 13.35 -16.07
C LYS A 228 11.78 12.51 -15.14
N LEU A 229 11.05 11.56 -15.73
CA LEU A 229 10.23 10.61 -14.95
C LEU A 229 10.53 9.17 -15.40
N ASP A 230 11.04 8.35 -14.48
CA ASP A 230 11.33 6.94 -14.79
C ASP A 230 10.36 5.95 -14.09
N LEU A 231 9.51 5.28 -14.92
CA LEU A 231 8.53 4.31 -14.43
C LEU A 231 8.80 2.89 -14.95
N THR A 232 9.96 2.72 -15.53
CA THR A 232 10.40 1.45 -16.07
C THR A 232 10.21 0.29 -15.10
N GLY A 233 9.76 -0.84 -15.63
CA GLY A 233 9.88 -2.12 -14.94
C GLY A 233 8.91 -2.30 -13.76
N ASN A 234 7.86 -1.50 -13.72
CA ASN A 234 6.74 -1.70 -12.84
C ASN A 234 5.66 -2.66 -13.41
N GLN A 235 4.46 -2.67 -12.82
CA GLN A 235 3.42 -3.60 -13.30
C GLN A 235 2.13 -2.91 -13.79
N LEU A 236 2.33 -1.76 -14.40
CA LEU A 236 1.25 -0.96 -14.92
C LEU A 236 0.62 -1.67 -16.15
N GLN A 237 -0.67 -1.85 -16.12
CA GLN A 237 -1.39 -2.45 -17.20
C GLN A 237 -2.12 -1.35 -17.93
N SER A 238 -2.13 -0.17 -17.34
CA SER A 238 -2.86 0.95 -17.90
C SER A 238 -2.38 2.22 -17.21
N LEU A 239 -2.65 3.36 -17.83
CA LEU A 239 -2.35 4.67 -17.26
C LEU A 239 -3.65 5.45 -17.14
N PRO A 240 -3.85 6.15 -16.02
CA PRO A 240 -5.04 6.98 -15.99
C PRO A 240 -5.01 8.12 -17.01
N ASN A 241 -6.17 8.56 -17.49
CA ASN A 241 -6.21 9.63 -18.50
C ASN A 241 -5.72 10.94 -17.93
N GLY A 242 -4.98 11.65 -18.78
CA GLY A 242 -4.42 12.95 -18.45
C GLY A 242 -3.28 12.86 -17.43
N VAL A 243 -2.68 11.66 -17.31
CA VAL A 243 -1.73 11.45 -16.20
C VAL A 243 -0.45 12.28 -16.38
N PHE A 244 -0.07 12.56 -17.63
CA PHE A 244 1.12 13.35 -17.92
C PHE A 244 0.81 14.75 -18.41
N ASP A 245 -0.46 15.17 -18.35
CA ASP A 245 -0.87 16.41 -19.00
C ASP A 245 -0.15 17.67 -18.52
N LYS A 246 0.17 17.75 -17.24
CA LYS A 246 0.75 18.97 -16.69
C LYS A 246 2.30 19.02 -16.85
N LEU A 247 2.88 17.94 -17.36
CA LEU A 247 4.33 17.85 -17.42
C LEU A 247 4.94 18.43 -18.68
N THR A 248 4.78 19.74 -18.75
CA THR A 248 5.08 20.53 -19.92
C THR A 248 6.57 20.78 -20.13
N ASN A 249 7.36 20.46 -19.13
CA ASN A 249 8.81 20.65 -19.22
C ASN A 249 9.49 19.30 -19.26
N LEU A 250 8.71 18.23 -19.33
CA LEU A 250 9.30 16.89 -19.20
C LEU A 250 10.12 16.66 -20.46
N LYS A 251 11.32 16.13 -20.30
CA LYS A 251 12.19 15.87 -21.42
C LYS A 251 12.41 14.37 -21.63
N ILE A 252 12.29 13.61 -20.55
CA ILE A 252 12.54 12.16 -20.55
C ILE A 252 11.43 11.43 -19.84
N LEU A 253 10.80 10.51 -20.56
CA LEU A 253 9.73 9.67 -19.98
C LEU A 253 9.94 8.21 -20.34
N LEU A 254 10.17 7.41 -19.32
CA LEU A 254 10.48 6.01 -19.52
C LEU A 254 9.40 5.09 -18.97
N LEU A 255 8.77 4.31 -19.87
CA LEU A 255 7.70 3.39 -19.51
C LEU A 255 8.01 1.96 -19.92
N ASP A 256 9.28 1.71 -20.17
CA ASP A 256 9.68 0.39 -20.63
C ASP A 256 9.35 -0.65 -19.63
N ASN A 257 9.14 -1.87 -20.13
CA ASN A 257 9.00 -3.04 -19.30
C ASN A 257 7.90 -2.98 -18.28
N ASN A 258 6.81 -2.31 -18.62
CA ASN A 258 5.62 -2.48 -17.83
C ASN A 258 4.74 -3.57 -18.44
N GLN A 259 3.42 -3.52 -18.23
CA GLN A 259 2.55 -4.57 -18.76
C GLN A 259 1.51 -3.88 -19.63
N LEU A 260 1.94 -2.83 -20.34
CA LEU A 260 1.03 -2.05 -21.13
C LEU A 260 0.70 -2.77 -22.48
N GLN A 261 -0.58 -2.78 -22.80
CA GLN A 261 -1.08 -3.37 -24.06
C GLN A 261 -1.45 -2.26 -25.05
N SER A 262 -1.77 -1.14 -24.44
CA SER A 262 -2.26 0.03 -25.08
C SER A 262 -2.05 1.30 -24.25
N LEU A 263 -2.14 2.46 -24.89
CA LEU A 263 -2.03 3.77 -24.26
C LEU A 263 -3.31 4.55 -24.59
N PRO A 264 -3.78 5.39 -23.66
CA PRO A 264 -4.93 6.27 -23.90
C PRO A 264 -4.67 7.25 -25.06
N ASN A 265 -5.69 7.57 -25.85
CA ASN A 265 -5.54 8.50 -26.95
C ASN A 265 -5.15 9.89 -26.38
N GLY A 266 -4.12 10.53 -26.94
CA GLY A 266 -3.65 11.88 -26.58
C GLY A 266 -2.86 11.94 -25.26
N VAL A 267 -2.32 10.80 -24.84
CA VAL A 267 -1.68 10.74 -23.51
C VAL A 267 -0.36 11.52 -23.42
N PHE A 268 0.30 11.67 -24.58
CA PHE A 268 1.55 12.40 -24.75
C PHE A 268 1.34 13.77 -25.37
N ASP A 269 0.09 14.21 -25.62
CA ASP A 269 -0.12 15.41 -26.46
C ASP A 269 0.44 16.73 -25.92
N LYS A 270 0.56 16.82 -24.59
CA LYS A 270 0.96 18.05 -23.96
C LYS A 270 2.44 18.09 -23.64
N LEU A 271 3.17 17.04 -24.02
CA LEU A 271 4.60 17.00 -23.69
C LEU A 271 5.45 17.68 -24.73
N LYS A 272 5.28 19.00 -24.83
CA LYS A 272 6.01 19.83 -25.81
C LYS A 272 7.54 19.71 -25.73
N SER A 273 8.07 19.48 -24.53
CA SER A 273 9.51 19.47 -24.36
C SER A 273 10.12 18.07 -24.48
N LEU A 274 9.30 17.06 -24.74
CA LEU A 274 9.81 15.70 -24.68
C LEU A 274 10.83 15.41 -25.78
N THR A 275 11.96 14.82 -25.39
CA THR A 275 13.01 14.45 -26.32
C THR A 275 13.41 12.97 -26.27
N THR A 276 13.04 12.29 -25.19
CA THR A 276 13.29 10.86 -25.08
C THR A 276 12.08 10.20 -24.46
N VAL A 277 11.67 9.07 -25.06
CA VAL A 277 10.56 8.24 -24.54
C VAL A 277 11.12 6.84 -24.54
N GLY A 278 10.58 5.99 -23.68
CA GLY A 278 11.01 4.62 -23.62
C GLY A 278 9.78 3.75 -23.56
N LEU A 279 9.62 2.81 -24.50
CA LEU A 279 8.43 1.98 -24.50
C LEU A 279 8.65 0.49 -24.83
N SER A 280 9.89 0.07 -24.69
CA SER A 280 10.38 -1.29 -24.82
C SER A 280 9.70 -2.20 -23.82
N GLY A 281 9.73 -3.50 -24.09
CA GLY A 281 9.05 -4.48 -23.28
C GLY A 281 7.58 -4.24 -23.47
N ASN A 282 6.82 -4.33 -22.39
CA ASN A 282 5.39 -4.17 -22.48
C ASN A 282 4.79 -5.23 -23.36
N LEU A 283 3.49 -5.11 -23.57
CA LEU A 283 2.71 -6.16 -24.19
C LEU A 283 1.81 -5.56 -25.30
N TRP A 284 2.45 -4.80 -26.19
CA TRP A 284 1.72 -4.03 -27.16
C TRP A 284 0.83 -4.89 -28.09
N GLU A 285 -0.40 -4.46 -28.22
CA GLU A 285 -1.34 -5.14 -29.13
C GLU A 285 -1.30 -4.43 -30.47
N CYS A 286 -0.82 -5.10 -31.52
CA CYS A 286 -0.75 -4.55 -32.86
C CYS A 286 -2.00 -4.85 -33.68
N SER A 287 -3.01 -4.02 -33.42
CA SER A 287 -4.31 -3.97 -34.07
C SER A 287 -4.66 -2.52 -34.35
N PRO A 288 -5.93 -2.25 -34.72
CA PRO A 288 -6.18 -0.83 -34.92
C PRO A 288 -6.12 -0.06 -33.61
N ARG A 289 -6.01 -0.77 -32.49
CA ARG A 289 -5.82 -0.10 -31.21
C ARG A 289 -4.50 0.70 -31.18
N VAL A 290 -3.45 0.26 -31.87
CA VAL A 290 -2.16 0.98 -31.82
C VAL A 290 -2.00 2.21 -32.72
N CYS A 291 -2.98 2.51 -33.55
CA CYS A 291 -2.79 3.51 -34.60
C CYS A 291 -2.47 4.90 -34.08
N ALA A 292 -3.14 5.29 -32.99
CA ALA A 292 -2.83 6.61 -32.42
C ALA A 292 -1.36 6.63 -31.93
N LEU A 293 -0.91 5.55 -31.29
CA LEU A 293 0.49 5.48 -30.80
C LEU A 293 1.46 5.43 -31.96
N ALA A 294 1.11 4.65 -32.96
CA ALA A 294 1.98 4.48 -34.13
C ALA A 294 2.14 5.81 -34.83
N SER A 295 1.05 6.56 -34.88
CA SER A 295 1.12 7.85 -35.56
C SER A 295 1.97 8.84 -34.76
N TRP A 296 1.77 8.86 -33.45
CA TRP A 296 2.59 9.74 -32.60
C TRP A 296 4.05 9.36 -32.76
N LEU A 297 4.35 8.07 -32.71
CA LEU A 297 5.73 7.60 -32.83
C LEU A 297 6.31 8.02 -34.14
N GLY A 298 5.53 7.87 -35.19
CA GLY A 298 6.02 8.19 -36.51
C GLY A 298 6.39 9.63 -36.66
N SER A 299 5.71 10.56 -35.98
CA SER A 299 6.12 11.94 -36.18
C SER A 299 6.93 12.51 -35.03
N PHE A 300 7.33 11.65 -34.10
CA PHE A 300 8.10 12.05 -32.93
C PHE A 300 9.57 12.15 -33.42
N GLN A 301 10.45 13.15 -33.39
CA GLN A 301 10.54 14.59 -33.09
C GLN A 301 11.75 14.44 -32.08
N GLY A 302 11.75 13.36 -31.28
CA GLY A 302 12.77 13.02 -30.27
C GLY A 302 13.26 11.60 -30.56
N ARG A 303 13.72 10.87 -29.54
CA ARG A 303 14.30 9.51 -29.74
C ARG A 303 13.80 8.50 -28.70
N TRP A 304 14.01 7.21 -29.00
CA TRP A 304 13.81 6.17 -28.04
C TRP A 304 14.95 5.16 -28.21
N GLU A 305 15.47 4.63 -27.11
CA GLU A 305 16.74 3.92 -27.19
C GLU A 305 16.60 2.43 -27.52
N HIS A 306 15.43 1.85 -27.32
CA HIS A 306 15.26 0.41 -27.56
C HIS A 306 14.01 0.21 -28.40
N SER A 307 14.03 -0.85 -29.19
CA SER A 307 12.99 -1.09 -30.20
C SER A 307 11.60 -1.37 -29.56
N ILE A 308 10.54 -0.85 -30.19
CA ILE A 308 9.18 -1.00 -29.70
C ILE A 308 8.42 -2.04 -30.51
N LEU A 309 8.09 -3.13 -29.82
CA LEU A 309 7.61 -4.33 -30.48
C LEU A 309 6.17 -4.73 -30.20
N CYS A 310 5.61 -5.43 -31.19
CA CYS A 310 4.30 -6.03 -31.07
C CYS A 310 4.40 -7.25 -30.17
N HIS A 311 3.42 -7.43 -29.28
CA HIS A 311 3.37 -8.65 -28.49
C HIS A 311 2.25 -9.58 -28.97
N SER A 312 1.14 -8.98 -29.40
CA SER A 312 0.01 -9.72 -29.91
C SER A 312 -0.58 -8.90 -31.05
N PRO A 313 -1.28 -9.55 -32.01
CA PRO A 313 -1.53 -11.00 -31.96
C PRO A 313 -0.33 -11.80 -32.34
N ASP A 314 -0.43 -13.12 -32.24
CA ASP A 314 0.70 -14.06 -32.40
C ASP A 314 1.47 -13.85 -33.70
N HIS A 315 0.74 -13.52 -34.76
CA HIS A 315 1.36 -13.38 -36.06
C HIS A 315 2.11 -12.07 -36.24
N THR A 316 2.15 -11.21 -35.22
CA THR A 316 2.89 -9.96 -35.36
C THR A 316 3.99 -9.87 -34.31
N GLN A 317 3.99 -10.84 -33.39
CA GLN A 317 4.91 -10.84 -32.24
C GLN A 317 6.36 -10.79 -32.63
N GLY A 318 7.05 -9.75 -32.18
CA GLY A 318 8.46 -9.63 -32.44
C GLY A 318 8.72 -8.49 -33.43
N GLU A 319 7.67 -8.13 -34.16
CA GLU A 319 7.80 -7.14 -35.19
C GLU A 319 7.81 -5.71 -34.61
N ASP A 320 8.58 -4.81 -35.20
CA ASP A 320 8.55 -3.40 -34.82
C ASP A 320 7.14 -2.89 -35.08
N ILE A 321 6.59 -2.16 -34.13
CA ILE A 321 5.25 -1.66 -34.28
C ILE A 321 5.03 -0.95 -35.60
N LEU A 322 5.98 -0.09 -35.94
CA LEU A 322 5.90 0.76 -37.14
C LEU A 322 5.95 -0.05 -38.42
N ASP A 323 6.57 -1.22 -38.36
CA ASP A 323 6.64 -2.10 -39.50
C ASP A 323 5.37 -2.91 -39.63
N ALA A 324 4.88 -3.39 -38.50
CA ALA A 324 3.66 -4.21 -38.47
C ALA A 324 2.45 -3.45 -38.98
N VAL A 325 2.36 -2.17 -38.64
CA VAL A 325 1.25 -1.33 -39.03
C VAL A 325 1.20 -1.29 -40.57
N HIS A 326 2.35 -1.24 -41.24
CA HIS A 326 2.30 -1.25 -42.70
C HIS A 326 2.15 -2.65 -43.30
N GLY A 327 2.93 -3.59 -42.77
CA GLY A 327 2.95 -4.96 -43.27
C GLY A 327 1.62 -5.67 -43.16
N PHE A 328 0.87 -5.35 -42.12
CA PHE A 328 -0.44 -5.96 -41.90
C PHE A 328 -1.59 -4.94 -42.08
N GLN A 329 -1.30 -3.84 -42.78
CA GLN A 329 -2.25 -2.74 -43.04
C GLN A 329 -3.15 -2.50 -41.84
N LEU A 330 -2.59 -2.03 -40.72
CA LEU A 330 -3.45 -1.82 -39.57
C LEU A 330 -4.01 -0.42 -39.41
N CYS A 331 -3.36 0.55 -40.04
CA CYS A 331 -3.77 1.95 -39.95
C CYS A 331 -3.85 2.65 -41.30
N TRP A 332 -4.00 3.98 -41.27
CA TRP A 332 -3.95 4.91 -42.42
C TRP A 332 -5.30 5.46 -42.87
N GLY B 1 -38.98 -17.53 46.84
CA GLY B 1 -38.66 -18.72 46.00
C GLY B 1 -38.12 -18.37 44.64
N PRO B 2 -38.94 -17.70 43.78
CA PRO B 2 -38.52 -17.29 42.42
C PRO B 2 -37.40 -16.25 42.33
N MET B 3 -36.64 -16.44 41.26
CA MET B 3 -35.64 -15.51 40.76
C MET B 3 -36.17 -14.16 40.38
N ALA B 4 -35.56 -13.13 40.95
CA ALA B 4 -36.01 -11.76 40.75
C ALA B 4 -35.58 -11.26 39.37
N CYS B 5 -36.55 -10.69 38.67
CA CYS B 5 -36.33 -10.08 37.37
C CYS B 5 -36.32 -8.55 37.51
N PRO B 6 -35.25 -7.89 37.03
CA PRO B 6 -35.20 -6.44 37.23
C PRO B 6 -36.39 -5.71 36.63
N PRO B 7 -36.84 -4.61 37.25
CA PRO B 7 -37.99 -3.87 36.72
C PRO B 7 -37.72 -3.44 35.31
N LYS B 8 -38.76 -3.52 34.47
CA LYS B 8 -38.72 -3.18 33.04
C LYS B 8 -37.93 -4.22 32.23
N CYS B 9 -37.31 -5.21 32.85
CA CYS B 9 -36.60 -6.26 32.08
C CYS B 9 -37.57 -7.40 31.76
N ARG B 10 -37.16 -8.28 30.84
CA ARG B 10 -37.93 -9.47 30.50
C ARG B 10 -37.03 -10.68 30.71
N CYS B 11 -37.44 -11.59 31.57
CA CYS B 11 -36.60 -12.73 31.89
C CYS B 11 -37.26 -14.03 31.45
N GLU B 12 -36.54 -14.80 30.65
CA GLU B 12 -36.99 -16.12 30.20
C GLU B 12 -35.99 -17.06 30.83
N LYS B 13 -36.38 -17.66 31.94
CA LYS B 13 -35.46 -18.48 32.73
C LYS B 13 -34.14 -17.68 32.95
N LEU B 14 -33.01 -18.24 32.52
CA LEU B 14 -31.68 -17.69 32.76
C LEU B 14 -31.18 -16.78 31.61
N LEU B 15 -32.11 -16.29 30.78
CA LEU B 15 -31.82 -15.31 29.75
C LEU B 15 -32.50 -14.04 30.16
N PHE B 16 -31.73 -12.98 30.39
CA PHE B 16 -32.33 -11.73 30.86
C PHE B 16 -32.29 -10.71 29.73
N TYR B 17 -33.46 -10.20 29.39
CA TYR B 17 -33.57 -9.20 28.35
C TYR B 17 -33.82 -7.82 28.94
N CYS B 18 -32.73 -7.09 29.13
CA CYS B 18 -32.76 -5.75 29.70
C CYS B 18 -32.50 -4.69 28.62
N ASP B 19 -33.13 -4.87 27.47
CA ASP B 19 -32.86 -4.03 26.34
C ASP B 19 -33.97 -3.00 26.19
N SER B 20 -33.68 -1.94 25.44
CA SER B 20 -34.68 -0.99 24.95
C SER B 20 -35.41 -0.25 26.04
N GLN B 21 -34.72 0.05 27.15
CA GLN B 21 -35.42 0.68 28.26
C GLN B 21 -34.85 2.05 28.62
N GLY B 22 -33.92 2.54 27.79
CA GLY B 22 -33.26 3.83 27.98
C GLY B 22 -32.40 3.88 29.21
N PHE B 23 -31.85 2.73 29.61
CA PHE B 23 -31.06 2.68 30.82
C PHE B 23 -29.75 3.49 30.73
N HIS B 24 -29.21 3.91 31.89
CA HIS B 24 -27.95 4.66 31.89
C HIS B 24 -26.87 3.78 32.53
N SER B 25 -27.30 2.66 33.08
CA SER B 25 -26.38 1.76 33.72
C SER B 25 -26.98 0.35 33.75
N VAL B 26 -26.10 -0.59 34.01
CA VAL B 26 -26.45 -1.99 34.16
C VAL B 26 -27.17 -2.23 35.50
N PRO B 27 -28.34 -2.89 35.48
CA PRO B 27 -29.07 -3.13 36.74
C PRO B 27 -28.27 -3.97 37.77
N ASN B 28 -28.44 -3.74 39.07
CA ASN B 28 -27.98 -4.73 40.03
C ASN B 28 -29.19 -5.61 40.17
N GLY B 29 -29.05 -6.83 40.65
CA GLY B 29 -27.82 -7.54 40.89
C GLY B 29 -28.12 -8.81 40.07
N LEU B 30 -27.54 -8.86 38.89
CA LEU B 30 -27.75 -9.96 37.99
C LEU B 30 -27.23 -11.24 38.66
N PRO B 31 -27.88 -12.37 38.39
CA PRO B 31 -27.51 -13.62 39.06
C PRO B 31 -26.31 -14.29 38.46
N SER B 32 -25.55 -15.01 39.26
CA SER B 32 -24.30 -15.58 38.78
C SER B 32 -24.55 -16.72 37.77
N GLN B 33 -25.79 -17.17 37.60
CA GLN B 33 -25.98 -18.33 36.74
C GLN B 33 -26.55 -17.91 35.36
N LEU B 34 -26.69 -16.61 35.12
CA LEU B 34 -27.20 -16.09 33.86
C LEU B 34 -26.49 -16.72 32.70
N LEU B 35 -27.27 -17.15 31.71
CA LEU B 35 -26.73 -17.74 30.51
C LEU B 35 -26.66 -16.74 29.34
N GLY B 36 -27.50 -15.73 29.37
CA GLY B 36 -27.56 -14.76 28.29
C GLY B 36 -28.04 -13.44 28.86
N LEU B 37 -27.48 -12.34 28.35
CA LEU B 37 -27.84 -11.02 28.78
C LEU B 37 -27.85 -10.05 27.61
N SER B 38 -28.97 -9.35 27.49
CA SER B 38 -29.09 -8.35 26.47
C SER B 38 -29.24 -6.98 27.10
N LEU B 39 -28.40 -6.03 26.71
CA LEU B 39 -28.56 -4.65 27.16
C LEU B 39 -28.59 -3.73 25.96
N ARG B 40 -29.13 -4.23 24.84
CA ARG B 40 -29.00 -3.43 23.62
C ARG B 40 -30.04 -2.32 23.63
N HIS B 41 -29.78 -1.29 22.84
CA HIS B 41 -30.70 -0.15 22.66
C HIS B 41 -31.02 0.53 24.02
N ASN B 42 -29.99 0.92 24.76
CA ASN B 42 -30.20 1.71 25.97
C ASN B 42 -29.38 2.96 25.82
N GLN B 43 -29.33 3.78 26.87
CA GLN B 43 -28.47 4.95 26.85
C GLN B 43 -27.17 4.79 27.64
N LEU B 44 -26.42 3.76 27.33
CA LEU B 44 -25.22 3.37 28.04
C LEU B 44 -23.95 3.98 27.41
N GLN B 45 -23.25 4.80 28.20
CA GLN B 45 -22.04 5.51 27.73
C GLN B 45 -20.75 4.97 28.32
N SER B 46 -20.84 4.34 29.48
CA SER B 46 -19.68 3.75 30.09
C SER B 46 -20.14 2.52 30.83
N LEU B 47 -19.22 1.60 31.12
CA LEU B 47 -19.54 0.45 31.96
C LEU B 47 -18.67 0.57 33.21
N PRO B 48 -19.21 0.37 34.40
CA PRO B 48 -18.35 0.31 35.59
C PRO B 48 -17.36 -0.84 35.48
N ASN B 49 -16.15 -0.61 35.96
CA ASN B 49 -15.18 -1.70 36.10
C ASN B 49 -15.77 -2.91 36.78
N GLY B 50 -15.43 -4.07 36.25
CA GLY B 50 -15.83 -5.35 36.81
C GLY B 50 -17.33 -5.61 36.86
N VAL B 51 -18.12 -4.80 36.16
CA VAL B 51 -19.58 -4.91 36.26
C VAL B 51 -20.13 -6.28 35.87
N PHE B 52 -19.42 -7.06 35.05
CA PHE B 52 -19.93 -8.38 34.61
C PHE B 52 -19.20 -9.50 35.33
N ASP B 53 -18.28 -9.17 36.25
CA ASP B 53 -17.42 -10.20 36.85
C ASP B 53 -18.12 -11.43 37.47
N LYS B 54 -19.29 -11.26 38.09
CA LYS B 54 -19.93 -12.41 38.73
C LYS B 54 -20.67 -13.35 37.71
N LEU B 55 -20.89 -12.86 36.50
CA LEU B 55 -21.68 -13.56 35.46
C LEU B 55 -20.88 -14.61 34.70
N THR B 56 -20.33 -15.54 35.44
CA THR B 56 -19.35 -16.48 34.94
C THR B 56 -19.85 -17.50 33.91
N GLN B 57 -21.17 -17.72 33.82
CA GLN B 57 -21.70 -18.79 32.98
C GLN B 57 -22.22 -18.17 31.69
N LEU B 58 -22.13 -16.86 31.61
CA LEU B 58 -22.71 -16.12 30.48
C LEU B 58 -22.18 -16.67 29.15
N THR B 59 -23.09 -17.01 28.24
CA THR B 59 -22.70 -17.56 26.94
C THR B 59 -22.75 -16.52 25.82
N TRP B 60 -23.68 -15.58 25.91
CA TRP B 60 -23.75 -14.50 24.94
C TRP B 60 -24.15 -13.18 25.61
N LEU B 61 -23.61 -12.08 25.10
CA LEU B 61 -23.86 -10.77 25.65
C LEU B 61 -24.07 -9.76 24.54
N HIS B 62 -25.18 -9.03 24.60
CA HIS B 62 -25.51 -8.07 23.56
C HIS B 62 -25.48 -6.66 24.10
N LEU B 63 -24.62 -5.83 23.50
CA LEU B 63 -24.52 -4.44 23.94
C LEU B 63 -24.66 -3.46 22.81
N ASP B 64 -25.31 -3.87 21.74
CA ASP B 64 -25.38 -3.06 20.57
C ASP B 64 -26.35 -1.88 20.73
N HIS B 65 -26.05 -0.80 20.00
CA HIS B 65 -26.88 0.41 19.93
C HIS B 65 -27.00 1.10 21.31
N ASN B 66 -25.85 1.35 21.90
CA ASN B 66 -25.77 2.16 23.12
C ASN B 66 -24.90 3.34 22.70
N GLN B 67 -24.10 3.93 23.59
CA GLN B 67 -23.23 5.03 23.17
C GLN B 67 -21.94 4.84 23.89
N LEU B 68 -21.50 3.59 23.99
CA LEU B 68 -20.26 3.32 24.70
C LEU B 68 -19.08 4.02 24.03
N GLN B 69 -18.33 4.79 24.82
CA GLN B 69 -17.20 5.54 24.26
C GLN B 69 -15.90 4.77 24.51
N SER B 70 -15.90 3.85 25.48
CA SER B 70 -14.70 3.08 25.78
C SER B 70 -15.14 1.81 26.49
N LEU B 71 -14.22 0.87 26.69
CA LEU B 71 -14.50 -0.39 27.40
C LEU B 71 -13.50 -0.43 28.61
N PRO B 72 -13.97 -0.71 29.83
CA PRO B 72 -12.99 -0.80 30.93
C PRO B 72 -11.98 -1.93 30.68
N ASN B 73 -10.83 -1.87 31.32
CA ASN B 73 -9.86 -2.95 31.16
C ASN B 73 -10.32 -4.22 31.85
N GLY B 74 -10.36 -5.33 31.12
CA GLY B 74 -10.65 -6.57 31.79
C GLY B 74 -12.16 -6.82 31.90
N VAL B 75 -13.00 -5.91 31.39
CA VAL B 75 -14.44 -6.04 31.55
C VAL B 75 -14.99 -7.36 31.16
N PHE B 76 -14.31 -8.05 30.25
CA PHE B 76 -14.79 -9.34 29.74
C PHE B 76 -14.04 -10.52 30.30
N ASP B 77 -13.01 -10.27 31.11
CA ASP B 77 -12.15 -11.34 31.62
C ASP B 77 -12.80 -12.51 32.38
N LYS B 78 -13.89 -12.28 33.09
CA LYS B 78 -14.45 -13.42 33.83
C LYS B 78 -15.44 -14.22 32.97
N LEU B 79 -15.69 -13.78 31.75
CA LEU B 79 -16.71 -14.46 30.91
C LEU B 79 -16.16 -15.57 30.02
N THR B 80 -15.50 -16.55 30.62
CA THR B 80 -14.75 -17.53 29.84
C THR B 80 -15.65 -18.42 28.98
N LYS B 81 -16.97 -18.42 29.23
CA LYS B 81 -17.88 -19.29 28.47
C LYS B 81 -18.54 -18.59 27.30
N LEU B 82 -18.25 -17.30 27.13
CA LEU B 82 -18.89 -16.52 26.09
C LEU B 82 -18.62 -17.10 24.67
N THR B 83 -19.69 -17.28 23.90
CA THR B 83 -19.53 -17.71 22.50
C THR B 83 -19.86 -16.60 21.52
N GLU B 84 -20.62 -15.62 22.01
CA GLU B 84 -21.05 -14.52 21.20
C GLU B 84 -20.99 -13.20 21.93
N LEU B 85 -20.29 -12.25 21.35
CA LEU B 85 -20.20 -10.92 21.91
C LEU B 85 -20.58 -9.87 20.90
N ILE B 86 -21.65 -9.12 21.15
CA ILE B 86 -22.05 -8.10 20.17
C ILE B 86 -21.88 -6.67 20.72
N LEU B 87 -21.06 -5.89 20.03
CA LEU B 87 -20.65 -4.56 20.47
C LEU B 87 -20.95 -3.51 19.40
N SER B 88 -21.76 -3.89 18.41
CA SER B 88 -22.04 -3.06 17.24
C SER B 88 -22.80 -1.81 17.61
N SER B 89 -22.71 -0.81 16.75
CA SER B 89 -23.44 0.44 16.89
C SER B 89 -23.16 1.11 18.27
N ASN B 90 -21.91 1.49 18.46
CA ASN B 90 -21.51 2.29 19.62
C ASN B 90 -20.52 3.36 19.19
N GLN B 91 -19.70 3.87 20.10
CA GLN B 91 -18.82 4.97 19.73
C GLN B 91 -17.39 4.69 20.16
N LEU B 92 -17.00 3.42 20.08
CA LEU B 92 -15.66 3.03 20.49
C LEU B 92 -14.58 3.53 19.53
N GLN B 93 -13.56 4.17 20.08
CA GLN B 93 -12.49 4.69 19.24
C GLN B 93 -11.28 3.78 19.32
N SER B 94 -11.17 3.07 20.44
CA SER B 94 -10.09 2.12 20.64
C SER B 94 -10.56 0.93 21.47
N LEU B 95 -9.74 -0.11 21.46
CA LEU B 95 -9.94 -1.30 22.27
C LEU B 95 -8.72 -1.44 23.22
N PRO B 96 -8.96 -1.75 24.50
CA PRO B 96 -7.87 -2.03 25.44
C PRO B 96 -7.13 -3.33 25.05
N ASN B 97 -5.84 -3.38 25.34
CA ASN B 97 -5.03 -4.56 25.06
C ASN B 97 -5.52 -5.76 25.83
N GLY B 98 -5.58 -6.89 25.15
CA GLY B 98 -5.96 -8.12 25.81
C GLY B 98 -7.45 -8.13 26.13
N THR B 99 -8.18 -7.20 25.55
CA THR B 99 -9.56 -7.03 25.92
C THR B 99 -10.37 -8.33 25.71
N PHE B 100 -10.01 -9.15 24.71
CA PHE B 100 -10.69 -10.42 24.41
C PHE B 100 -9.90 -11.67 24.80
N ASP B 101 -8.75 -11.46 25.43
CA ASP B 101 -7.83 -12.56 25.70
C ASP B 101 -8.41 -13.73 26.46
N LYS B 102 -9.41 -13.49 27.31
CA LYS B 102 -9.94 -14.58 28.13
C LYS B 102 -11.09 -15.30 27.42
N LEU B 103 -11.51 -14.77 26.27
CA LEU B 103 -12.66 -15.31 25.58
C LEU B 103 -12.35 -16.41 24.58
N THR B 104 -11.72 -17.46 25.09
CA THR B 104 -11.22 -18.51 24.22
C THR B 104 -12.31 -19.35 23.53
N ASN B 105 -13.57 -19.26 23.98
CA ASN B 105 -14.66 -20.00 23.36
C ASN B 105 -15.49 -19.13 22.41
N LEU B 106 -15.04 -17.90 22.19
CA LEU B 106 -15.80 -16.97 21.41
C LEU B 106 -15.93 -17.45 19.96
N GLN B 107 -17.15 -17.39 19.41
CA GLN B 107 -17.43 -17.83 18.01
C GLN B 107 -17.83 -16.65 17.14
N ASN B 108 -18.52 -15.69 17.73
CA ASN B 108 -18.99 -14.53 16.99
C ASN B 108 -18.65 -13.22 17.71
N LEU B 109 -17.89 -12.35 17.04
CA LEU B 109 -17.53 -11.03 17.59
C LEU B 109 -17.95 -9.94 16.62
N ASP B 110 -18.82 -9.07 17.09
CA ASP B 110 -19.37 -8.04 16.22
C ASP B 110 -19.00 -6.66 16.74
N LEU B 111 -18.16 -5.96 15.97
CA LEU B 111 -17.68 -4.64 16.33
C LEU B 111 -18.09 -3.57 15.34
N SER B 112 -19.06 -3.92 14.48
CA SER B 112 -19.55 -3.06 13.40
C SER B 112 -20.13 -1.74 13.90
N PHE B 113 -20.02 -0.71 13.06
CA PHE B 113 -20.57 0.60 13.34
C PHE B 113 -20.06 1.16 14.68
N ASN B 114 -18.76 1.24 14.76
CA ASN B 114 -18.08 1.95 15.82
C ASN B 114 -17.12 2.91 15.13
N GLN B 115 -16.17 3.47 15.86
CA GLN B 115 -15.29 4.47 15.31
C GLN B 115 -13.81 4.06 15.54
N LEU B 116 -13.57 2.77 15.43
CA LEU B 116 -12.21 2.26 15.63
C LEU B 116 -11.17 2.77 14.62
N GLN B 117 -10.07 3.31 15.13
CA GLN B 117 -9.07 3.91 14.22
C GLN B 117 -7.90 2.96 14.00
N SER B 118 -7.74 1.98 14.88
CA SER B 118 -6.69 0.96 14.73
C SER B 118 -7.09 -0.26 15.57
N LEU B 119 -6.40 -1.38 15.37
CA LEU B 119 -6.56 -2.58 16.20
C LEU B 119 -5.22 -2.80 16.95
N PRO B 120 -5.28 -3.08 18.25
CA PRO B 120 -4.01 -3.43 18.96
C PRO B 120 -3.35 -4.66 18.35
N ASN B 121 -2.03 -4.72 18.39
CA ASN B 121 -1.35 -5.96 17.97
C ASN B 121 -1.83 -7.15 18.81
N GLY B 122 -2.17 -8.26 18.13
CA GLY B 122 -2.52 -9.50 18.78
C GLY B 122 -3.88 -9.46 19.41
N VAL B 123 -4.67 -8.44 19.11
CA VAL B 123 -5.95 -8.30 19.77
C VAL B 123 -6.88 -9.53 19.58
N PHE B 124 -6.70 -10.30 18.52
CA PHE B 124 -7.57 -11.47 18.29
C PHE B 124 -6.83 -12.76 18.52
N ASP B 125 -5.57 -12.71 18.96
CA ASP B 125 -4.73 -13.91 19.00
C ASP B 125 -5.27 -15.08 19.86
N LYS B 126 -6.12 -14.81 20.85
CA LYS B 126 -6.64 -15.90 21.69
C LYS B 126 -7.97 -16.47 21.18
N LEU B 127 -8.48 -15.90 20.12
CA LEU B 127 -9.81 -16.30 19.70
C LEU B 127 -9.76 -17.44 18.65
N THR B 128 -9.14 -18.56 19.02
CA THR B 128 -8.88 -19.65 18.09
C THR B 128 -10.10 -20.44 17.58
N ASN B 129 -11.24 -20.26 18.26
CA ASN B 129 -12.50 -20.86 17.82
C ASN B 129 -13.43 -19.84 17.10
N LEU B 130 -12.95 -18.60 16.90
CA LEU B 130 -13.79 -17.59 16.25
C LEU B 130 -14.26 -18.03 14.85
N GLN B 131 -15.54 -17.87 14.57
CA GLN B 131 -16.08 -18.20 13.23
C GLN B 131 -16.39 -16.97 12.43
N THR B 132 -16.90 -15.95 13.09
CA THR B 132 -17.40 -14.77 12.39
C THR B 132 -16.85 -13.51 13.06
N LEU B 133 -16.24 -12.64 12.25
CA LEU B 133 -15.68 -11.37 12.72
C LEU B 133 -16.19 -10.20 11.85
N HIS B 134 -16.92 -9.31 12.50
CA HIS B 134 -17.52 -8.14 11.88
C HIS B 134 -16.81 -6.84 12.29
N LEU B 135 -16.17 -6.16 11.34
CA LEU B 135 -15.47 -4.90 11.60
C LEU B 135 -15.96 -3.79 10.70
N ARG B 136 -17.16 -3.98 10.18
CA ARG B 136 -17.72 -3.10 9.18
C ARG B 136 -18.05 -1.73 9.70
N SER B 137 -17.84 -0.75 8.82
CA SER B 137 -18.19 0.63 9.09
C SER B 137 -17.47 1.16 10.39
N ASN B 138 -16.16 1.08 10.35
CA ASN B 138 -15.26 1.67 11.34
C ASN B 138 -14.29 2.63 10.64
N GLN B 139 -13.14 2.90 11.26
CA GLN B 139 -12.22 3.89 10.71
C GLN B 139 -10.84 3.33 10.51
N LEU B 140 -10.73 2.05 10.24
CA LEU B 140 -9.41 1.44 10.13
C LEU B 140 -8.64 1.88 8.86
N GLN B 141 -7.40 2.35 9.00
CA GLN B 141 -6.63 2.76 7.81
C GLN B 141 -5.63 1.70 7.42
N SER B 142 -5.22 0.88 8.39
CA SER B 142 -4.30 -0.21 8.12
C SER B 142 -4.59 -1.32 9.13
N LEU B 143 -3.98 -2.48 8.90
CA LEU B 143 -4.13 -3.64 9.77
C LEU B 143 -2.74 -4.06 10.24
N PRO B 144 -2.58 -4.38 11.53
CA PRO B 144 -1.29 -4.89 12.00
C PRO B 144 -0.95 -6.21 11.30
N ASN B 145 0.31 -6.50 11.07
CA ASN B 145 0.68 -7.78 10.49
C ASN B 145 0.31 -8.92 11.38
N GLY B 146 -0.01 -10.03 10.76
CA GLY B 146 -0.32 -11.24 11.48
C GLY B 146 -1.60 -11.13 12.28
N VAL B 147 -2.38 -10.06 12.11
CA VAL B 147 -3.55 -9.84 12.96
C VAL B 147 -4.63 -10.90 12.93
N PHE B 148 -4.80 -11.62 11.82
CA PHE B 148 -5.79 -12.74 11.72
C PHE B 148 -5.13 -14.12 11.80
N ASP B 149 -3.84 -14.14 12.05
CA ASP B 149 -3.08 -15.37 11.92
C ASP B 149 -3.55 -16.50 12.79
N LYS B 150 -4.15 -16.23 13.96
CA LYS B 150 -4.57 -17.31 14.84
C LYS B 150 -6.00 -17.72 14.58
N LEU B 151 -6.67 -17.03 13.67
CA LEU B 151 -8.08 -17.29 13.50
C LEU B 151 -8.35 -18.41 12.48
N THR B 152 -7.85 -19.61 12.77
CA THR B 152 -7.93 -20.71 11.82
C THR B 152 -9.33 -21.29 11.63
N SER B 153 -10.27 -21.02 12.53
CA SER B 153 -11.66 -21.44 12.31
C SER B 153 -12.51 -20.38 11.64
N LEU B 154 -11.94 -19.25 11.31
CA LEU B 154 -12.77 -18.16 10.79
C LEU B 154 -13.41 -18.51 9.43
N THR B 155 -14.73 -18.31 9.32
CA THR B 155 -15.37 -18.53 8.02
C THR B 155 -15.92 -17.26 7.37
N PHE B 156 -16.09 -16.20 8.18
CA PHE B 156 -16.65 -14.91 7.74
C PHE B 156 -15.85 -13.72 8.31
N LEU B 157 -15.40 -12.84 7.42
CA LEU B 157 -14.64 -11.63 7.77
C LEU B 157 -15.15 -10.44 7.00
N ASP B 158 -15.65 -9.44 7.72
CA ASP B 158 -16.20 -8.25 7.12
C ASP B 158 -15.34 -7.04 7.52
N LEU B 159 -14.59 -6.55 6.53
CA LEU B 159 -13.74 -5.35 6.69
C LEU B 159 -14.24 -4.20 5.85
N SER B 160 -15.49 -4.28 5.42
CA SER B 160 -16.04 -3.32 4.47
C SER B 160 -16.21 -1.99 5.14
N THR B 161 -16.18 -0.93 4.33
CA THR B 161 -16.50 0.43 4.78
C THR B 161 -15.64 0.82 5.99
N ASN B 162 -14.34 0.67 5.78
CA ASN B 162 -13.33 1.25 6.63
C ASN B 162 -12.59 2.26 5.76
N GLN B 163 -11.35 2.55 6.11
CA GLN B 163 -10.51 3.51 5.39
C GLN B 163 -9.25 2.81 4.92
N LEU B 164 -9.33 1.53 4.66
CA LEU B 164 -8.09 0.79 4.39
C LEU B 164 -7.44 1.18 3.11
N GLN B 165 -6.18 1.59 3.24
CA GLN B 165 -5.40 2.01 2.12
C GLN B 165 -4.47 0.92 1.63
N SER B 166 -4.29 -0.09 2.45
CA SER B 166 -3.43 -1.19 2.06
C SER B 166 -3.66 -2.42 2.90
N LEU B 167 -3.22 -3.55 2.39
CA LEU B 167 -3.25 -4.81 3.12
C LEU B 167 -1.84 -5.34 3.37
N PRO B 168 -1.54 -5.78 4.58
CA PRO B 168 -0.21 -6.37 4.77
C PRO B 168 -0.07 -7.69 4.00
N ASN B 169 1.17 -8.03 3.64
CA ASN B 169 1.47 -9.27 2.97
C ASN B 169 1.13 -10.44 3.87
N GLY B 170 0.49 -11.45 3.30
CA GLY B 170 0.13 -12.67 4.01
C GLY B 170 -1.04 -12.49 4.98
N VAL B 171 -1.68 -11.33 4.97
CA VAL B 171 -2.68 -11.06 6.00
C VAL B 171 -3.81 -12.10 6.07
N PHE B 172 -4.14 -12.77 4.95
CA PHE B 172 -5.20 -13.78 4.98
C PHE B 172 -4.68 -15.19 4.92
N ASP B 173 -3.37 -15.36 4.98
CA ASP B 173 -2.78 -16.66 4.66
C ASP B 173 -3.16 -17.81 5.59
N LYS B 174 -3.54 -17.50 6.83
CA LYS B 174 -3.92 -18.56 7.80
C LYS B 174 -5.40 -18.89 7.77
N LEU B 175 -6.14 -18.09 7.04
CA LEU B 175 -7.57 -18.25 7.04
C LEU B 175 -8.08 -19.29 6.02
N THR B 176 -7.62 -20.53 6.15
CA THR B 176 -7.92 -21.54 5.15
C THR B 176 -9.38 -21.97 5.11
N ASN B 177 -10.13 -21.76 6.19
CA ASN B 177 -11.56 -22.10 6.20
C ASN B 177 -12.48 -20.93 5.84
N LEU B 178 -11.89 -19.81 5.46
CA LEU B 178 -12.65 -18.62 5.15
C LEU B 178 -13.60 -18.90 3.93
N ARG B 179 -14.86 -18.55 4.09
CA ARG B 179 -15.84 -18.73 3.05
C ARG B 179 -16.20 -17.40 2.42
N GLU B 180 -16.26 -16.35 3.24
CA GLU B 180 -16.76 -15.05 2.79
C GLU B 180 -15.89 -13.91 3.28
N LEU B 181 -15.46 -13.09 2.33
CA LEU B 181 -14.59 -11.94 2.62
C LEU B 181 -15.10 -10.66 2.02
N HIS B 182 -15.36 -9.69 2.91
CA HIS B 182 -15.84 -8.35 2.53
C HIS B 182 -14.76 -7.31 2.64
N LEU B 183 -14.35 -6.77 1.49
CA LEU B 183 -13.37 -5.73 1.44
C LEU B 183 -13.84 -4.49 0.73
N GLU B 184 -15.13 -4.42 0.46
CA GLU B 184 -15.73 -3.30 -0.29
C GLU B 184 -15.71 -1.96 0.44
N HIS B 185 -15.69 -0.90 -0.34
CA HIS B 185 -15.75 0.49 0.16
C HIS B 185 -14.61 0.84 1.11
N ASN B 186 -13.44 0.38 0.71
CA ASN B 186 -12.23 0.91 1.28
C ASN B 186 -11.50 1.73 0.24
N GLN B 187 -10.19 1.87 0.39
CA GLN B 187 -9.38 2.73 -0.48
C GLN B 187 -8.21 1.96 -1.07
N LEU B 188 -8.42 0.67 -1.33
CA LEU B 188 -7.35 -0.12 -1.94
C LEU B 188 -7.08 0.24 -3.42
N GLN B 189 -5.81 0.42 -3.73
CA GLN B 189 -5.30 0.65 -5.10
C GLN B 189 -4.44 -0.48 -5.59
N SER B 190 -4.18 -1.44 -4.75
CA SER B 190 -3.41 -2.57 -5.19
C SER B 190 -3.71 -3.77 -4.38
N LEU B 191 -3.26 -4.92 -4.84
CA LEU B 191 -3.41 -6.12 -4.05
C LEU B 191 -2.01 -6.77 -3.84
N PRO B 192 -1.70 -7.22 -2.62
CA PRO B 192 -0.41 -7.89 -2.35
C PRO B 192 -0.29 -9.16 -3.16
N ASN B 193 0.94 -9.51 -3.49
CA ASN B 193 1.15 -10.72 -4.25
C ASN B 193 0.66 -11.93 -3.49
N GLY B 194 -0.06 -12.83 -4.17
CA GLY B 194 -0.59 -14.03 -3.50
C GLY B 194 -1.63 -13.77 -2.40
N VAL B 195 -2.21 -12.58 -2.34
CA VAL B 195 -3.07 -12.25 -1.22
C VAL B 195 -4.25 -13.20 -1.02
N PHE B 196 -4.81 -13.80 -2.08
CA PHE B 196 -5.97 -14.70 -1.91
C PHE B 196 -5.56 -16.16 -2.06
N ASP B 197 -4.27 -16.41 -2.28
CA ASP B 197 -3.81 -17.74 -2.69
C ASP B 197 -4.15 -18.87 -1.71
N LYS B 198 -4.24 -18.57 -0.40
CA LYS B 198 -4.50 -19.61 0.61
C LYS B 198 -5.97 -19.86 0.92
N LEU B 199 -6.86 -19.02 0.37
CA LEU B 199 -8.31 -19.08 0.66
C LEU B 199 -9.05 -20.06 -0.21
N THR B 200 -8.65 -21.31 -0.15
CA THR B 200 -9.15 -22.32 -1.08
C THR B 200 -10.62 -22.70 -0.86
N SER B 201 -11.19 -22.34 0.26
CA SER B 201 -12.59 -22.65 0.50
C SER B 201 -13.46 -21.43 0.24
N LEU B 202 -12.87 -20.35 -0.20
CA LEU B 202 -13.61 -19.11 -0.36
C LEU B 202 -14.74 -19.24 -1.37
N THR B 203 -15.95 -18.83 -0.99
CA THR B 203 -17.10 -18.88 -1.92
C THR B 203 -17.59 -17.48 -2.32
N THR B 204 -17.27 -16.45 -1.55
CA THR B 204 -17.79 -15.12 -1.85
C THR B 204 -16.70 -14.03 -1.58
N LEU B 205 -16.47 -13.17 -2.56
CA LEU B 205 -15.40 -12.15 -2.46
C LEU B 205 -15.88 -10.77 -2.92
N PHE B 206 -15.89 -9.81 -2.01
CA PHE B 206 -16.44 -8.49 -2.31
C PHE B 206 -15.33 -7.42 -2.32
N LEU B 207 -15.06 -6.82 -3.49
CA LEU B 207 -14.01 -5.85 -3.65
C LEU B 207 -14.52 -4.56 -4.22
N GLN B 208 -15.83 -4.37 -4.21
CA GLN B 208 -16.44 -3.23 -4.95
C GLN B 208 -16.18 -1.85 -4.34
N TRP B 209 -16.08 -0.86 -5.21
CA TRP B 209 -15.95 0.52 -4.82
C TRP B 209 -14.69 0.75 -3.97
N ASN B 210 -13.65 0.00 -4.30
CA ASN B 210 -12.28 0.43 -4.07
C ASN B 210 -11.69 1.28 -5.20
N GLN B 211 -10.36 1.35 -5.31
CA GLN B 211 -9.77 2.11 -6.40
C GLN B 211 -8.81 1.29 -7.26
N LEU B 212 -9.13 0.03 -7.47
CA LEU B 212 -8.29 -0.86 -8.24
C LEU B 212 -8.27 -0.43 -9.72
N GLN B 213 -7.08 -0.31 -10.30
CA GLN B 213 -6.98 0.08 -11.75
C GLN B 213 -6.57 -1.13 -12.56
N SER B 214 -6.05 -2.18 -11.92
CA SER B 214 -5.64 -3.36 -12.66
C SER B 214 -5.81 -4.59 -11.79
N LEU B 215 -5.80 -5.77 -12.42
CA LEU B 215 -5.76 -6.96 -11.64
C LEU B 215 -4.51 -7.68 -12.01
N PRO B 216 -3.69 -8.05 -11.00
CA PRO B 216 -2.50 -8.86 -11.26
C PRO B 216 -2.84 -10.22 -11.82
N ASN B 217 -2.02 -10.75 -12.72
CA ASN B 217 -2.22 -12.11 -13.21
C ASN B 217 -2.21 -13.11 -12.10
N GLY B 218 -3.14 -14.03 -12.23
CA GLY B 218 -3.31 -15.17 -11.35
C GLY B 218 -3.94 -14.86 -9.99
N VAL B 219 -4.37 -13.62 -9.78
CA VAL B 219 -4.81 -13.17 -8.47
C VAL B 219 -5.97 -14.02 -7.97
N PHE B 220 -6.81 -14.55 -8.87
CA PHE B 220 -7.95 -15.38 -8.41
C PHE B 220 -7.72 -16.85 -8.65
N ASP B 221 -6.51 -17.21 -9.07
CA ASP B 221 -6.30 -18.56 -9.59
C ASP B 221 -6.56 -19.68 -8.61
N LYS B 222 -6.36 -19.43 -7.32
CA LYS B 222 -6.53 -20.49 -6.36
C LYS B 222 -7.94 -20.60 -5.80
N LEU B 223 -8.81 -19.69 -6.20
CA LEU B 223 -10.15 -19.64 -5.58
C LEU B 223 -11.09 -20.51 -6.36
N THR B 224 -10.71 -21.78 -6.47
CA THR B 224 -11.46 -22.69 -7.35
C THR B 224 -12.91 -22.92 -6.90
N ASN B 225 -13.23 -22.64 -5.64
CA ASN B 225 -14.58 -22.81 -5.15
C ASN B 225 -15.35 -21.49 -5.21
N LEU B 226 -14.77 -20.45 -5.78
CA LEU B 226 -15.45 -19.17 -5.73
C LEU B 226 -16.80 -19.22 -6.46
N GLU B 227 -17.81 -18.58 -5.86
CA GLU B 227 -19.15 -18.55 -6.42
C GLU B 227 -19.67 -17.16 -6.79
N LYS B 228 -19.15 -16.15 -6.11
CA LYS B 228 -19.50 -14.78 -6.39
C LYS B 228 -18.29 -13.89 -6.27
N LEU B 229 -18.08 -13.08 -7.29
CA LEU B 229 -17.00 -12.12 -7.31
C LEU B 229 -17.57 -10.75 -7.68
N ASP B 230 -17.47 -9.79 -6.76
CA ASP B 230 -17.95 -8.44 -7.04
C ASP B 230 -16.80 -7.43 -7.17
N LEU B 231 -16.61 -6.92 -8.41
CA LEU B 231 -15.59 -5.96 -8.72
C LEU B 231 -16.20 -4.64 -9.15
N THR B 232 -17.49 -4.51 -8.94
CA THR B 232 -18.22 -3.26 -9.29
C THR B 232 -17.51 -2.01 -8.80
N GLY B 233 -17.47 -0.99 -9.64
CA GLY B 233 -17.21 0.35 -9.20
C GLY B 233 -15.77 0.66 -8.82
N ASN B 234 -14.87 -0.19 -9.27
CA ASN B 234 -13.46 0.11 -9.24
C ASN B 234 -13.15 0.93 -10.46
N GLN B 235 -11.88 1.04 -10.79
CA GLN B 235 -11.41 1.85 -11.93
C GLN B 235 -10.66 0.92 -12.90
N LEU B 236 -11.13 -0.30 -13.08
CA LEU B 236 -10.40 -1.24 -13.94
C LEU B 236 -10.46 -0.74 -15.39
N GLN B 237 -9.28 -0.62 -16.02
CA GLN B 237 -9.23 -0.16 -17.41
C GLN B 237 -8.98 -1.30 -18.37
N SER B 238 -8.64 -2.47 -17.85
CA SER B 238 -8.35 -3.59 -18.69
C SER B 238 -8.33 -4.79 -17.80
N LEU B 239 -8.49 -5.98 -18.38
CA LEU B 239 -8.38 -7.22 -17.64
C LEU B 239 -7.27 -8.06 -18.27
N PRO B 240 -6.44 -8.68 -17.44
CA PRO B 240 -5.43 -9.60 -17.98
C PRO B 240 -6.07 -10.84 -18.61
N ASN B 241 -5.41 -11.43 -19.59
CA ASN B 241 -5.92 -12.61 -20.25
C ASN B 241 -5.91 -13.74 -19.23
N GLY B 242 -6.98 -14.54 -19.24
CA GLY B 242 -7.18 -15.73 -18.41
C GLY B 242 -7.43 -15.50 -16.94
N VAL B 243 -7.79 -14.27 -16.60
CA VAL B 243 -7.86 -13.83 -15.22
C VAL B 243 -8.98 -14.58 -14.49
N PHE B 244 -10.04 -14.99 -15.20
CA PHE B 244 -11.12 -15.73 -14.53
C PHE B 244 -11.11 -17.21 -14.88
N ASP B 245 -10.05 -17.69 -15.54
CA ASP B 245 -10.08 -19.05 -16.11
C ASP B 245 -10.30 -20.17 -15.10
N LYS B 246 -9.76 -20.05 -13.89
CA LYS B 246 -9.88 -21.16 -12.93
C LYS B 246 -11.18 -21.14 -12.12
N LEU B 247 -12.00 -20.11 -12.31
CA LEU B 247 -13.21 -19.94 -11.49
C LEU B 247 -14.44 -20.69 -12.06
N THR B 248 -14.32 -22.00 -12.02
CA THR B 248 -15.26 -22.91 -12.66
C THR B 248 -16.56 -23.05 -11.93
N ASN B 249 -16.64 -22.56 -10.72
CA ASN B 249 -17.87 -22.71 -10.00
C ASN B 249 -18.55 -21.37 -9.83
N LEU B 250 -17.99 -20.37 -10.48
CA LEU B 250 -18.45 -19.02 -10.26
C LEU B 250 -19.84 -18.96 -10.85
N LYS B 251 -20.75 -18.36 -10.10
CA LYS B 251 -22.10 -18.23 -10.55
C LYS B 251 -22.46 -16.79 -10.84
N ILE B 252 -21.79 -15.88 -10.14
CA ILE B 252 -22.05 -14.44 -10.25
C ILE B 252 -20.76 -13.62 -10.43
N LEU B 253 -20.69 -12.83 -11.49
CA LEU B 253 -19.55 -11.98 -11.74
C LEU B 253 -19.94 -10.56 -12.04
N LEU B 254 -19.56 -9.62 -11.14
CA LEU B 254 -20.00 -8.25 -11.33
C LEU B 254 -18.84 -7.31 -11.66
N LEU B 255 -18.93 -6.74 -12.87
CA LEU B 255 -17.90 -5.81 -13.37
C LEU B 255 -18.48 -4.48 -13.74
N ASP B 256 -19.69 -4.16 -13.27
CA ASP B 256 -20.31 -2.90 -13.61
C ASP B 256 -19.47 -1.69 -13.11
N ASN B 257 -19.63 -0.57 -13.81
CA ASN B 257 -19.09 0.70 -13.39
C ASN B 257 -17.60 0.76 -13.19
N ASN B 258 -16.88 -0.01 -13.98
CA ASN B 258 -15.48 0.22 -14.11
C ASN B 258 -15.23 1.11 -15.31
N GLN B 259 -14.04 1.02 -15.89
CA GLN B 259 -13.64 1.85 -17.02
C GLN B 259 -13.21 0.93 -18.19
N LEU B 260 -13.90 -0.20 -18.34
CA LEU B 260 -13.53 -1.16 -19.39
C LEU B 260 -14.03 -0.67 -20.74
N GLN B 261 -13.15 -0.78 -21.73
CA GLN B 261 -13.45 -0.44 -23.13
C GLN B 261 -13.67 -1.67 -23.98
N SER B 262 -13.04 -2.74 -23.53
CA SER B 262 -12.98 -3.99 -24.22
C SER B 262 -12.65 -5.14 -23.30
N LEU B 263 -12.91 -6.38 -23.76
CA LEU B 263 -12.60 -7.57 -22.99
C LEU B 263 -11.68 -8.47 -23.78
N PRO B 264 -10.76 -9.18 -23.10
CA PRO B 264 -9.93 -10.16 -23.81
C PRO B 264 -10.81 -11.24 -24.45
N ASN B 265 -10.45 -11.71 -25.63
CA ASN B 265 -11.23 -12.74 -26.30
C ASN B 265 -11.21 -14.01 -25.46
N GLY B 266 -12.38 -14.57 -25.22
CA GLY B 266 -12.53 -15.82 -24.49
C GLY B 266 -12.35 -15.67 -22.96
N VAL B 267 -12.47 -14.45 -22.42
CA VAL B 267 -12.17 -14.18 -20.99
C VAL B 267 -13.23 -14.87 -20.12
N PHE B 268 -14.42 -15.10 -20.67
CA PHE B 268 -15.49 -15.78 -19.91
C PHE B 268 -15.62 -17.24 -20.28
N ASP B 269 -14.77 -17.75 -21.17
CA ASP B 269 -15.03 -19.08 -21.75
C ASP B 269 -15.03 -20.22 -20.77
N LYS B 270 -14.32 -20.08 -19.65
CA LYS B 270 -14.21 -21.22 -18.76
C LYS B 270 -15.24 -21.17 -17.61
N LEU B 271 -16.11 -20.16 -17.67
CA LEU B 271 -17.11 -19.98 -16.64
C LEU B 271 -18.41 -20.78 -16.89
N LYS B 272 -18.29 -22.10 -16.84
CA LYS B 272 -19.41 -23.02 -17.07
C LYS B 272 -20.62 -22.79 -16.18
N SER B 273 -20.38 -22.35 -14.94
CA SER B 273 -21.45 -22.22 -13.94
C SER B 273 -22.06 -20.82 -13.88
N LEU B 274 -21.59 -19.93 -14.72
CA LEU B 274 -21.99 -18.55 -14.56
C LEU B 274 -23.48 -18.40 -14.91
N THR B 275 -24.23 -17.72 -14.05
CA THR B 275 -25.64 -17.47 -14.30
C THR B 275 -25.95 -15.99 -14.24
N THR B 276 -25.06 -15.17 -13.68
CA THR B 276 -25.29 -13.71 -13.68
C THR B 276 -24.01 -12.97 -13.99
N VAL B 277 -24.13 -11.97 -14.86
CA VAL B 277 -23.03 -11.11 -15.19
C VAL B 277 -23.53 -9.69 -15.07
N GLY B 278 -22.61 -8.77 -14.81
CA GLY B 278 -22.91 -7.35 -14.70
C GLY B 278 -21.85 -6.58 -15.46
N LEU B 279 -22.25 -5.79 -16.47
CA LEU B 279 -21.26 -5.05 -17.28
C LEU B 279 -21.73 -3.65 -17.61
N SER B 280 -22.72 -3.20 -16.87
CA SER B 280 -23.35 -1.86 -16.91
C SER B 280 -22.27 -0.78 -16.63
N GLY B 281 -22.53 0.45 -17.06
CA GLY B 281 -21.55 1.52 -16.95
C GLY B 281 -20.42 1.18 -17.92
N ASN B 282 -19.18 1.39 -17.49
CA ASN B 282 -18.03 1.15 -18.35
C ASN B 282 -18.07 2.04 -19.59
N LEU B 283 -17.09 1.81 -20.48
CA LEU B 283 -16.78 2.65 -21.63
C LEU B 283 -16.64 1.76 -22.89
N TRP B 284 -17.62 0.92 -23.14
CA TRP B 284 -17.54 -0.11 -24.20
C TRP B 284 -17.36 0.55 -25.57
N GLU B 285 -16.41 0.02 -26.32
CA GLU B 285 -16.13 0.51 -27.63
C GLU B 285 -16.93 -0.36 -28.58
N CYS B 286 -17.94 0.21 -29.23
CA CYS B 286 -18.75 -0.54 -30.20
C CYS B 286 -18.26 -0.38 -31.61
N SER B 287 -17.24 -1.16 -31.91
CA SER B 287 -16.73 -1.19 -33.22
C SER B 287 -16.74 -2.69 -33.32
N PRO B 288 -16.19 -3.25 -34.39
CA PRO B 288 -16.21 -4.71 -34.46
C PRO B 288 -15.31 -5.35 -33.41
N ARG B 289 -14.57 -4.57 -32.62
CA ARG B 289 -13.79 -5.13 -31.49
C ARG B 289 -14.80 -5.81 -30.55
N VAL B 290 -16.04 -5.29 -30.48
CA VAL B 290 -17.01 -5.89 -29.53
C VAL B 290 -17.68 -7.19 -30.00
N CYS B 291 -17.42 -7.67 -31.22
CA CYS B 291 -18.24 -8.78 -31.75
C CYS B 291 -18.12 -10.05 -30.89
N ALA B 292 -16.93 -10.36 -30.36
CA ALA B 292 -16.77 -11.54 -29.51
C ALA B 292 -17.65 -11.41 -28.26
N LEU B 293 -17.67 -10.22 -27.65
CA LEU B 293 -18.51 -9.99 -26.47
C LEU B 293 -20.02 -10.07 -26.83
N ALA B 294 -20.37 -9.45 -27.94
CA ALA B 294 -21.80 -9.40 -28.34
C ALA B 294 -22.27 -10.83 -28.61
N SER B 295 -21.41 -11.64 -29.19
CA SER B 295 -21.79 -13.03 -29.45
C SER B 295 -21.91 -13.79 -28.15
N TRP B 296 -20.96 -13.60 -27.21
CA TRP B 296 -21.08 -14.30 -25.93
C TRP B 296 -22.40 -13.86 -25.27
N LEU B 297 -22.65 -12.57 -25.32
CA LEU B 297 -23.84 -12.01 -24.69
C LEU B 297 -25.12 -12.63 -25.31
N GLY B 298 -25.17 -12.75 -26.64
CA GLY B 298 -26.36 -13.29 -27.28
C GLY B 298 -26.71 -14.73 -26.94
N SER B 299 -25.69 -15.55 -26.70
CA SER B 299 -25.93 -16.95 -26.37
C SER B 299 -25.79 -17.26 -24.89
N PHE B 300 -25.72 -16.23 -24.05
CA PHE B 300 -25.55 -16.48 -22.62
C PHE B 300 -26.90 -16.89 -22.04
N GLN B 301 -26.91 -18.09 -21.45
CA GLN B 301 -28.08 -18.70 -20.90
C GLN B 301 -28.40 -18.14 -19.51
N GLY B 302 -27.77 -17.02 -19.10
CA GLY B 302 -28.00 -16.50 -17.76
C GLY B 302 -28.53 -15.09 -17.91
N ARG B 303 -28.31 -14.22 -16.96
CA ARG B 303 -28.91 -12.89 -17.05
C ARG B 303 -27.97 -11.73 -16.67
N TRP B 304 -28.36 -10.52 -17.03
CA TRP B 304 -27.69 -9.34 -16.55
C TRP B 304 -28.76 -8.32 -16.23
N GLU B 305 -28.57 -7.62 -15.13
CA GLU B 305 -29.63 -6.81 -14.54
C GLU B 305 -29.69 -5.40 -15.10
N HIS B 306 -28.62 -4.93 -15.71
CA HIS B 306 -28.64 -3.55 -16.17
C HIS B 306 -28.18 -3.51 -17.58
N SER B 307 -28.68 -2.55 -18.34
CA SER B 307 -28.42 -2.52 -19.78
C SER B 307 -26.91 -2.27 -20.04
N ILE B 308 -26.34 -2.95 -21.04
CA ILE B 308 -24.92 -2.81 -21.36
C ILE B 308 -24.80 -1.95 -22.62
N LEU B 309 -24.25 -0.74 -22.47
CA LEU B 309 -24.34 0.27 -23.51
C LEU B 309 -23.00 0.59 -24.18
N CYS B 310 -23.07 1.02 -25.46
CA CYS B 310 -21.92 1.52 -26.22
C CYS B 310 -21.59 2.86 -25.69
N HIS B 311 -20.29 3.13 -25.55
CA HIS B 311 -19.87 4.43 -25.12
C HIS B 311 -19.29 5.19 -26.30
N SER B 312 -18.62 4.47 -27.20
CA SER B 312 -18.06 5.04 -28.40
C SER B 312 -18.20 3.98 -29.51
N PRO B 313 -18.26 4.41 -30.79
CA PRO B 313 -18.20 5.74 -31.38
C PRO B 313 -19.49 6.50 -31.24
N ASP B 314 -19.46 7.75 -31.69
CA ASP B 314 -20.57 8.66 -31.51
C ASP B 314 -21.89 8.09 -32.03
N HIS B 315 -21.85 7.39 -33.17
CA HIS B 315 -23.12 6.93 -33.75
C HIS B 315 -23.70 5.69 -33.05
N THR B 316 -23.02 5.18 -32.02
CA THR B 316 -23.54 4.03 -31.29
C THR B 316 -23.73 4.43 -29.84
N GLN B 317 -23.29 5.62 -29.47
CA GLN B 317 -23.34 6.04 -28.06
C GLN B 317 -24.71 6.05 -27.44
N GLY B 318 -24.90 5.24 -26.39
CA GLY B 318 -26.16 5.25 -25.69
C GLY B 318 -26.93 3.98 -25.97
N GLU B 319 -26.62 3.32 -27.09
CA GLU B 319 -27.31 2.09 -27.53
C GLU B 319 -26.84 0.82 -26.83
N ASP B 320 -27.76 -0.10 -26.65
CA ASP B 320 -27.49 -1.45 -26.15
C ASP B 320 -26.50 -2.06 -27.11
N ILE B 321 -25.47 -2.73 -26.59
CA ILE B 321 -24.45 -3.29 -27.47
C ILE B 321 -25.06 -4.14 -28.63
N LEU B 322 -26.01 -5.02 -28.32
CA LEU B 322 -26.63 -5.92 -29.27
C LEU B 322 -27.50 -5.19 -30.31
N ASP B 323 -28.03 -4.01 -29.97
CA ASP B 323 -28.82 -3.26 -30.91
C ASP B 323 -27.86 -2.60 -31.81
N ALA B 324 -26.75 -2.08 -31.28
CA ALA B 324 -25.77 -1.43 -32.13
C ALA B 324 -25.14 -2.39 -33.13
N VAL B 325 -24.84 -3.60 -32.67
CA VAL B 325 -24.23 -4.60 -33.52
C VAL B 325 -25.11 -5.03 -34.70
N HIS B 326 -26.38 -5.21 -34.43
CA HIS B 326 -27.35 -5.61 -35.45
C HIS B 326 -27.76 -4.37 -36.24
N GLY B 327 -28.00 -3.24 -35.58
CA GLY B 327 -28.43 -2.06 -36.30
C GLY B 327 -27.36 -1.65 -37.32
N PHE B 328 -26.06 -1.83 -37.01
CA PHE B 328 -25.03 -1.46 -37.96
C PHE B 328 -24.30 -2.65 -38.53
N GLN B 329 -24.89 -3.83 -38.44
CA GLN B 329 -24.24 -5.04 -38.95
C GLN B 329 -22.76 -5.01 -38.73
N LEU B 330 -22.34 -5.07 -37.48
CA LEU B 330 -20.92 -5.01 -37.21
C LEU B 330 -20.27 -6.36 -37.17
N CYS B 331 -21.01 -7.45 -37.04
CA CYS B 331 -20.35 -8.74 -36.96
C CYS B 331 -20.83 -9.72 -38.02
N TRP B 332 -19.86 -9.98 -38.88
CA TRP B 332 -20.01 -10.97 -39.94
C TRP B 332 -19.12 -12.19 -39.69
N MET C 3 -15.62 20.19 -11.01
CA MET C 3 -14.48 19.49 -10.34
C MET C 3 -14.22 19.94 -8.87
N ALA C 4 -15.10 20.75 -8.27
CA ALA C 4 -14.84 21.26 -6.90
C ALA C 4 -15.15 20.22 -5.81
N CYS C 5 -14.20 19.97 -4.91
CA CYS C 5 -14.43 19.05 -3.79
C CYS C 5 -14.64 19.84 -2.51
N PRO C 6 -15.77 19.58 -1.83
CA PRO C 6 -16.12 20.33 -0.61
C PRO C 6 -15.06 20.25 0.48
N PRO C 7 -14.89 21.32 1.27
CA PRO C 7 -13.84 21.22 2.29
C PRO C 7 -14.07 20.02 3.19
N LYS C 8 -12.97 19.38 3.55
CA LYS C 8 -12.96 18.19 4.42
C LYS C 8 -13.44 16.90 3.82
N CYS C 9 -13.95 16.97 2.59
CA CYS C 9 -14.41 15.79 1.92
C CYS C 9 -13.23 15.19 1.12
N ARG C 10 -13.39 13.95 0.67
CA ARG C 10 -12.42 13.24 -0.16
C ARG C 10 -13.16 12.80 -1.45
N CYS C 11 -12.70 13.26 -2.62
CA CYS C 11 -13.37 13.01 -3.89
C CYS C 11 -12.53 12.20 -4.89
N GLU C 12 -13.10 11.10 -5.37
CA GLU C 12 -12.46 10.28 -6.39
C GLU C 12 -13.40 10.35 -7.61
N LYS C 13 -13.09 11.22 -8.57
CA LYS C 13 -13.96 11.50 -9.73
C LYS C 13 -15.38 11.78 -9.19
N LEU C 14 -16.42 11.05 -9.62
CA LEU C 14 -17.80 11.39 -9.24
C LEU C 14 -18.31 10.64 -7.98
N LEU C 15 -17.37 10.18 -7.16
CA LEU C 15 -17.70 9.61 -5.87
C LEU C 15 -17.19 10.56 -4.77
N PHE C 16 -18.12 11.10 -3.98
CA PHE C 16 -17.79 12.05 -2.91
C PHE C 16 -17.91 11.36 -1.56
N TYR C 17 -16.80 11.38 -0.83
CA TYR C 17 -16.72 10.79 0.50
C TYR C 17 -16.71 11.93 1.49
N CYS C 18 -17.89 12.27 1.98
CA CYS C 18 -18.05 13.36 2.90
C CYS C 18 -18.34 12.79 4.29
N ASP C 19 -17.62 11.74 4.61
CA ASP C 19 -17.87 10.99 5.80
C ASP C 19 -16.89 11.35 6.89
N SER C 20 -17.28 11.02 8.11
CA SER C 20 -16.39 11.00 9.26
C SER C 20 -15.78 12.36 9.63
N GLN C 21 -16.54 13.44 9.42
CA GLN C 21 -16.01 14.78 9.64
C GLN C 21 -16.78 15.53 10.70
N GLY C 22 -17.69 14.81 11.36
CA GLY C 22 -18.53 15.40 12.38
C GLY C 22 -19.46 16.47 11.84
N PHE C 23 -19.86 16.36 10.57
CA PHE C 23 -20.76 17.34 9.96
C PHE C 23 -22.15 17.32 10.66
N HIS C 24 -22.86 18.45 10.62
CA HIS C 24 -24.21 18.55 11.21
C HIS C 24 -25.25 18.75 10.12
N SER C 25 -24.76 18.93 8.91
CA SER C 25 -25.64 19.16 7.82
C SER C 25 -24.88 18.67 6.61
N VAL C 26 -25.60 18.42 5.55
CA VAL C 26 -25.03 18.00 4.29
C VAL C 26 -24.33 19.17 3.62
N PRO C 27 -23.07 18.97 3.23
CA PRO C 27 -22.35 20.07 2.60
C PRO C 27 -23.04 20.54 1.34
N ASN C 28 -22.95 21.83 1.04
CA ASN C 28 -23.30 22.35 -0.28
C ASN C 28 -21.94 22.27 -0.97
N GLY C 29 -21.89 22.29 -2.29
CA GLY C 29 -23.02 22.19 -3.17
C GLY C 29 -22.60 21.03 -4.04
N LEU C 30 -23.17 19.87 -3.73
CA LEU C 30 -22.84 18.64 -4.43
C LEU C 30 -23.27 18.76 -5.89
N PRO C 31 -22.50 18.13 -6.81
CA PRO C 31 -22.75 18.23 -8.25
C PRO C 31 -23.87 17.34 -8.71
N SER C 32 -24.58 17.76 -9.75
CA SER C 32 -25.76 17.05 -10.19
C SER C 32 -25.40 15.71 -10.82
N GLN C 33 -24.11 15.46 -11.04
CA GLN C 33 -23.69 14.25 -11.75
C GLN C 33 -23.11 13.17 -10.80
N LEU C 34 -23.16 13.41 -9.48
CA LEU C 34 -22.65 12.44 -8.51
C LEU C 34 -23.13 11.01 -8.74
N LEU C 35 -22.22 10.03 -8.72
CA LEU C 35 -22.58 8.63 -8.88
C LEU C 35 -22.66 7.98 -7.47
N GLY C 36 -21.93 8.54 -6.49
CA GLY C 36 -21.90 7.97 -5.14
C GLY C 36 -21.63 9.04 -4.09
N LEU C 37 -22.29 8.91 -2.95
CA LEU C 37 -22.13 9.88 -1.87
C LEU C 37 -22.11 9.18 -0.51
N SER C 38 -21.09 9.47 0.30
CA SER C 38 -21.01 8.91 1.64
C SER C 38 -21.09 10.02 2.66
N LEU C 39 -22.04 9.89 3.60
CA LEU C 39 -22.16 10.83 4.71
C LEU C 39 -22.15 10.09 6.03
N ARG C 40 -21.46 8.97 6.07
CA ARG C 40 -21.54 8.11 7.22
C ARG C 40 -20.59 8.70 8.32
N HIS C 41 -20.84 8.32 9.57
CA HIS C 41 -20.05 8.71 10.72
C HIS C 41 -19.99 10.23 10.83
N ASN C 42 -21.16 10.85 10.85
CA ASN C 42 -21.28 12.28 11.07
C ASN C 42 -22.28 12.59 12.23
N GLN C 43 -22.57 13.86 12.45
CA GLN C 43 -23.59 14.26 13.43
C GLN C 43 -24.87 14.67 12.77
N LEU C 44 -25.42 13.81 11.95
CA LEU C 44 -26.55 14.25 11.16
C LEU C 44 -27.76 13.84 12.00
N GLN C 45 -28.58 14.79 12.45
CA GLN C 45 -29.75 14.47 13.28
C GLN C 45 -31.07 14.66 12.51
N SER C 46 -31.08 15.49 11.46
CA SER C 46 -32.28 15.67 10.60
C SER C 46 -31.75 15.91 9.21
N LEU C 47 -32.58 15.72 8.22
CA LEU C 47 -32.22 16.06 6.85
C LEU C 47 -33.17 17.15 6.38
N PRO C 48 -32.65 18.18 5.72
CA PRO C 48 -33.53 19.18 5.12
C PRO C 48 -34.43 18.52 4.06
N ASN C 49 -35.67 18.98 3.97
CA ASN C 49 -36.53 18.58 2.87
C ASN C 49 -35.78 18.72 1.54
N GLY C 50 -35.94 17.75 0.64
CA GLY C 50 -35.33 17.86 -0.68
C GLY C 50 -33.80 17.96 -0.72
N VAL C 51 -33.12 17.66 0.38
CA VAL C 51 -31.68 17.87 0.42
C VAL C 51 -30.95 17.07 -0.66
N PHE C 52 -31.56 16.00 -1.15
CA PHE C 52 -30.89 15.17 -2.15
C PHE C 52 -31.50 15.31 -3.56
N ASP C 53 -32.48 16.19 -3.73
CA ASP C 53 -33.21 16.25 -5.00
C ASP C 53 -32.37 16.43 -6.27
N LYS C 54 -31.26 17.17 -6.20
CA LYS C 54 -30.47 17.43 -7.42
C LYS C 54 -29.60 16.22 -7.83
N LEU C 55 -29.39 15.28 -6.92
CA LEU C 55 -28.48 14.15 -7.18
C LEU C 55 -29.10 13.01 -7.98
N THR C 56 -29.64 13.33 -9.16
CA THR C 56 -30.48 12.37 -9.88
C THR C 56 -29.74 11.15 -10.40
N GLN C 57 -28.44 11.23 -10.41
CA GLN C 57 -27.64 10.17 -11.02
C GLN C 57 -27.06 9.24 -9.93
N LEU C 58 -27.40 9.49 -8.68
CA LEU C 58 -26.77 8.73 -7.58
C LEU C 58 -27.08 7.22 -7.71
N THR C 59 -26.04 6.38 -7.62
CA THR C 59 -26.28 4.94 -7.57
C THR C 59 -26.12 4.33 -6.16
N TRP C 60 -25.38 5.00 -5.28
CA TRP C 60 -25.19 4.54 -3.89
C TRP C 60 -25.12 5.71 -2.92
N LEU C 61 -25.77 5.57 -1.78
CA LEU C 61 -25.80 6.61 -0.79
C LEU C 61 -25.64 5.98 0.59
N HIS C 62 -24.65 6.42 1.36
CA HIS C 62 -24.37 5.88 2.70
C HIS C 62 -24.61 6.91 3.76
N LEU C 63 -25.51 6.60 4.67
CA LEU C 63 -25.87 7.49 5.78
C LEU C 63 -25.73 6.78 7.13
N ASP C 64 -24.90 5.73 7.18
CA ASP C 64 -24.81 4.96 8.40
C ASP C 64 -24.01 5.68 9.52
N HIS C 65 -24.39 5.38 10.77
CA HIS C 65 -23.72 5.88 11.98
C HIS C 65 -23.82 7.37 12.10
N ASN C 66 -25.07 7.82 12.01
CA ASN C 66 -25.39 9.19 12.30
C ASN C 66 -26.36 9.17 13.49
N GLN C 67 -27.27 10.12 13.58
CA GLN C 67 -28.23 10.14 14.69
C GLN C 67 -29.56 10.59 14.13
N LEU C 68 -29.87 10.12 12.93
CA LEU C 68 -31.12 10.49 12.30
C LEU C 68 -32.31 10.02 13.14
N GLN C 69 -33.20 10.96 13.47
CA GLN C 69 -34.36 10.63 14.28
C GLN C 69 -35.60 10.42 13.38
N SER C 70 -35.58 10.98 12.17
CA SER C 70 -36.71 10.86 11.23
C SER C 70 -36.25 11.09 9.76
N LEU C 71 -37.11 10.79 8.79
CA LEU C 71 -36.78 10.98 7.40
C LEU C 71 -37.86 11.91 6.81
N PRO C 72 -37.43 12.96 6.10
CA PRO C 72 -38.47 13.83 5.51
C PRO C 72 -39.34 13.09 4.52
N ASN C 73 -40.53 13.59 4.27
CA ASN C 73 -41.36 12.92 3.29
C ASN C 73 -40.70 13.19 1.93
N GLY C 74 -40.41 12.14 1.17
CA GLY C 74 -39.90 12.28 -0.19
C GLY C 74 -38.41 12.45 -0.40
N VAL C 75 -37.59 12.45 0.68
CA VAL C 75 -36.14 12.69 0.52
C VAL C 75 -35.45 11.81 -0.50
N PHE C 76 -35.99 10.63 -0.76
CA PHE C 76 -35.36 9.69 -1.69
C PHE C 76 -36.05 9.64 -3.04
N ASP C 77 -37.16 10.36 -3.18
CA ASP C 77 -37.94 10.30 -4.43
C ASP C 77 -37.20 10.62 -5.75
N LYS C 78 -36.20 11.49 -5.75
CA LYS C 78 -35.53 11.79 -7.00
C LYS C 78 -34.38 10.84 -7.33
N LEU C 79 -34.06 9.91 -6.42
CA LEU C 79 -32.89 9.04 -6.64
C LEU C 79 -33.22 7.73 -7.35
N THR C 80 -33.83 7.87 -8.52
CA THR C 80 -34.42 6.74 -9.22
C THR C 80 -33.41 5.72 -9.69
N LYS C 81 -32.12 6.07 -9.70
CA LYS C 81 -31.07 5.14 -10.18
C LYS C 81 -30.36 4.42 -9.02
N LEU C 82 -30.77 4.74 -7.81
CA LEU C 82 -30.13 4.20 -6.65
C LEU C 82 -30.22 2.67 -6.62
N THR C 83 -29.07 2.03 -6.41
CA THR C 83 -29.02 0.60 -6.24
C THR C 83 -28.71 0.23 -4.78
N GLU C 84 -28.14 1.15 -3.99
CA GLU C 84 -27.80 0.83 -2.59
C GLU C 84 -28.12 1.98 -1.66
N LEU C 85 -28.93 1.70 -0.64
CA LEU C 85 -29.28 2.70 0.34
C LEU C 85 -28.94 2.19 1.75
N ILE C 86 -28.00 2.84 2.42
CA ILE C 86 -27.58 2.36 3.74
C ILE C 86 -27.95 3.34 4.86
N LEU C 87 -28.78 2.86 5.78
CA LEU C 87 -29.35 3.70 6.83
C LEU C 87 -29.04 3.10 8.20
N SER C 88 -28.08 2.18 8.24
CA SER C 88 -27.83 1.48 9.48
C SER C 88 -27.30 2.42 10.58
N SER C 89 -27.46 2.05 11.86
CA SER C 89 -26.93 2.80 13.03
C SER C 89 -27.36 4.25 13.05
N ASN C 90 -28.66 4.42 13.21
CA ASN C 90 -29.27 5.70 13.43
C ASN C 90 -30.34 5.54 14.52
N GLN C 91 -31.31 6.42 14.57
CA GLN C 91 -32.31 6.36 15.64
C GLN C 91 -33.73 6.46 15.01
N LEU C 92 -33.92 5.85 13.84
CA LEU C 92 -35.22 5.91 13.16
C LEU C 92 -36.22 5.10 13.94
N GLN C 93 -37.38 5.70 14.24
CA GLN C 93 -38.44 5.01 14.99
C GLN C 93 -39.55 4.57 14.04
N SER C 94 -39.70 5.31 12.94
CA SER C 94 -40.72 4.99 11.95
C SER C 94 -40.22 5.32 10.54
N LEU C 95 -40.94 4.80 9.55
CA LEU C 95 -40.62 5.12 8.17
C LEU C 95 -41.87 5.79 7.59
N PRO C 96 -41.68 6.90 6.88
CA PRO C 96 -42.81 7.55 6.22
C PRO C 96 -43.43 6.70 5.11
N ASN C 97 -44.73 6.81 4.89
CA ASN C 97 -45.37 6.05 3.81
C ASN C 97 -44.77 6.50 2.47
N GLY C 98 -44.50 5.52 1.62
CA GLY C 98 -43.96 5.73 0.28
C GLY C 98 -42.48 6.10 0.22
N THR C 99 -41.77 5.95 1.33
CA THR C 99 -40.40 6.42 1.39
C THR C 99 -39.48 5.81 0.35
N PHE C 100 -39.69 4.54 0.01
CA PHE C 100 -38.82 3.87 -0.96
C PHE C 100 -39.52 3.69 -2.32
N ASP C 101 -40.72 4.24 -2.48
CA ASP C 101 -41.54 3.96 -3.66
C ASP C 101 -40.89 4.24 -5.01
N LYS C 102 -39.99 5.23 -5.09
CA LYS C 102 -39.37 5.62 -6.34
C LYS C 102 -38.06 4.87 -6.64
N LEU C 103 -37.57 4.07 -5.70
CA LEU C 103 -36.27 3.37 -5.84
C LEU C 103 -36.42 2.00 -6.50
N THR C 104 -36.96 2.01 -7.72
CA THR C 104 -37.31 0.76 -8.37
C THR C 104 -36.10 -0.04 -8.73
N ASN C 105 -34.96 0.61 -8.72
CA ASN C 105 -33.73 -0.12 -9.03
C ASN C 105 -32.98 -0.55 -7.72
N LEU C 106 -33.56 -0.33 -6.55
CA LEU C 106 -32.79 -0.62 -5.32
C LEU C 106 -32.48 -2.12 -5.23
N GLN C 107 -31.23 -2.47 -4.92
CA GLN C 107 -30.79 -3.87 -4.81
C GLN C 107 -30.43 -4.22 -3.35
N ASN C 108 -29.90 -3.24 -2.60
CA ASN C 108 -29.50 -3.46 -1.20
C ASN C 108 -30.07 -2.37 -0.35
N LEU C 109 -30.88 -2.75 0.64
CA LEU C 109 -31.47 -1.80 1.58
C LEU C 109 -31.11 -2.22 3.02
N ASP C 110 -30.39 -1.37 3.73
CA ASP C 110 -29.90 -1.73 5.07
C ASP C 110 -30.45 -0.77 6.12
N LEU C 111 -31.31 -1.27 6.99
CA LEU C 111 -31.94 -0.49 8.05
C LEU C 111 -31.53 -1.02 9.45
N SER C 112 -30.46 -1.79 9.51
CA SER C 112 -30.01 -2.40 10.74
C SER C 112 -29.69 -1.35 11.83
N PHE C 113 -29.85 -1.75 13.09
CA PHE C 113 -29.50 -0.85 14.22
C PHE C 113 -30.19 0.51 14.17
N ASN C 114 -31.49 0.45 14.14
CA ASN C 114 -32.38 1.59 14.33
C ASN C 114 -33.41 1.24 15.40
N GLN C 115 -34.49 2.01 15.51
CA GLN C 115 -35.47 1.73 16.54
C GLN C 115 -36.86 1.64 15.96
N LEU C 116 -36.94 1.06 14.77
CA LEU C 116 -38.21 0.89 14.10
C LEU C 116 -39.15 0.00 14.88
N GLN C 117 -40.34 0.51 15.14
CA GLN C 117 -41.29 -0.23 15.97
C GLN C 117 -42.34 -0.91 15.06
N SER C 118 -42.45 -0.43 13.82
CA SER C 118 -43.37 -1.04 12.86
C SER C 118 -42.89 -0.71 11.48
N LEU C 119 -43.45 -1.40 10.49
CA LEU C 119 -43.23 -1.12 9.09
C LEU C 119 -44.57 -0.69 8.52
N PRO C 120 -44.58 0.39 7.74
CA PRO C 120 -45.85 0.77 7.07
C PRO C 120 -46.34 -0.36 6.14
N ASN C 121 -47.64 -0.54 5.96
CA ASN C 121 -48.12 -1.49 4.96
C ASN C 121 -47.60 -1.09 3.60
N GLY C 122 -47.06 -2.07 2.87
CA GLY C 122 -46.61 -1.89 1.50
C GLY C 122 -45.33 -1.11 1.29
N VAL C 123 -44.58 -0.86 2.36
CA VAL C 123 -43.34 -0.07 2.30
C VAL C 123 -42.26 -0.59 1.33
N PHE C 124 -42.25 -1.89 1.04
CA PHE C 124 -41.24 -2.47 0.15
C PHE C 124 -41.88 -2.89 -1.21
N ASP C 125 -43.16 -2.60 -1.41
CA ASP C 125 -43.88 -3.15 -2.57
C ASP C 125 -43.33 -2.79 -3.94
N LYS C 126 -42.62 -1.68 -4.07
CA LYS C 126 -42.07 -1.26 -5.37
C LYS C 126 -40.62 -1.75 -5.59
N LEU C 127 -40.05 -2.46 -4.62
CA LEU C 127 -38.64 -2.82 -4.69
C LEU C 127 -38.45 -4.20 -5.32
N THR C 128 -38.97 -4.35 -6.55
CA THR C 128 -38.99 -5.64 -7.20
C THR C 128 -37.63 -6.17 -7.56
N ASN C 129 -36.62 -5.32 -7.55
CA ASN C 129 -35.29 -5.80 -7.80
C ASN C 129 -34.45 -5.98 -6.49
N LEU C 130 -35.06 -5.78 -5.33
CA LEU C 130 -34.31 -5.89 -4.11
C LEU C 130 -33.68 -7.28 -3.95
N GLN C 131 -32.38 -7.30 -3.64
CA GLN C 131 -31.71 -8.59 -3.41
C GLN C 131 -31.47 -8.81 -1.89
N THR C 132 -31.14 -7.74 -1.20
CA THR C 132 -30.71 -7.86 0.19
C THR C 132 -31.49 -6.84 1.03
N LEU C 133 -32.13 -7.31 2.10
CA LEU C 133 -32.89 -6.49 3.03
C LEU C 133 -32.43 -6.77 4.49
N HIS C 134 -31.88 -5.74 5.13
CA HIS C 134 -31.33 -5.83 6.52
C HIS C 134 -32.20 -5.08 7.53
N LEU C 135 -32.81 -5.81 8.45
CA LEU C 135 -33.66 -5.19 9.45
C LEU C 135 -33.20 -5.58 10.84
N ARG C 136 -31.96 -6.01 10.95
CA ARG C 136 -31.44 -6.56 12.19
C ARG C 136 -31.36 -5.49 13.30
N SER C 137 -31.63 -5.93 14.52
CA SER C 137 -31.49 -5.06 15.70
C SER C 137 -32.33 -3.79 15.62
N ASN C 138 -33.63 -4.00 15.48
CA ASN C 138 -34.61 -2.92 15.57
C ASN C 138 -35.62 -3.30 16.68
N GLN C 139 -36.82 -2.73 16.64
CA GLN C 139 -37.83 -2.92 17.68
C GLN C 139 -39.16 -3.47 17.11
N LEU C 140 -39.09 -4.28 16.07
CA LEU C 140 -40.30 -4.76 15.42
C LEU C 140 -41.05 -5.79 16.27
N GLN C 141 -42.32 -5.53 16.50
CA GLN C 141 -43.15 -6.45 17.27
C GLN C 141 -44.05 -7.32 16.40
N SER C 142 -44.33 -6.85 15.19
CA SER C 142 -45.12 -7.63 14.23
C SER C 142 -44.72 -7.24 12.82
N LEU C 143 -45.16 -8.00 11.84
CA LEU C 143 -44.86 -7.72 10.45
C LEU C 143 -46.19 -7.58 9.76
N PRO C 144 -46.36 -6.54 8.93
CA PRO C 144 -47.65 -6.49 8.23
C PRO C 144 -47.82 -7.72 7.32
N ASN C 145 -49.05 -8.17 7.14
CA ASN C 145 -49.24 -9.28 6.22
C ASN C 145 -48.81 -8.85 4.85
N GLY C 146 -48.25 -9.79 4.09
CA GLY C 146 -47.87 -9.51 2.70
C GLY C 146 -46.71 -8.53 2.49
N VAL C 147 -46.03 -8.16 3.57
CA VAL C 147 -44.99 -7.11 3.49
C VAL C 147 -43.81 -7.44 2.60
N PHE C 148 -43.51 -8.74 2.44
CA PHE C 148 -42.41 -9.13 1.55
C PHE C 148 -42.97 -9.67 0.19
N ASP C 149 -44.27 -9.60 -0.04
CA ASP C 149 -44.87 -10.32 -1.18
C ASP C 149 -44.31 -9.90 -2.55
N LYS C 150 -43.86 -8.67 -2.71
CA LYS C 150 -43.35 -8.20 -4.01
C LYS C 150 -41.84 -8.40 -4.22
N LEU C 151 -41.14 -8.92 -3.19
CA LEU C 151 -39.67 -9.01 -3.24
C LEU C 151 -39.24 -10.33 -3.86
N THR C 152 -39.66 -10.55 -5.11
CA THR C 152 -39.44 -11.83 -5.77
C THR C 152 -37.99 -12.08 -6.13
N SER C 153 -37.20 -11.02 -6.16
CA SER C 153 -35.75 -11.19 -6.38
C SER C 153 -34.96 -11.31 -5.02
N LEU C 154 -35.63 -11.28 -3.88
CA LEU C 154 -34.86 -11.24 -2.61
C LEU C 154 -34.06 -12.55 -2.39
N THR C 155 -32.77 -12.41 -2.11
CA THR C 155 -31.92 -13.57 -1.77
C THR C 155 -31.45 -13.51 -0.27
N PHE C 156 -31.54 -12.35 0.36
CA PHE C 156 -31.10 -12.23 1.77
C PHE C 156 -32.07 -11.44 2.59
N LEU C 157 -32.52 -12.04 3.70
CA LEU C 157 -33.46 -11.38 4.60
C LEU C 157 -33.01 -11.53 6.07
N ASP C 158 -32.74 -10.41 6.71
CA ASP C 158 -32.31 -10.44 8.13
C ASP C 158 -33.32 -9.72 9.01
N LEU C 159 -34.06 -10.51 9.79
CA LEU C 159 -35.02 -10.00 10.75
C LEU C 159 -34.51 -10.29 12.20
N SER C 160 -33.22 -10.56 12.33
CA SER C 160 -32.68 -10.97 13.64
C SER C 160 -32.75 -9.80 14.62
N THR C 161 -32.83 -10.14 15.90
CA THR C 161 -32.76 -9.19 16.98
C THR C 161 -33.83 -8.13 16.83
N ASN C 162 -35.07 -8.56 16.70
CA ASN C 162 -36.21 -7.65 16.88
C ASN C 162 -37.05 -8.08 18.09
N GLN C 163 -38.35 -7.75 18.14
CA GLN C 163 -39.21 -8.15 19.27
C GLN C 163 -40.37 -9.02 18.76
N LEU C 164 -40.13 -9.74 17.69
CA LEU C 164 -41.21 -10.46 17.03
C LEU C 164 -41.75 -11.60 17.89
N GLN C 165 -43.05 -11.57 18.15
CA GLN C 165 -43.71 -12.60 18.95
C GLN C 165 -44.39 -13.68 18.08
N SER C 166 -44.58 -13.38 16.80
CA SER C 166 -45.19 -14.35 15.86
C SER C 166 -44.90 -13.98 14.40
N LEU C 167 -45.07 -14.94 13.50
CA LEU C 167 -44.93 -14.66 12.07
C LEU C 167 -46.28 -14.84 11.40
N PRO C 168 -46.69 -13.91 10.57
CA PRO C 168 -47.97 -14.15 9.89
C PRO C 168 -47.91 -15.32 8.90
N ASN C 169 -49.05 -15.96 8.69
CA ASN C 169 -49.14 -17.06 7.73
C ASN C 169 -48.80 -16.56 6.35
N GLY C 170 -47.99 -17.37 5.66
CA GLY C 170 -47.56 -17.11 4.30
C GLY C 170 -46.53 -15.98 4.14
N VAL C 171 -46.04 -15.47 5.25
CA VAL C 171 -45.20 -14.27 5.19
C VAL C 171 -43.98 -14.42 4.28
N PHE C 172 -43.46 -15.63 4.11
CA PHE C 172 -42.29 -15.79 3.23
C PHE C 172 -42.67 -16.43 1.87
N ASP C 173 -43.94 -16.59 1.59
CA ASP C 173 -44.35 -17.46 0.45
C ASP C 173 -43.92 -17.05 -0.96
N LYS C 174 -43.65 -15.77 -1.20
CA LYS C 174 -43.22 -15.25 -2.51
C LYS C 174 -41.70 -15.20 -2.74
N LEU C 175 -40.93 -15.45 -1.67
CA LEU C 175 -39.47 -15.32 -1.67
C LEU C 175 -38.81 -16.57 -2.19
N THR C 176 -39.16 -16.96 -3.43
CA THR C 176 -38.73 -18.23 -3.96
C THR C 176 -37.26 -18.28 -4.21
N ASN C 177 -36.66 -17.12 -4.35
CA ASN C 177 -35.20 -17.07 -4.52
C ASN C 177 -34.39 -16.86 -3.24
N LEU C 178 -35.07 -16.87 -2.10
CA LEU C 178 -34.39 -16.62 -0.84
C LEU C 178 -33.33 -17.70 -0.55
N ARG C 179 -32.11 -17.26 -0.23
CA ARG C 179 -30.99 -18.16 0.10
C ARG C 179 -30.70 -18.20 1.60
N GLU C 180 -30.84 -17.04 2.23
CA GLU C 180 -30.42 -16.87 3.63
C GLU C 180 -31.48 -16.12 4.39
N LEU C 181 -31.94 -16.70 5.49
CA LEU C 181 -32.98 -16.12 6.29
C LEU C 181 -32.57 -16.05 7.81
N HIS C 182 -32.53 -14.87 8.40
CA HIS C 182 -32.16 -14.69 9.85
C HIS C 182 -33.37 -14.34 10.71
N LEU C 183 -33.72 -15.26 11.60
CA LEU C 183 -34.82 -15.01 12.53
C LEU C 183 -34.37 -15.12 14.00
N GLU C 184 -33.04 -15.20 14.21
CA GLU C 184 -32.52 -15.41 15.57
C GLU C 184 -32.78 -14.23 16.52
N HIS C 185 -32.87 -14.56 17.80
CA HIS C 185 -33.03 -13.56 18.85
C HIS C 185 -34.30 -12.71 18.69
N ASN C 186 -35.41 -13.37 18.34
CA ASN C 186 -36.72 -12.75 18.48
C ASN C 186 -37.42 -13.46 19.62
N GLN C 187 -38.74 -13.42 19.67
CA GLN C 187 -39.49 -13.99 20.80
C GLN C 187 -40.53 -15.05 20.28
N LEU C 188 -40.20 -15.74 19.19
CA LEU C 188 -41.13 -16.75 18.65
C LEU C 188 -41.29 -18.00 19.52
N GLN C 189 -42.52 -18.44 19.75
CA GLN C 189 -42.70 -19.68 20.49
C GLN C 189 -43.25 -20.81 19.62
N SER C 190 -43.67 -20.46 18.41
CA SER C 190 -44.09 -21.46 17.46
C SER C 190 -43.88 -20.88 16.10
N LEU C 191 -43.98 -21.74 15.09
CA LEU C 191 -43.89 -21.37 13.68
C LEU C 191 -45.17 -21.84 13.01
N PRO C 192 -45.73 -21.03 12.11
CA PRO C 192 -46.95 -21.46 11.39
C PRO C 192 -46.64 -22.70 10.55
N ASN C 193 -47.60 -23.61 10.37
CA ASN C 193 -47.39 -24.78 9.49
C ASN C 193 -47.13 -24.27 8.07
N GLY C 194 -46.18 -24.93 7.42
CA GLY C 194 -45.76 -24.58 6.06
C GLY C 194 -45.04 -23.23 5.91
N VAL C 195 -44.59 -22.61 7.01
CA VAL C 195 -44.05 -21.25 6.89
C VAL C 195 -42.87 -21.16 5.92
N PHE C 196 -42.08 -22.24 5.78
CA PHE C 196 -40.88 -22.23 4.94
C PHE C 196 -41.08 -22.99 3.61
N ASP C 197 -42.28 -23.52 3.34
CA ASP C 197 -42.45 -24.48 2.23
C ASP C 197 -42.05 -23.97 0.86
N LYS C 198 -42.15 -22.67 0.63
CA LYS C 198 -41.83 -22.11 -0.70
C LYS C 198 -40.36 -21.70 -0.91
N LEU C 199 -39.55 -21.80 0.17
CA LEU C 199 -38.15 -21.38 0.12
C LEU C 199 -37.25 -22.50 -0.40
N THR C 200 -37.53 -22.93 -1.64
CA THR C 200 -36.88 -24.11 -2.14
C THR C 200 -35.42 -23.92 -2.43
N SER C 201 -34.96 -22.67 -2.53
CA SER C 201 -33.55 -22.45 -2.77
C SER C 201 -32.81 -22.08 -1.45
N LEU C 202 -33.51 -22.12 -0.33
CA LEU C 202 -32.89 -21.69 0.93
C LEU C 202 -31.69 -22.58 1.30
N THR C 203 -30.54 -21.97 1.60
CA THR C 203 -29.35 -22.75 1.98
C THR C 203 -29.00 -22.52 3.48
N THR C 204 -29.51 -21.42 4.04
CA THR C 204 -29.16 -21.08 5.44
C THR C 204 -30.38 -20.52 6.20
N LEU C 205 -30.62 -21.11 7.36
CA LEU C 205 -31.77 -20.75 8.19
C LEU C 205 -31.37 -20.58 9.70
N PHE C 206 -31.54 -19.37 10.21
CA PHE C 206 -31.09 -19.07 11.58
C PHE C 206 -32.30 -18.82 12.47
N LEU C 207 -32.50 -19.72 13.44
CA LEU C 207 -33.66 -19.65 14.36
C LEU C 207 -33.23 -19.62 15.85
N GLN C 208 -31.93 -19.40 16.10
CA GLN C 208 -31.38 -19.60 17.46
C GLN C 208 -31.88 -18.56 18.43
N TRP C 209 -32.05 -18.97 19.71
CA TRP C 209 -32.40 -18.03 20.82
C TRP C 209 -33.76 -17.31 20.56
N ASN C 210 -34.72 -18.00 19.92
CA ASN C 210 -36.12 -17.69 20.15
C ASN C 210 -36.62 -18.43 21.39
N GLN C 211 -37.94 -18.63 21.49
CA GLN C 211 -38.51 -19.37 22.62
C GLN C 211 -39.32 -20.53 22.03
N LEU C 212 -38.85 -21.14 20.95
CA LEU C 212 -39.63 -22.20 20.30
C LEU C 212 -39.76 -23.38 21.24
N GLN C 213 -41.01 -23.79 21.39
CA GLN C 213 -41.36 -24.88 22.25
C GLN C 213 -41.69 -26.13 21.48
N SER C 214 -41.97 -25.99 20.18
CA SER C 214 -42.23 -27.14 19.32
C SER C 214 -41.87 -26.70 17.90
N LEU C 215 -41.72 -27.68 17.01
CA LEU C 215 -41.57 -27.49 15.57
C LEU C 215 -42.76 -28.21 14.91
N PRO C 216 -43.42 -27.54 13.93
CA PRO C 216 -44.52 -28.16 13.17
C PRO C 216 -44.03 -29.40 12.44
N ASN C 217 -44.89 -30.40 12.33
CA ASN C 217 -44.57 -31.58 11.54
C ASN C 217 -44.24 -31.11 10.12
N GLY C 218 -43.19 -31.66 9.52
CA GLY C 218 -42.90 -31.32 8.12
C GLY C 218 -42.27 -29.96 7.85
N VAL C 219 -41.94 -29.21 8.89
CA VAL C 219 -41.53 -27.81 8.74
C VAL C 219 -40.31 -27.58 7.84
N PHE C 220 -39.38 -28.53 7.81
CA PHE C 220 -38.20 -28.34 6.95
C PHE C 220 -38.25 -29.21 5.66
N ASP C 221 -39.37 -29.86 5.41
CA ASP C 221 -39.44 -30.89 4.37
C ASP C 221 -39.14 -30.36 2.94
N LYS C 222 -39.47 -29.11 2.67
CA LYS C 222 -39.29 -28.58 1.34
C LYS C 222 -37.88 -27.95 1.17
N LEU C 223 -37.06 -27.90 2.23
CA LEU C 223 -35.77 -27.19 2.17
C LEU C 223 -34.62 -28.12 1.74
N THR C 224 -34.77 -28.76 0.58
CA THR C 224 -33.82 -29.78 0.15
C THR C 224 -32.42 -29.25 -0.08
N ASN C 225 -32.28 -27.95 -0.27
CA ASN C 225 -30.97 -27.36 -0.49
C ASN C 225 -30.30 -26.79 0.76
N LEU C 226 -30.94 -26.98 1.91
CA LEU C 226 -30.45 -26.40 3.15
C LEU C 226 -29.05 -26.93 3.52
N GLU C 227 -28.16 -26.04 3.95
CA GLU C 227 -26.81 -26.45 4.29
C GLU C 227 -26.48 -26.22 5.77
N LYS C 228 -27.17 -25.24 6.35
CA LYS C 228 -27.03 -24.93 7.74
C LYS C 228 -28.36 -24.58 8.35
N LEU C 229 -28.63 -25.23 9.47
CA LEU C 229 -29.83 -24.99 10.26
C LEU C 229 -29.41 -24.74 11.71
N ASP C 230 -29.69 -23.54 12.22
CA ASP C 230 -29.35 -23.21 13.62
C ASP C 230 -30.61 -23.08 14.50
N LEU C 231 -30.76 -24.04 15.42
CA LEU C 231 -31.89 -24.08 16.36
C LEU C 231 -31.44 -23.95 17.83
N THR C 232 -30.17 -23.58 18.02
CA THR C 232 -29.58 -23.39 19.35
C THR C 232 -30.42 -22.54 20.25
N GLY C 233 -30.53 -22.96 21.52
CA GLY C 233 -30.97 -22.06 22.57
C GLY C 233 -32.45 -21.74 22.58
N ASN C 234 -33.26 -22.57 21.90
CA ASN C 234 -34.73 -22.54 22.03
C ASN C 234 -35.18 -23.38 23.23
N GLN C 235 -36.47 -23.71 23.30
CA GLN C 235 -37.00 -24.46 24.44
C GLN C 235 -37.58 -25.78 23.95
N LEU C 236 -36.94 -26.37 22.94
CA LEU C 236 -37.43 -27.62 22.38
C LEU C 236 -37.26 -28.79 23.34
N GLN C 237 -38.36 -29.49 23.57
CA GLN C 237 -38.33 -30.67 24.43
C GLN C 237 -38.37 -31.98 23.72
N SER C 238 -38.66 -31.93 22.42
CA SER C 238 -38.81 -33.10 21.58
C SER C 238 -38.77 -32.62 20.12
N LEU C 239 -38.51 -33.55 19.21
CA LEU C 239 -38.49 -33.28 17.77
C LEU C 239 -39.52 -34.16 17.09
N PRO C 240 -40.30 -33.64 16.11
CA PRO C 240 -41.21 -34.60 15.43
C PRO C 240 -40.45 -35.66 14.65
N ASN C 241 -41.01 -36.86 14.50
CA ASN C 241 -40.27 -37.90 13.79
C ASN C 241 -40.08 -37.52 12.32
N GLY C 242 -38.87 -37.81 11.82
CA GLY C 242 -38.53 -37.53 10.43
C GLY C 242 -38.33 -36.06 10.11
N VAL C 243 -38.09 -35.24 11.13
CA VAL C 243 -38.10 -33.79 10.94
C VAL C 243 -36.99 -33.33 10.02
N PHE C 244 -35.88 -34.07 10.03
CA PHE C 244 -34.74 -33.76 9.18
C PHE C 244 -34.52 -34.69 7.99
N ASP C 245 -35.47 -35.57 7.68
CA ASP C 245 -35.25 -36.63 6.70
C ASP C 245 -34.90 -36.09 5.31
N LYS C 246 -35.49 -34.95 4.92
CA LYS C 246 -35.33 -34.39 3.56
C LYS C 246 -34.07 -33.49 3.41
N LEU C 247 -33.36 -33.27 4.53
CA LEU C 247 -32.23 -32.35 4.46
C LEU C 247 -30.95 -33.09 4.07
N THR C 248 -30.93 -33.61 2.85
CA THR C 248 -29.84 -34.51 2.43
C THR C 248 -28.60 -33.70 2.10
N ASN C 249 -28.72 -32.39 2.05
CA ASN C 249 -27.55 -31.57 1.74
C ASN C 249 -27.06 -30.78 2.96
N LEU C 250 -27.65 -31.03 4.12
CA LEU C 250 -27.31 -30.25 5.33
C LEU C 250 -25.88 -30.61 5.77
N LYS C 251 -25.06 -29.61 6.10
CA LYS C 251 -23.70 -29.89 6.54
C LYS C 251 -23.55 -29.56 8.03
N ILE C 252 -24.38 -28.64 8.48
CA ILE C 252 -24.30 -28.15 9.85
C ILE C 252 -25.68 -28.11 10.49
N LEU C 253 -25.81 -28.80 11.62
CA LEU C 253 -27.06 -28.80 12.38
C LEU C 253 -26.78 -28.53 13.88
N LEU C 254 -27.29 -27.39 14.38
CA LEU C 254 -27.04 -26.98 15.75
C LEU C 254 -28.31 -27.02 16.58
N LEU C 255 -28.27 -27.87 17.60
CA LEU C 255 -29.38 -28.09 18.53
C LEU C 255 -28.94 -27.86 19.99
N ASP C 256 -27.82 -27.17 20.18
CA ASP C 256 -27.29 -26.95 21.52
C ASP C 256 -28.24 -26.20 22.40
N ASN C 257 -28.15 -26.43 23.72
CA ASN C 257 -28.89 -25.60 24.68
C ASN C 257 -30.43 -25.53 24.54
N ASN C 258 -31.06 -26.63 24.10
CA ASN C 258 -32.50 -26.81 24.22
C ASN C 258 -32.84 -27.63 25.49
N GLN C 259 -33.96 -28.34 25.52
CA GLN C 259 -34.35 -29.08 26.69
C GLN C 259 -34.54 -30.55 26.30
N LEU C 260 -33.69 -31.04 25.38
CA LEU C 260 -33.84 -32.41 24.90
C LEU C 260 -33.26 -33.43 25.87
N GLN C 261 -34.05 -34.48 26.09
CA GLN C 261 -33.66 -35.59 26.95
C GLN C 261 -33.24 -36.80 26.16
N SER C 262 -33.81 -36.92 24.97
CA SER C 262 -33.57 -38.08 24.14
C SER C 262 -33.99 -37.63 22.71
N LEU C 263 -33.57 -38.38 21.69
CA LEU C 263 -33.87 -38.10 20.27
C LEU C 263 -34.61 -39.27 19.60
N PRO C 264 -35.47 -38.97 18.63
CA PRO C 264 -36.11 -40.10 17.93
C PRO C 264 -35.13 -41.07 17.26
N ASN C 265 -35.39 -42.38 17.23
CA ASN C 265 -34.47 -43.28 16.53
C ASN C 265 -34.47 -42.90 15.06
N GLY C 266 -33.25 -42.79 14.52
CA GLY C 266 -32.98 -42.52 13.13
C GLY C 266 -33.16 -41.10 12.70
N VAL C 267 -33.11 -40.17 13.66
CA VAL C 267 -33.38 -38.79 13.36
C VAL C 267 -32.27 -38.19 12.48
N PHE C 268 -31.06 -38.74 12.59
CA PHE C 268 -29.94 -38.25 11.79
C PHE C 268 -29.61 -39.17 10.60
N ASP C 269 -30.37 -40.25 10.43
CA ASP C 269 -29.95 -41.30 9.49
C ASP C 269 -29.86 -40.82 8.04
N LYS C 270 -30.64 -39.81 7.64
CA LYS C 270 -30.67 -39.37 6.24
C LYS C 270 -29.75 -38.19 5.97
N LEU C 271 -28.99 -37.74 6.97
CA LEU C 271 -28.12 -36.58 6.77
C LEU C 271 -26.73 -36.98 6.21
N LYS C 272 -26.76 -37.46 4.98
CA LYS C 272 -25.55 -37.91 4.29
C LYS C 272 -24.43 -36.86 4.21
N SER C 273 -24.80 -35.58 4.14
CA SER C 273 -23.80 -34.52 3.96
C SER C 273 -23.32 -33.88 5.30
N LEU C 274 -23.83 -34.36 6.42
CA LEU C 274 -23.58 -33.66 7.70
C LEU C 274 -22.12 -33.76 8.11
N THR C 275 -21.52 -32.62 8.47
CA THR C 275 -20.14 -32.58 8.92
C THR C 275 -20.01 -31.95 10.28
N THR C 276 -21.03 -31.22 10.73
CA THR C 276 -21.02 -30.67 12.10
C THR C 276 -22.37 -30.80 12.76
N VAL C 277 -22.37 -31.23 14.02
CA VAL C 277 -23.60 -31.32 14.81
C VAL C 277 -23.29 -30.63 16.15
N GLY C 278 -24.34 -30.14 16.79
CA GLY C 278 -24.20 -29.49 18.07
C GLY C 278 -25.30 -30.02 18.98
N LEU C 279 -24.90 -30.59 20.12
CA LEU C 279 -25.86 -31.15 21.05
C LEU C 279 -25.55 -30.83 22.53
N SER C 280 -24.74 -29.78 22.75
CA SER C 280 -24.36 -29.22 24.09
C SER C 280 -25.55 -28.74 24.85
N GLY C 281 -25.42 -28.70 26.17
CA GLY C 281 -26.52 -28.32 27.02
C GLY C 281 -27.61 -29.40 26.97
N ASN C 282 -28.87 -28.99 26.91
CA ASN C 282 -29.90 -30.04 26.90
C ASN C 282 -29.87 -30.89 28.19
N LEU C 283 -30.71 -31.92 28.24
CA LEU C 283 -30.92 -32.68 29.47
C LEU C 283 -30.81 -34.17 29.18
N TRP C 284 -29.71 -34.59 28.55
CA TRP C 284 -29.56 -35.96 28.08
C TRP C 284 -29.69 -37.00 29.16
N GLU C 285 -30.51 -38.00 28.86
CA GLU C 285 -30.71 -39.12 29.74
C GLU C 285 -29.80 -40.25 29.34
N CYS C 286 -28.86 -40.57 30.24
CA CYS C 286 -27.95 -41.68 30.01
C CYS C 286 -28.51 -42.96 30.62
N SER C 287 -29.42 -43.56 29.88
CA SER C 287 -30.04 -44.82 30.15
C SER C 287 -30.02 -45.58 28.82
N PRO C 288 -30.71 -46.72 28.74
CA PRO C 288 -30.73 -47.43 27.45
C PRO C 288 -31.50 -46.69 26.34
N ARG C 289 -32.17 -45.61 26.71
CA ARG C 289 -32.82 -44.77 25.74
C ARG C 289 -31.81 -44.15 24.78
N VAL C 290 -30.60 -43.85 25.25
CA VAL C 290 -29.56 -43.20 24.41
C VAL C 290 -28.73 -44.06 23.47
N CYS C 291 -28.95 -45.36 23.48
CA CYS C 291 -28.00 -46.24 22.80
C CYS C 291 -27.93 -45.92 21.31
N ALA C 292 -29.08 -45.63 20.68
CA ALA C 292 -29.08 -45.28 19.26
C ALA C 292 -28.30 -43.98 19.06
N LEU C 293 -28.50 -43.02 19.98
CA LEU C 293 -27.79 -41.76 19.86
C LEU C 293 -26.30 -42.01 20.07
N ALA C 294 -25.96 -42.83 21.05
CA ALA C 294 -24.57 -43.12 21.37
C ALA C 294 -23.86 -43.84 20.24
N SER C 295 -24.56 -44.78 19.59
CA SER C 295 -23.98 -45.54 18.48
C SER C 295 -23.76 -44.62 17.27
N TRP C 296 -24.75 -43.78 16.98
CA TRP C 296 -24.61 -42.81 15.89
C TRP C 296 -23.41 -41.87 16.19
N LEU C 297 -23.32 -41.38 17.42
CA LEU C 297 -22.23 -40.47 17.77
C LEU C 297 -20.86 -41.12 17.57
N GLY C 298 -20.73 -42.38 18.01
CA GLY C 298 -19.48 -43.10 17.93
C GLY C 298 -18.93 -43.31 16.52
N SER C 299 -19.82 -43.46 15.56
CA SER C 299 -19.48 -43.70 14.17
C SER C 299 -19.67 -42.46 13.28
N PHE C 300 -19.84 -41.29 13.88
CA PHE C 300 -20.09 -40.05 13.13
C PHE C 300 -18.85 -39.48 12.48
N GLN C 301 -18.96 -39.31 11.16
CA GLN C 301 -17.89 -38.85 10.27
C GLN C 301 -17.62 -37.36 10.32
N GLY C 302 -18.18 -36.67 11.30
CA GLY C 302 -18.00 -35.23 11.43
C GLY C 302 -17.47 -34.90 12.82
N ARG C 303 -17.77 -33.68 13.27
CA ARG C 303 -17.28 -33.18 14.55
C ARG C 303 -18.39 -32.48 15.31
N TRP C 304 -18.17 -32.26 16.59
CA TRP C 304 -19.01 -31.38 17.40
C TRP C 304 -18.09 -30.56 18.29
N GLU C 305 -18.41 -29.29 18.46
CA GLU C 305 -17.46 -28.33 19.03
C GLU C 305 -17.44 -28.26 20.54
N HIS C 306 -18.51 -28.72 21.17
CA HIS C 306 -18.64 -28.65 22.62
C HIS C 306 -19.09 -30.02 23.14
N SER C 307 -18.69 -30.34 24.36
CA SER C 307 -18.91 -31.68 24.92
C SER C 307 -20.39 -32.04 25.15
N ILE C 308 -20.69 -33.29 24.86
CA ILE C 308 -22.03 -33.78 25.02
C ILE C 308 -22.13 -34.64 26.26
N LEU C 309 -22.86 -34.13 27.23
CA LEU C 309 -22.87 -34.67 28.57
C LEU C 309 -24.20 -35.27 29.02
N CYS C 310 -24.09 -36.22 29.95
CA CYS C 310 -25.23 -36.82 30.65
C CYS C 310 -25.78 -35.82 31.67
N HIS C 311 -27.10 -35.71 31.74
CA HIS C 311 -27.74 -34.86 32.74
C HIS C 311 -28.39 -35.70 33.85
N SER C 312 -28.93 -36.84 33.45
CA SER C 312 -29.58 -37.78 34.34
C SER C 312 -29.26 -39.19 33.84
N PRO C 313 -29.31 -40.19 34.74
CA PRO C 313 -29.68 -40.03 36.14
C PRO C 313 -28.52 -39.43 36.93
N ASP C 314 -28.73 -39.18 38.22
CA ASP C 314 -27.78 -38.45 39.06
C ASP C 314 -26.33 -39.02 39.03
N HIS C 315 -26.16 -40.34 39.00
CA HIS C 315 -24.82 -40.98 39.04
C HIS C 315 -24.02 -40.96 37.72
N THR C 316 -24.60 -40.33 36.71
CA THR C 316 -23.97 -40.19 35.41
C THR C 316 -23.84 -38.72 35.07
N GLN C 317 -24.41 -37.87 35.92
CA GLN C 317 -24.43 -36.43 35.62
C GLN C 317 -23.01 -35.91 35.43
N GLY C 318 -22.70 -35.39 34.24
CA GLY C 318 -21.39 -34.81 34.01
C GLY C 318 -20.49 -35.61 33.10
N GLU C 319 -20.77 -36.90 33.00
CA GLU C 319 -19.94 -37.79 32.19
C GLU C 319 -20.29 -37.60 30.70
N ASP C 320 -19.30 -37.74 29.82
CA ASP C 320 -19.48 -37.75 28.37
C ASP C 320 -20.40 -38.92 28.04
N ILE C 321 -21.38 -38.68 27.19
CA ILE C 321 -22.34 -39.74 26.86
C ILE C 321 -21.63 -41.00 26.48
N LEU C 322 -20.59 -40.86 25.64
CA LEU C 322 -19.86 -42.00 25.12
C LEU C 322 -19.06 -42.72 26.17
N ASP C 323 -18.64 -42.01 27.20
CA ASP C 323 -17.90 -42.61 28.30
C ASP C 323 -18.91 -43.27 29.22
N ALA C 324 -20.04 -42.61 29.44
CA ALA C 324 -21.06 -43.19 30.30
C ALA C 324 -21.58 -44.49 29.69
N VAL C 325 -21.76 -44.52 28.37
CA VAL C 325 -22.27 -45.74 27.72
C VAL C 325 -21.32 -46.94 27.88
N HIS C 326 -20.00 -46.69 27.78
CA HIS C 326 -19.01 -47.76 27.93
C HIS C 326 -18.81 -48.00 29.43
N GLY C 327 -18.71 -46.90 30.18
CA GLY C 327 -18.47 -46.98 31.62
C GLY C 327 -19.56 -47.64 32.46
N PHE C 328 -20.82 -47.48 32.10
CA PHE C 328 -21.91 -48.10 32.86
C PHE C 328 -22.59 -49.20 32.03
N GLN C 329 -21.90 -49.68 30.98
CA GLN C 329 -22.42 -50.71 30.08
C GLN C 329 -23.94 -50.54 29.90
N LEU C 330 -24.36 -49.47 29.24
CA LEU C 330 -25.78 -49.21 29.05
C LEU C 330 -26.29 -49.80 27.74
N CYS C 331 -25.36 -50.11 26.84
CA CYS C 331 -25.71 -50.68 25.56
C CYS C 331 -24.89 -51.96 25.32
N MET D 3 7.11 -21.73 -12.79
CA MET D 3 8.51 -21.23 -12.58
C MET D 3 8.92 -21.36 -11.09
N ALA D 4 9.99 -22.11 -10.86
CA ALA D 4 10.47 -22.42 -9.50
C ALA D 4 11.24 -21.26 -8.85
N CYS D 5 10.89 -20.90 -7.63
CA CYS D 5 11.65 -19.85 -6.94
C CYS D 5 12.57 -20.45 -5.86
N PRO D 6 13.87 -20.13 -5.95
CA PRO D 6 14.87 -20.69 -5.03
C PRO D 6 14.54 -20.37 -3.59
N PRO D 7 14.91 -21.29 -2.68
CA PRO D 7 14.61 -21.10 -1.27
C PRO D 7 15.23 -19.81 -0.73
N LYS D 8 14.46 -19.16 0.13
CA LYS D 8 14.81 -17.89 0.78
C LYS D 8 14.80 -16.73 -0.22
N CYS D 9 14.62 -17.01 -1.52
CA CYS D 9 14.56 -15.94 -2.51
C CYS D 9 13.12 -15.46 -2.68
N ARG D 10 12.99 -14.31 -3.31
CA ARG D 10 11.71 -13.69 -3.60
C ARG D 10 11.56 -13.44 -5.12
N CYS D 11 10.55 -14.02 -5.75
CA CYS D 11 10.45 -13.91 -7.22
C CYS D 11 9.19 -13.20 -7.74
N GLU D 12 9.41 -12.18 -8.55
CA GLU D 12 8.29 -11.47 -9.15
C GLU D 12 8.40 -11.70 -10.67
N LYS D 13 7.63 -12.67 -11.17
CA LYS D 13 7.71 -13.09 -12.57
C LYS D 13 9.21 -13.29 -12.85
N LEU D 14 9.78 -12.60 -13.82
CA LEU D 14 11.17 -12.86 -14.18
C LEU D 14 12.19 -11.95 -13.45
N LEU D 15 11.81 -11.36 -12.33
CA LEU D 15 12.78 -10.62 -11.51
C LEU D 15 13.00 -11.41 -10.26
N PHE D 16 14.24 -11.86 -10.04
CA PHE D 16 14.59 -12.69 -8.89
C PHE D 16 15.36 -11.85 -7.92
N TYR D 17 14.83 -11.74 -6.72
CA TYR D 17 15.47 -11.00 -5.64
C TYR D 17 16.07 -11.98 -4.69
N CYS D 18 17.34 -12.28 -4.90
CA CYS D 18 18.02 -13.24 -4.04
C CYS D 18 18.98 -12.51 -3.13
N ASP D 19 18.49 -11.42 -2.58
CA ASP D 19 19.30 -10.52 -1.76
C ASP D 19 19.09 -10.70 -0.27
N SER D 20 20.08 -10.21 0.49
CA SER D 20 19.94 -10.02 1.92
C SER D 20 19.70 -11.34 2.68
N GLN D 21 20.30 -12.40 2.20
CA GLN D 21 20.09 -13.73 2.77
C GLN D 21 21.38 -14.35 3.31
N GLY D 22 22.46 -13.59 3.30
CA GLY D 22 23.74 -14.11 3.77
C GLY D 22 24.28 -15.25 2.91
N PHE D 23 23.95 -15.28 1.61
CA PHE D 23 24.44 -16.37 0.76
C PHE D 23 25.96 -16.33 0.62
N HIS D 24 26.55 -17.49 0.34
CA HIS D 24 27.98 -17.61 0.15
C HIS D 24 28.29 -17.97 -1.30
N SER D 25 27.25 -18.25 -2.04
CA SER D 25 27.41 -18.64 -3.42
C SER D 25 26.11 -18.31 -4.15
N VAL D 26 26.18 -18.22 -5.48
CA VAL D 26 24.96 -17.94 -6.22
C VAL D 26 24.08 -19.17 -6.20
N PRO D 27 22.80 -18.99 -5.83
CA PRO D 27 21.85 -20.09 -5.74
C PRO D 27 21.69 -20.80 -7.06
N ASN D 28 21.43 -22.10 -7.04
CA ASN D 28 20.93 -22.79 -8.22
C ASN D 28 19.41 -22.70 -8.07
N GLY D 29 18.63 -22.88 -9.13
CA GLY D 29 19.09 -22.93 -10.49
C GLY D 29 18.26 -21.87 -11.18
N LEU D 30 18.89 -20.72 -11.38
CA LEU D 30 18.23 -19.60 -11.99
C LEU D 30 17.80 -19.96 -13.42
N PRO D 31 16.67 -19.43 -13.88
CA PRO D 31 16.07 -19.71 -15.19
C PRO D 31 16.73 -18.95 -16.32
N SER D 32 16.71 -19.52 -17.53
CA SER D 32 17.43 -18.94 -18.65
C SER D 32 16.75 -17.65 -19.12
N GLN D 33 15.56 -17.36 -18.61
CA GLN D 33 14.80 -16.20 -19.09
C GLN D 33 14.80 -15.00 -18.12
N LEU D 34 15.55 -15.07 -17.02
CA LEU D 34 15.57 -13.93 -16.08
C LEU D 34 15.79 -12.59 -16.74
N LEU D 35 14.99 -11.61 -16.35
CA LEU D 35 15.13 -10.25 -16.86
C LEU D 35 15.93 -9.42 -15.82
N GLY D 36 15.89 -9.82 -14.55
CA GLY D 36 16.56 -9.07 -13.51
C GLY D 36 16.95 -9.95 -12.35
N LEU D 37 18.12 -9.68 -11.78
CA LEU D 37 18.59 -10.48 -10.65
C LEU D 37 19.30 -9.61 -9.61
N SER D 38 18.90 -9.75 -8.36
CA SER D 38 19.55 -9.01 -7.29
C SER D 38 20.20 -10.02 -6.38
N LEU D 39 21.50 -9.82 -6.15
CA LEU D 39 22.22 -10.64 -5.21
C LEU D 39 22.95 -9.76 -4.18
N ARG D 40 22.37 -8.60 -3.86
CA ARG D 40 23.06 -7.62 -3.04
C ARG D 40 22.92 -8.05 -1.56
N HIS D 41 23.80 -7.55 -0.73
CA HIS D 41 23.77 -7.80 0.73
C HIS D 41 23.83 -9.28 1.05
N ASN D 42 24.84 -9.95 0.50
CA ASN D 42 25.10 -11.34 0.79
C ASN D 42 26.58 -11.52 1.24
N GLN D 43 27.06 -12.74 1.45
CA GLN D 43 28.49 -13.00 1.75
C GLN D 43 29.25 -13.51 0.54
N LEU D 44 29.21 -12.79 -0.56
CA LEU D 44 29.76 -13.34 -1.77
C LEU D 44 31.18 -12.79 -1.79
N GLN D 45 32.19 -13.66 -1.73
CA GLN D 45 33.59 -13.21 -1.70
C GLN D 45 34.27 -13.54 -3.04
N SER D 46 33.74 -14.54 -3.75
CA SER D 46 34.23 -14.92 -5.07
C SER D 46 33.02 -15.39 -5.89
N LEU D 47 33.16 -15.36 -7.22
CA LEU D 47 32.17 -15.89 -8.18
C LEU D 47 32.76 -17.04 -8.98
N PRO D 48 31.99 -18.12 -9.16
CA PRO D 48 32.45 -19.20 -10.05
C PRO D 48 32.60 -18.70 -11.49
N ASN D 49 33.61 -19.18 -12.21
CA ASN D 49 33.68 -18.93 -13.65
C ASN D 49 32.33 -19.25 -14.32
N GLY D 50 31.90 -18.40 -15.25
CA GLY D 50 30.70 -18.67 -16.03
C GLY D 50 29.40 -18.80 -15.26
N VAL D 51 29.40 -18.38 -14.00
CA VAL D 51 28.24 -18.59 -13.14
C VAL D 51 26.96 -17.94 -13.69
N PHE D 52 27.12 -16.92 -14.53
CA PHE D 52 25.96 -16.22 -15.10
C PHE D 52 25.73 -16.53 -16.56
N ASP D 53 26.54 -17.42 -17.15
CA ASP D 53 26.48 -17.63 -18.61
C ASP D 53 25.10 -17.92 -19.19
N LYS D 54 24.24 -18.63 -18.46
CA LYS D 54 22.94 -19.02 -19.02
C LYS D 54 21.91 -17.85 -19.02
N LEU D 55 22.18 -16.81 -18.24
CA LEU D 55 21.24 -15.68 -18.06
C LEU D 55 21.28 -14.62 -19.19
N THR D 56 21.11 -15.06 -20.42
CA THR D 56 21.37 -14.21 -21.58
C THR D 56 20.40 -13.03 -21.73
N GLN D 57 19.27 -13.07 -21.03
CA GLN D 57 18.23 -12.05 -21.21
C GLN D 57 18.25 -10.98 -20.09
N LEU D 58 19.22 -11.10 -19.20
CA LEU D 58 19.29 -10.25 -18.02
C LEU D 58 19.42 -8.80 -18.47
N THR D 59 18.61 -7.92 -17.92
CA THR D 59 18.78 -6.49 -18.17
C THR D 59 19.42 -5.68 -17.02
N TRP D 60 19.33 -6.20 -15.80
CA TRP D 60 19.92 -5.56 -14.63
C TRP D 60 20.40 -6.61 -13.69
N LEU D 61 21.58 -6.34 -13.14
CA LEU D 61 22.23 -7.24 -12.20
C LEU D 61 22.83 -6.44 -11.04
N HIS D 62 22.43 -6.80 -9.83
CA HIS D 62 22.89 -6.12 -8.62
C HIS D 62 23.73 -7.04 -7.74
N LEU D 63 24.96 -6.65 -7.51
CA LEU D 63 25.86 -7.40 -6.67
C LEU D 63 26.44 -6.52 -5.55
N ASP D 64 25.76 -5.44 -5.20
CA ASP D 64 26.34 -4.50 -4.27
C ASP D 64 26.34 -5.01 -2.81
N HIS D 65 27.34 -4.55 -2.04
CA HIS D 65 27.46 -4.85 -0.59
C HIS D 65 27.64 -6.34 -0.36
N ASN D 66 28.63 -6.90 -1.04
CA ASN D 66 29.10 -8.25 -0.81
C ASN D 66 30.57 -8.08 -0.38
N GLN D 67 31.44 -9.05 -0.72
CA GLN D 67 32.86 -8.96 -0.36
C GLN D 67 33.70 -9.51 -1.50
N LEU D 68 33.25 -9.22 -2.69
CA LEU D 68 33.93 -9.69 -3.86
C LEU D 68 35.34 -9.08 -3.88
N GLN D 69 36.36 -9.95 -3.97
CA GLN D 69 37.77 -9.54 -4.01
C GLN D 69 38.31 -9.51 -5.45
N SER D 70 37.64 -10.25 -6.32
CA SER D 70 38.07 -10.33 -7.69
C SER D 70 36.88 -10.70 -8.55
N LEU D 71 37.05 -10.58 -9.85
CA LEU D 71 36.01 -10.92 -10.81
C LEU D 71 36.61 -11.96 -11.70
N PRO D 72 35.89 -13.06 -11.93
CA PRO D 72 36.45 -14.04 -12.84
C PRO D 72 36.59 -13.42 -14.21
N ASN D 73 37.45 -13.98 -15.04
CA ASN D 73 37.61 -13.48 -16.40
C ASN D 73 36.39 -13.84 -17.18
N GLY D 74 35.72 -12.86 -17.79
CA GLY D 74 34.62 -13.17 -18.69
C GLY D 74 33.24 -13.35 -18.09
N VAL D 75 33.15 -13.20 -16.76
CA VAL D 75 31.89 -13.43 -16.04
C VAL D 75 30.67 -12.71 -16.57
N PHE D 76 30.91 -11.58 -17.23
CA PHE D 76 29.81 -10.76 -17.73
C PHE D 76 29.63 -10.91 -19.23
N ASP D 77 30.48 -11.68 -19.90
CA ASP D 77 30.44 -11.80 -21.38
C ASP D 77 29.15 -12.23 -22.09
N LYS D 78 28.35 -13.06 -21.45
CA LYS D 78 27.10 -13.52 -22.08
C LYS D 78 25.90 -12.62 -21.83
N LEU D 79 26.07 -11.58 -21.01
CA LEU D 79 24.96 -10.69 -20.62
C LEU D 79 24.79 -9.49 -21.52
N THR D 80 24.64 -9.76 -22.81
CA THR D 80 24.68 -8.74 -23.84
C THR D 80 23.54 -7.76 -23.79
N LYS D 81 22.50 -8.08 -23.05
CA LYS D 81 21.34 -7.19 -23.02
C LYS D 81 21.38 -6.26 -21.78
N LEU D 82 22.42 -6.43 -20.97
CA LEU D 82 22.51 -5.69 -19.72
C LEU D 82 22.53 -4.17 -19.90
N THR D 83 21.66 -3.49 -19.17
CA THR D 83 21.64 -2.04 -19.15
C THR D 83 22.15 -1.44 -17.82
N GLU D 84 22.14 -2.24 -16.76
CA GLU D 84 22.59 -1.76 -15.44
C GLU D 84 23.42 -2.80 -14.72
N LEU D 85 24.62 -2.42 -14.32
CA LEU D 85 25.48 -3.33 -13.56
C LEU D 85 25.92 -2.65 -12.24
N ILE D 86 25.50 -3.17 -11.10
CA ILE D 86 25.87 -2.51 -9.85
C ILE D 86 26.81 -3.39 -9.02
N LEU D 87 28.00 -2.88 -8.78
CA LEU D 87 29.04 -3.66 -8.14
C LEU D 87 29.57 -2.90 -6.93
N SER D 88 28.82 -1.90 -6.49
CA SER D 88 29.28 -1.01 -5.44
C SER D 88 29.48 -1.70 -4.07
N SER D 89 30.31 -1.11 -3.22
CA SER D 89 30.53 -1.65 -1.83
C SER D 89 30.94 -3.13 -1.84
N ASN D 90 32.12 -3.38 -2.43
CA ASN D 90 32.80 -4.67 -2.43
C ASN D 90 34.32 -4.47 -2.19
N GLN D 91 35.17 -5.41 -2.58
CA GLN D 91 36.60 -5.28 -2.26
C GLN D 91 37.46 -5.49 -3.49
N LEU D 92 36.97 -5.03 -4.63
CA LEU D 92 37.68 -5.19 -5.87
C LEU D 92 38.94 -4.31 -5.90
N GLN D 93 40.08 -4.92 -6.23
CA GLN D 93 41.37 -4.22 -6.32
C GLN D 93 41.78 -3.94 -7.78
N SER D 94 41.32 -4.80 -8.65
CA SER D 94 41.61 -4.66 -10.05
C SER D 94 40.42 -5.13 -10.85
N LEU D 95 40.42 -4.81 -12.13
CA LEU D 95 39.40 -5.26 -13.08
C LEU D 95 40.13 -6.05 -14.14
N PRO D 96 39.58 -7.22 -14.52
CA PRO D 96 40.21 -7.95 -15.63
C PRO D 96 40.10 -7.17 -16.95
N ASN D 97 41.08 -7.27 -17.85
CA ASN D 97 40.96 -6.58 -19.12
C ASN D 97 39.74 -7.20 -19.84
N GLY D 98 38.93 -6.35 -20.46
CA GLY D 98 37.75 -6.75 -21.22
C GLY D 98 36.53 -7.18 -20.43
N THR D 99 36.52 -6.89 -19.13
CA THR D 99 35.47 -7.38 -18.24
C THR D 99 34.12 -6.90 -18.72
N PHE D 100 34.09 -5.71 -19.30
CA PHE D 100 32.83 -5.14 -19.76
C PHE D 100 32.63 -5.09 -21.27
N ASP D 101 33.53 -5.67 -22.07
CA ASP D 101 33.51 -5.52 -23.55
C ASP D 101 32.22 -5.93 -24.29
N LYS D 102 31.51 -6.90 -23.74
CA LYS D 102 30.32 -7.42 -24.38
C LYS D 102 29.08 -6.66 -23.92
N LEU D 103 29.23 -5.75 -22.96
CA LEU D 103 28.06 -5.03 -22.41
C LEU D 103 27.75 -3.77 -23.22
N THR D 104 27.53 -3.93 -24.51
CA THR D 104 27.39 -2.78 -25.40
C THR D 104 26.11 -1.97 -25.20
N ASN D 105 25.18 -2.53 -24.47
CA ASN D 105 23.92 -1.83 -24.14
C ASN D 105 23.96 -1.22 -22.72
N LEU D 106 25.10 -1.30 -22.05
CA LEU D 106 25.14 -0.85 -20.67
C LEU D 106 24.84 0.66 -20.58
N GLN D 107 23.98 1.05 -19.65
CA GLN D 107 23.63 2.47 -19.48
C GLN D 107 24.15 2.99 -18.12
N ASN D 108 24.18 2.13 -17.10
CA ASN D 108 24.65 2.51 -15.76
C ASN D 108 25.63 1.50 -15.21
N LEU D 109 26.84 1.95 -14.88
CA LEU D 109 27.87 1.08 -14.28
C LEU D 109 28.31 1.71 -12.92
N ASP D 110 28.12 0.99 -11.83
CA ASP D 110 28.40 1.56 -10.54
C ASP D 110 29.49 0.73 -9.85
N LEU D 111 30.67 1.36 -9.69
CA LEU D 111 31.83 0.70 -9.08
C LEU D 111 32.26 1.41 -7.75
N SER D 112 31.37 2.21 -7.20
CA SER D 112 31.65 2.98 -6.00
C SER D 112 31.96 2.08 -4.79
N PHE D 113 32.77 2.60 -3.87
CA PHE D 113 33.11 1.89 -2.60
C PHE D 113 33.66 0.51 -2.88
N ASN D 114 34.73 0.50 -3.65
CA ASN D 114 35.58 -0.66 -3.88
C ASN D 114 37.02 -0.22 -3.60
N GLN D 115 38.01 -1.01 -3.98
CA GLN D 115 39.42 -0.63 -3.68
C GLN D 115 40.29 -0.65 -4.94
N LEU D 116 39.72 -0.20 -6.06
CA LEU D 116 40.42 -0.17 -7.32
C LEU D 116 41.63 0.75 -7.30
N GLN D 117 42.76 0.18 -7.68
CA GLN D 117 44.00 0.95 -7.61
C GLN D 117 44.38 1.43 -9.03
N SER D 118 43.79 0.80 -10.05
CA SER D 118 44.04 1.22 -11.43
C SER D 118 42.89 0.77 -12.31
N LEU D 119 42.83 1.32 -13.52
CA LEU D 119 41.86 0.88 -14.53
C LEU D 119 42.58 0.29 -15.72
N PRO D 120 42.11 -0.87 -16.21
CA PRO D 120 42.73 -1.40 -17.41
C PRO D 120 42.62 -0.43 -18.57
N ASN D 121 43.63 -0.45 -19.42
CA ASN D 121 43.57 0.31 -20.65
C ASN D 121 42.36 -0.18 -21.47
N GLY D 122 41.55 0.76 -21.96
CA GLY D 122 40.43 0.46 -22.83
C GLY D 122 39.22 -0.20 -22.18
N VAL D 123 39.19 -0.20 -20.85
CA VAL D 123 38.12 -0.85 -20.09
C VAL D 123 36.71 -0.37 -20.34
N PHE D 124 36.57 0.87 -20.75
CA PHE D 124 35.23 1.40 -21.00
C PHE D 124 34.97 1.59 -22.47
N ASP D 125 35.91 1.18 -23.29
CA ASP D 125 35.88 1.50 -24.73
C ASP D 125 34.67 0.98 -25.52
N LYS D 126 34.02 -0.09 -25.06
CA LYS D 126 32.88 -0.66 -25.77
C LYS D 126 31.54 -0.13 -25.26
N LEU D 127 31.58 0.72 -24.23
CA LEU D 127 30.36 1.16 -23.57
C LEU D 127 29.82 2.46 -24.14
N THR D 128 29.55 2.45 -25.45
CA THR D 128 29.15 3.66 -26.18
C THR D 128 27.78 4.21 -25.78
N ASN D 129 26.97 3.42 -25.10
CA ASN D 129 25.70 3.92 -24.61
C ASN D 129 25.74 4.27 -23.11
N LEU D 130 26.90 4.15 -22.46
CA LEU D 130 26.94 4.47 -21.02
C LEU D 130 26.46 5.91 -20.75
N GLN D 131 25.55 6.06 -19.79
CA GLN D 131 25.06 7.37 -19.41
C GLN D 131 25.69 7.82 -18.07
N THR D 132 25.87 6.85 -17.17
CA THR D 132 26.28 7.12 -15.80
C THR D 132 27.42 6.19 -15.39
N LEU D 133 28.50 6.78 -14.91
CA LEU D 133 29.64 5.99 -14.46
C LEU D 133 30.07 6.40 -13.04
N HIS D 134 29.96 5.47 -12.08
CA HIS D 134 30.29 5.75 -10.65
C HIS D 134 31.58 5.09 -10.23
N LEU D 135 32.60 5.90 -9.91
CA LEU D 135 33.90 5.36 -9.48
C LEU D 135 34.27 5.95 -8.08
N ARG D 136 33.25 6.41 -7.38
CA ARG D 136 33.48 7.13 -6.14
C ARG D 136 34.10 6.24 -5.05
N SER D 137 34.97 6.84 -4.25
CA SER D 137 35.54 6.11 -3.09
C SER D 137 36.28 4.81 -3.46
N ASN D 138 37.28 4.95 -4.33
CA ASN D 138 38.20 3.87 -4.65
C ASN D 138 39.63 4.33 -4.33
N GLN D 139 40.61 3.72 -4.98
CA GLN D 139 42.00 4.04 -4.64
C GLN D 139 42.74 4.45 -5.90
N LEU D 140 42.05 5.08 -6.87
CA LEU D 140 42.71 5.40 -8.15
C LEU D 140 43.73 6.53 -7.96
N GLN D 141 44.95 6.27 -8.42
CA GLN D 141 46.00 7.27 -8.33
C GLN D 141 46.26 7.98 -9.64
N SER D 142 45.90 7.31 -10.73
CA SER D 142 46.04 7.90 -12.05
C SER D 142 44.97 7.33 -12.98
N LEU D 143 44.80 7.95 -14.15
CA LEU D 143 43.81 7.50 -15.13
C LEU D 143 44.51 7.21 -16.43
N PRO D 144 44.16 6.07 -17.08
CA PRO D 144 44.81 5.88 -18.38
C PRO D 144 44.40 7.00 -19.34
N ASN D 145 45.30 7.37 -20.25
CA ASN D 145 44.96 8.37 -21.24
C ASN D 145 43.84 7.81 -22.12
N GLY D 146 42.94 8.68 -22.58
CA GLY D 146 41.88 8.26 -23.48
C GLY D 146 40.83 7.31 -22.90
N VAL D 147 40.85 7.09 -21.59
CA VAL D 147 39.99 6.10 -20.91
C VAL D 147 38.52 6.39 -21.03
N PHE D 148 38.14 7.66 -21.16
CA PHE D 148 36.72 8.00 -21.34
C PHE D 148 36.34 8.37 -22.76
N ASP D 149 37.29 8.25 -23.68
CA ASP D 149 37.15 8.81 -25.03
C ASP D 149 35.94 8.28 -25.81
N LYS D 150 35.53 7.04 -25.54
CA LYS D 150 34.43 6.42 -26.27
C LYS D 150 33.05 6.60 -25.65
N LEU D 151 32.99 7.26 -24.48
CA LEU D 151 31.75 7.39 -23.72
C LEU D 151 30.94 8.62 -24.16
N THR D 152 30.57 8.67 -25.43
CA THR D 152 29.95 9.87 -25.99
C THR D 152 28.54 10.13 -25.48
N SER D 153 27.88 9.12 -24.92
CA SER D 153 26.57 9.38 -24.33
C SER D 153 26.64 9.73 -22.82
N LEU D 154 27.83 9.77 -22.26
CA LEU D 154 27.92 9.96 -20.80
C LEU D 154 27.42 11.34 -20.36
N THR D 155 26.51 11.34 -19.40
CA THR D 155 26.00 12.58 -18.81
C THR D 155 26.44 12.75 -17.30
N PHE D 156 26.89 11.68 -16.66
CA PHE D 156 27.28 11.73 -15.23
C PHE D 156 28.59 10.99 -14.99
N LEU D 157 29.57 11.65 -14.38
CA LEU D 157 30.85 10.99 -14.09
C LEU D 157 31.30 11.28 -12.64
N ASP D 158 31.43 10.25 -11.83
CA ASP D 158 31.82 10.48 -10.45
C ASP D 158 33.17 9.83 -10.18
N LEU D 159 34.19 10.68 -10.03
CA LEU D 159 35.56 10.25 -9.69
C LEU D 159 35.94 10.71 -8.26
N SER D 160 34.95 11.04 -7.46
CA SER D 160 35.21 11.64 -6.14
C SER D 160 35.89 10.65 -5.21
N THR D 161 36.64 11.16 -4.26
CA THR D 161 37.24 10.32 -3.22
C THR D 161 38.08 9.17 -3.78
N ASN D 162 39.00 9.52 -4.62
CA ASN D 162 40.05 8.61 -4.99
C ASN D 162 41.37 9.20 -4.48
N GLN D 163 42.48 8.84 -5.11
CA GLN D 163 43.81 9.33 -4.73
C GLN D 163 44.49 10.03 -5.93
N LEU D 164 43.72 10.63 -6.82
CA LEU D 164 44.28 11.17 -8.07
C LEU D 164 45.18 12.36 -7.81
N GLN D 165 46.42 12.29 -8.29
CA GLN D 165 47.37 13.37 -8.10
C GLN D 165 47.42 14.25 -9.35
N SER D 166 46.88 13.75 -10.45
CA SER D 166 46.84 14.50 -11.69
C SER D 166 45.81 13.94 -12.65
N LEU D 167 45.44 14.77 -13.62
CA LEU D 167 44.56 14.40 -14.71
C LEU D 167 45.32 14.47 -16.03
N PRO D 168 45.16 13.45 -16.89
CA PRO D 168 45.84 13.56 -18.19
C PRO D 168 45.23 14.67 -19.04
N ASN D 169 46.01 15.26 -19.95
CA ASN D 169 45.47 16.29 -20.83
C ASN D 169 44.39 15.70 -21.73
N GLY D 170 43.29 16.45 -21.88
CA GLY D 170 42.20 16.03 -22.74
C GLY D 170 41.33 14.88 -22.22
N VAL D 171 41.54 14.44 -20.98
CA VAL D 171 40.87 13.24 -20.49
C VAL D 171 39.37 13.35 -20.63
N PHE D 172 38.84 14.58 -20.61
CA PHE D 172 37.38 14.78 -20.74
C PHE D 172 36.88 15.30 -22.11
N ASP D 173 37.77 15.36 -23.09
CA ASP D 173 37.47 16.06 -24.32
C ASP D 173 36.30 15.49 -25.15
N LYS D 174 35.99 14.19 -25.02
CA LYS D 174 34.90 13.59 -25.80
C LYS D 174 33.49 13.58 -25.15
N LEU D 175 33.41 13.95 -23.87
CA LEU D 175 32.18 13.86 -23.07
C LEU D 175 31.30 15.10 -23.26
N THR D 176 30.91 15.34 -24.51
CA THR D 176 30.21 16.55 -24.86
C THR D 176 28.82 16.64 -24.29
N ASN D 177 28.26 15.49 -23.93
CA ASN D 177 26.96 15.48 -23.31
C ASN D 177 27.05 15.46 -21.77
N LEU D 178 28.26 15.54 -21.24
CA LEU D 178 28.43 15.46 -19.77
C LEU D 178 27.70 16.61 -19.06
N ARG D 179 26.89 16.28 -18.05
CA ARG D 179 26.16 17.31 -17.31
C ARG D 179 26.77 17.53 -15.91
N GLU D 180 27.22 16.45 -15.31
CA GLU D 180 27.68 16.51 -13.91
C GLU D 180 29.00 15.77 -13.76
N LEU D 181 30.00 16.45 -13.20
CA LEU D 181 31.33 15.87 -12.99
C LEU D 181 31.84 16.05 -11.50
N HIS D 182 32.12 14.93 -10.85
CA HIS D 182 32.62 14.93 -9.44
C HIS D 182 34.08 14.59 -9.37
N LEU D 183 34.91 15.56 -8.96
CA LEU D 183 36.34 15.36 -8.76
C LEU D 183 36.76 15.71 -7.32
N GLU D 184 35.77 15.93 -6.45
CA GLU D 184 36.10 16.37 -5.09
C GLU D 184 36.85 15.30 -4.28
N HIS D 185 37.64 15.75 -3.32
CA HIS D 185 38.38 14.83 -2.42
C HIS D 185 39.35 13.89 -3.11
N ASN D 186 40.09 14.41 -4.09
CA ASN D 186 41.29 13.77 -4.62
C ASN D 186 42.52 14.61 -4.17
N GLN D 187 43.64 14.53 -4.88
CA GLN D 187 44.85 15.21 -4.44
C GLN D 187 45.42 16.10 -5.52
N LEU D 188 44.54 16.69 -6.34
CA LEU D 188 44.96 17.58 -7.44
C LEU D 188 45.52 18.91 -6.92
N GLN D 189 46.65 19.31 -7.49
CA GLN D 189 47.26 20.61 -7.16
C GLN D 189 47.23 21.62 -8.31
N SER D 190 46.86 21.14 -9.48
CA SER D 190 46.66 22.00 -10.62
C SER D 190 45.64 21.35 -11.58
N LEU D 191 45.15 22.12 -12.55
CA LEU D 191 44.28 21.56 -13.55
C LEU D 191 44.96 21.86 -14.85
N PRO D 192 44.97 20.88 -15.78
CA PRO D 192 45.56 21.12 -17.10
C PRO D 192 44.81 22.22 -17.84
N ASN D 193 45.50 23.00 -18.65
CA ASN D 193 44.84 24.02 -19.42
C ASN D 193 43.85 23.40 -20.36
N GLY D 194 42.68 24.04 -20.45
CA GLY D 194 41.60 23.57 -21.29
C GLY D 194 40.95 22.26 -20.91
N VAL D 195 41.18 21.81 -19.69
CA VAL D 195 40.71 20.49 -19.28
C VAL D 195 39.17 20.39 -19.40
N PHE D 196 38.48 21.51 -19.21
CA PHE D 196 37.04 21.50 -19.24
C PHE D 196 36.45 22.09 -20.52
N ASP D 197 37.29 22.52 -21.44
CA ASP D 197 36.79 23.34 -22.54
C ASP D 197 35.69 22.69 -23.41
N LYS D 198 35.67 21.37 -23.52
CA LYS D 198 34.67 20.68 -24.37
C LYS D 198 33.36 20.32 -23.64
N LEU D 199 33.28 20.58 -22.34
CA LEU D 199 32.10 20.17 -21.58
C LEU D 199 31.02 21.25 -21.72
N THR D 200 30.58 21.53 -22.94
CA THR D 200 29.71 22.69 -23.12
C THR D 200 28.31 22.52 -22.51
N SER D 201 27.92 21.28 -22.19
CA SER D 201 26.61 21.04 -21.58
C SER D 201 26.77 20.87 -20.05
N LEU D 202 27.97 21.05 -19.53
CA LEU D 202 28.18 20.79 -18.10
C LEU D 202 27.32 21.73 -17.21
N THR D 203 26.55 21.17 -16.28
CA THR D 203 25.72 22.02 -15.42
C THR D 203 26.24 22.03 -13.96
N THR D 204 27.04 21.03 -13.64
CA THR D 204 27.52 20.88 -12.28
C THR D 204 28.98 20.41 -12.25
N LEU D 205 29.82 21.15 -11.51
CA LEU D 205 31.25 20.87 -11.42
C LEU D 205 31.73 20.92 -9.96
N PHE D 206 32.20 19.78 -9.46
CA PHE D 206 32.60 19.64 -8.03
C PHE D 206 34.12 19.44 -7.89
N LEU D 207 34.81 20.40 -7.30
CA LEU D 207 36.27 20.32 -7.20
C LEU D 207 36.79 20.46 -5.76
N GLN D 208 35.88 20.36 -4.80
CA GLN D 208 36.20 20.73 -3.44
C GLN D 208 37.17 19.75 -2.78
N TRP D 209 38.01 20.33 -1.92
CA TRP D 209 38.92 19.55 -1.07
C TRP D 209 39.88 18.72 -1.90
N ASN D 210 40.28 19.27 -3.03
CA ASN D 210 41.57 18.94 -3.62
C ASN D 210 42.64 19.85 -2.97
N GLN D 211 43.77 20.07 -3.64
CA GLN D 211 44.83 20.95 -3.16
C GLN D 211 45.12 22.01 -4.21
N LEU D 212 44.10 22.49 -4.90
CA LEU D 212 44.39 23.46 -5.96
C LEU D 212 44.97 24.72 -5.37
N GLN D 213 46.08 25.16 -5.93
CA GLN D 213 46.79 26.37 -5.49
C GLN D 213 46.59 27.54 -6.45
N SER D 214 46.17 27.20 -7.67
CA SER D 214 45.89 28.19 -8.69
C SER D 214 44.86 27.61 -9.63
N LEU D 215 44.24 28.49 -10.39
CA LEU D 215 43.39 28.09 -11.50
C LEU D 215 43.96 28.67 -12.78
N PRO D 216 44.05 27.83 -13.84
CA PRO D 216 44.50 28.34 -15.13
C PRO D 216 43.55 29.40 -15.67
N ASN D 217 44.11 30.41 -16.35
CA ASN D 217 43.28 31.39 -17.02
C ASN D 217 42.35 30.73 -18.02
N GLY D 218 41.10 31.19 -18.04
CA GLY D 218 40.13 30.71 -19.00
C GLY D 218 39.59 29.34 -18.69
N VAL D 219 39.96 28.77 -17.55
CA VAL D 219 39.66 27.37 -17.26
C VAL D 219 38.15 27.07 -17.29
N PHE D 220 37.33 28.06 -16.90
CA PHE D 220 35.86 27.87 -16.91
C PHE D 220 35.16 28.58 -18.06
N ASP D 221 35.94 29.11 -18.99
CA ASP D 221 35.38 30.00 -19.96
C ASP D 221 34.31 29.38 -20.85
N LYS D 222 34.40 28.07 -21.11
CA LYS D 222 33.46 27.40 -22.01
C LYS D 222 32.21 26.84 -21.32
N LEU D 223 32.12 26.92 -19.99
CA LEU D 223 31.04 26.28 -19.26
C LEU D 223 29.85 27.21 -19.10
N THR D 224 29.34 27.69 -20.24
CA THR D 224 28.30 28.72 -20.21
C THR D 224 27.01 28.24 -19.58
N ASN D 225 26.81 26.92 -19.49
CA ASN D 225 25.61 26.35 -18.89
C ASN D 225 25.84 25.94 -17.40
N LEU D 226 27.03 26.23 -16.88
CA LEU D 226 27.33 25.78 -15.54
C LEU D 226 26.36 26.43 -14.57
N GLU D 227 25.85 25.66 -13.61
CA GLU D 227 24.90 26.21 -12.64
C GLU D 227 25.45 26.16 -11.20
N LYS D 228 26.35 25.22 -10.94
CA LYS D 228 26.99 25.10 -9.63
C LYS D 228 28.47 24.76 -9.80
N LEU D 229 29.31 25.52 -9.11
CA LEU D 229 30.75 25.32 -9.08
C LEU D 229 31.20 25.27 -7.62
N ASP D 230 31.74 24.13 -7.22
CA ASP D 230 32.21 23.99 -5.86
C ASP D 230 33.73 23.92 -5.79
N LEU D 231 34.33 24.97 -5.23
CA LEU D 231 35.78 25.06 -5.07
C LEU D 231 36.18 25.06 -3.58
N THR D 232 35.22 24.75 -2.72
CA THR D 232 35.50 24.73 -1.27
C THR D 232 36.77 23.96 -0.88
N GLY D 233 37.54 24.54 0.05
CA GLY D 233 38.53 23.74 0.77
C GLY D 233 39.74 23.38 -0.05
N ASN D 234 39.96 24.09 -1.14
CA ASN D 234 41.23 23.98 -1.84
C ASN D 234 42.23 24.93 -1.18
N GLN D 235 43.34 25.21 -1.87
CA GLN D 235 44.40 26.04 -1.35
C GLN D 235 44.65 27.28 -2.19
N LEU D 236 43.57 27.84 -2.71
CA LEU D 236 43.63 29.01 -3.57
C LEU D 236 44.05 30.26 -2.80
N GLN D 237 45.08 30.93 -3.29
CA GLN D 237 45.55 32.18 -2.68
C GLN D 237 45.12 33.42 -3.43
N SER D 238 44.60 33.20 -4.62
CA SER D 238 44.18 34.31 -5.45
C SER D 238 43.35 33.74 -6.56
N LEU D 239 42.55 34.59 -7.19
CA LEU D 239 41.78 34.19 -8.36
C LEU D 239 42.23 35.08 -9.53
N PRO D 240 42.43 34.48 -10.72
CA PRO D 240 42.74 35.29 -11.88
C PRO D 240 41.55 36.19 -12.25
N ASN D 241 41.81 37.35 -12.87
CA ASN D 241 40.76 38.27 -13.24
C ASN D 241 39.88 37.66 -14.31
N GLY D 242 38.58 37.87 -14.18
CA GLY D 242 37.58 37.38 -15.11
C GLY D 242 37.32 35.87 -15.11
N VAL D 243 37.71 35.18 -14.05
CA VAL D 243 37.69 33.73 -14.09
C VAL D 243 36.28 33.19 -14.17
N PHE D 244 35.33 33.94 -13.63
CA PHE D 244 33.93 33.54 -13.63
C PHE D 244 33.12 34.36 -14.62
N ASP D 245 33.80 35.13 -15.47
CA ASP D 245 33.10 36.09 -16.30
C ASP D 245 32.06 35.41 -17.23
N LYS D 246 32.37 34.22 -17.74
CA LYS D 246 31.49 33.55 -18.71
C LYS D 246 30.38 32.71 -18.08
N LEU D 247 30.39 32.59 -16.74
CA LEU D 247 29.42 31.71 -16.07
C LEU D 247 28.15 32.48 -15.76
N THR D 248 27.47 32.84 -16.85
CA THR D 248 26.36 33.75 -16.77
C THR D 248 25.10 33.06 -16.23
N ASN D 249 25.13 31.74 -16.12
CA ASN D 249 23.99 30.98 -15.61
C ASN D 249 24.31 30.37 -14.23
N LEU D 250 25.45 30.74 -13.67
CA LEU D 250 25.86 30.09 -12.43
C LEU D 250 24.89 30.56 -11.35
N LYS D 251 24.42 29.64 -10.53
CA LYS D 251 23.52 29.99 -9.47
C LYS D 251 24.25 29.80 -8.13
N ILE D 252 25.23 28.88 -8.11
CA ILE D 252 25.93 28.55 -6.86
C ILE D 252 27.44 28.54 -7.06
N LEU D 253 28.13 29.36 -6.28
CA LEU D 253 29.59 29.42 -6.35
C LEU D 253 30.16 29.35 -4.91
N LEU D 254 30.90 28.29 -4.58
CA LEU D 254 31.40 28.08 -3.21
C LEU D 254 32.91 28.18 -3.21
N LEU D 255 33.41 29.16 -2.47
CA LEU D 255 34.85 29.42 -2.37
C LEU D 255 35.27 29.36 -0.90
N ASP D 256 34.47 28.74 -0.06
CA ASP D 256 34.79 28.66 1.36
C ASP D 256 36.10 27.92 1.58
N ASN D 257 36.78 28.27 2.66
CA ASN D 257 37.96 27.54 3.11
C ASN D 257 39.11 27.41 2.13
N ASN D 258 39.33 28.42 1.32
CA ASN D 258 40.57 28.51 0.59
C ASN D 258 41.52 29.39 1.42
N GLN D 259 42.50 30.03 0.81
CA GLN D 259 43.46 30.87 1.52
C GLN D 259 43.45 32.28 0.91
N LEU D 260 42.28 32.75 0.55
CA LEU D 260 42.12 34.05 -0.10
C LEU D 260 42.21 35.23 0.89
N GLN D 261 42.92 36.27 0.50
CA GLN D 261 43.03 37.47 1.31
C GLN D 261 42.17 38.64 0.78
N SER D 262 41.91 38.63 -0.52
CA SER D 262 41.19 39.70 -1.19
C SER D 262 40.67 39.14 -2.48
N LEU D 263 39.73 39.84 -3.11
CA LEU D 263 39.19 39.38 -4.40
C LEU D 263 39.45 40.50 -5.42
N PRO D 264 39.72 40.13 -6.68
CA PRO D 264 39.86 41.15 -7.73
C PRO D 264 38.60 41.95 -7.83
N ASN D 265 38.72 43.23 -8.10
CA ASN D 265 37.54 44.07 -8.23
C ASN D 265 36.68 43.62 -9.43
N GLY D 266 35.38 43.48 -9.18
CA GLY D 266 34.41 43.11 -10.20
C GLY D 266 34.36 41.66 -10.61
N VAL D 267 34.85 40.77 -9.75
CA VAL D 267 34.93 39.36 -10.10
C VAL D 267 33.57 38.68 -10.17
N PHE D 268 32.61 39.25 -9.45
CA PHE D 268 31.26 38.69 -9.42
C PHE D 268 30.31 39.48 -10.31
N ASP D 269 30.84 40.49 -11.02
CA ASP D 269 29.97 41.45 -11.69
C ASP D 269 29.09 40.81 -12.77
N LYS D 270 29.55 39.72 -13.38
CA LYS D 270 28.81 39.08 -14.50
C LYS D 270 27.95 37.89 -14.08
N LEU D 271 27.90 37.59 -12.79
CA LEU D 271 27.13 36.42 -12.34
C LEU D 271 25.67 36.84 -12.11
N LYS D 272 25.00 37.15 -13.23
CA LYS D 272 23.61 37.59 -13.26
C LYS D 272 22.66 36.61 -12.54
N SER D 273 22.98 35.33 -12.61
CA SER D 273 22.12 34.27 -12.07
C SER D 273 22.45 33.85 -10.63
N LEU D 274 23.44 34.48 -10.00
CA LEU D 274 23.92 33.97 -8.73
C LEU D 274 22.89 34.08 -7.58
N THR D 275 22.67 33.00 -6.82
CA THR D 275 21.74 33.06 -5.68
C THR D 275 22.39 32.60 -4.38
N THR D 276 23.49 31.88 -4.48
CA THR D 276 24.24 31.50 -3.29
C THR D 276 25.72 31.63 -3.58
N VAL D 277 26.42 32.19 -2.62
CA VAL D 277 27.85 32.33 -2.65
C VAL D 277 28.36 31.79 -1.32
N GLY D 278 29.61 31.34 -1.30
CA GLY D 278 30.25 30.81 -0.10
C GLY D 278 31.65 31.40 0.00
N LEU D 279 31.90 32.09 1.10
CA LEU D 279 33.19 32.76 1.30
C LEU D 279 33.74 32.67 2.72
N SER D 280 33.36 31.66 3.52
CA SER D 280 33.87 31.56 4.87
C SER D 280 35.35 31.55 4.73
N GLY D 281 36.07 32.05 5.75
CA GLY D 281 37.54 32.24 5.69
C GLY D 281 38.25 30.95 5.39
N ASN D 282 39.36 30.96 4.63
CA ASN D 282 40.03 32.19 4.10
C ASN D 282 40.45 32.95 5.45
N LEU D 283 41.05 34.14 5.68
CA LEU D 283 42.27 34.90 5.27
C LEU D 283 41.89 36.33 4.83
N TRP D 284 40.63 36.71 4.94
CA TRP D 284 40.20 38.01 4.46
C TRP D 284 40.97 39.11 5.17
N GLU D 285 41.47 40.05 4.39
CA GLU D 285 42.17 41.18 4.92
C GLU D 285 41.20 42.34 5.08
N CYS D 286 40.93 42.74 6.32
CA CYS D 286 40.03 43.85 6.55
C CYS D 286 40.72 45.20 6.61
N SER D 287 40.99 45.70 5.41
CA SER D 287 41.56 47.01 5.18
C SER D 287 40.74 47.65 4.08
N PRO D 288 41.21 48.78 3.55
CA PRO D 288 40.37 49.31 2.48
C PRO D 288 40.41 48.41 1.24
N ARG D 289 41.24 47.37 1.21
CA ARG D 289 41.22 46.40 0.11
C ARG D 289 39.86 45.66 0.03
N VAL D 290 39.19 45.43 1.17
CA VAL D 290 37.90 44.70 1.13
C VAL D 290 36.69 45.52 0.77
N CYS D 291 36.84 46.82 0.57
CA CYS D 291 35.66 47.67 0.47
C CYS D 291 34.78 47.28 -0.71
N ALA D 292 35.36 46.92 -1.84
CA ALA D 292 34.55 46.49 -2.99
C ALA D 292 33.74 45.24 -2.67
N LEU D 293 34.37 44.29 -1.99
CA LEU D 293 33.67 43.06 -1.66
C LEU D 293 32.58 43.34 -0.69
N ALA D 294 32.85 44.19 0.31
CA ALA D 294 31.87 44.48 1.36
C ALA D 294 30.65 45.17 0.77
N SER D 295 30.87 46.06 -0.21
CA SER D 295 29.76 46.76 -0.84
C SER D 295 28.92 45.81 -1.69
N TRP D 296 29.59 44.94 -2.44
CA TRP D 296 28.91 43.94 -3.23
C TRP D 296 28.08 43.05 -2.32
N LEU D 297 28.67 42.62 -1.20
CA LEU D 297 27.96 41.73 -0.27
C LEU D 297 26.70 42.40 0.26
N GLY D 298 26.79 43.67 0.64
CA GLY D 298 25.64 44.37 1.19
C GLY D 298 24.45 44.48 0.23
N SER D 299 24.72 44.58 -1.08
CA SER D 299 23.65 44.72 -2.08
C SER D 299 23.39 43.41 -2.83
N PHE D 300 23.91 42.29 -2.34
CA PHE D 300 23.74 41.02 -3.03
C PHE D 300 22.36 40.48 -2.73
N GLN D 301 21.63 40.24 -3.83
CA GLN D 301 20.23 39.82 -3.79
C GLN D 301 20.08 38.33 -3.45
N GLY D 302 21.15 37.70 -2.96
CA GLY D 302 21.12 36.27 -2.63
C GLY D 302 21.53 35.98 -1.19
N ARG D 303 22.07 34.78 -0.95
CA ARG D 303 22.41 34.36 0.40
C ARG D 303 23.78 33.69 0.46
N TRP D 304 24.31 33.58 1.67
CA TRP D 304 25.51 32.79 1.95
C TRP D 304 25.29 32.06 3.28
N GLU D 305 25.75 30.80 3.39
CA GLU D 305 25.32 29.96 4.50
C GLU D 305 26.16 30.13 5.78
N HIS D 306 27.39 30.65 5.69
CA HIS D 306 28.26 30.77 6.86
C HIS D 306 28.86 32.18 6.92
N SER D 307 29.13 32.67 8.14
CA SER D 307 29.54 34.06 8.33
C SER D 307 30.90 34.31 7.68
N ILE D 308 31.04 35.49 7.08
CA ILE D 308 32.25 35.90 6.40
C ILE D 308 33.01 36.90 7.26
N LEU D 309 34.18 36.46 7.74
CA LEU D 309 34.93 37.15 8.81
C LEU D 309 36.27 37.76 8.42
N CYS D 310 36.66 38.79 9.16
CA CYS D 310 37.96 39.40 9.02
C CYS D 310 39.00 38.44 9.59
N HIS D 311 40.11 38.30 8.88
CA HIS D 311 41.22 37.50 9.38
C HIS D 311 42.38 38.43 9.84
N SER D 312 42.54 39.56 9.13
CA SER D 312 43.59 40.55 9.45
C SER D 312 43.08 41.96 9.23
N PRO D 313 43.63 42.94 9.96
CA PRO D 313 44.71 42.82 10.97
C PRO D 313 44.20 42.25 12.32
N ASP D 314 45.11 42.08 13.30
CA ASP D 314 44.81 41.40 14.56
C ASP D 314 43.59 41.95 15.33
N HIS D 315 43.39 43.26 15.32
CA HIS D 315 42.31 43.93 16.06
C HIS D 315 40.95 43.83 15.37
N THR D 316 40.90 43.16 14.23
CA THR D 316 39.64 43.01 13.52
C THR D 316 39.32 41.54 13.35
N GLN D 317 40.24 40.67 13.74
CA GLN D 317 40.05 39.24 13.54
C GLN D 317 38.74 38.79 14.21
N GLY D 318 37.79 38.29 13.42
CA GLY D 318 36.54 37.79 13.96
C GLY D 318 35.30 38.61 13.69
N GLU D 319 35.46 39.91 13.38
CA GLU D 319 34.28 40.76 13.15
C GLU D 319 33.73 40.47 11.73
N ASP D 320 32.41 40.56 11.58
CA ASP D 320 31.81 40.44 10.27
C ASP D 320 32.30 41.57 9.38
N ILE D 321 32.68 41.20 8.18
CA ILE D 321 33.22 42.16 7.19
C ILE D 321 32.28 43.38 7.05
N LEU D 322 30.97 43.11 6.95
CA LEU D 322 29.96 44.15 6.73
C LEU D 322 29.85 45.12 7.95
N ASP D 323 30.21 44.62 9.13
CA ASP D 323 30.21 45.44 10.35
C ASP D 323 31.50 46.29 10.43
N ALA D 324 32.59 45.66 10.04
CA ALA D 324 33.92 46.25 10.07
C ALA D 324 34.08 47.49 9.22
N VAL D 325 33.44 47.53 8.04
CA VAL D 325 33.58 48.69 7.16
C VAL D 325 33.07 49.93 7.92
N HIS D 326 31.97 49.76 8.67
CA HIS D 326 31.43 50.86 9.48
C HIS D 326 32.19 51.00 10.82
N GLY D 327 32.46 49.88 11.46
CA GLY D 327 33.15 49.86 12.75
C GLY D 327 34.58 50.40 12.81
N PHE D 328 35.37 50.19 11.75
CA PHE D 328 36.75 50.69 11.73
C PHE D 328 36.88 51.77 10.65
N GLN D 329 35.72 52.31 10.27
CA GLN D 329 35.59 53.35 9.25
C GLN D 329 36.57 53.19 8.10
N LEU D 330 36.35 52.11 7.37
CA LEU D 330 37.14 51.74 6.19
C LEU D 330 36.34 52.31 5.01
N CYS D 331 36.94 52.66 3.89
CA CYS D 331 36.09 53.18 2.81
C CYS D 331 35.70 54.66 3.02
#